data_9UOP
#
_entry.id   9UOP
#
_cell.length_a   112.260
_cell.length_b   127.530
_cell.length_c   111.199
_cell.angle_alpha   90.00
_cell.angle_beta   90.00
_cell.angle_gamma   90.00
#
_symmetry.space_group_name_H-M   'P 21 21 2'
#
loop_
_entity.id
_entity.type
_entity.pdbx_description
1 polymer '3C-like protease'
2 non-polymer (2~{S})-2-[[(2~{S})-3,3-dimethyl-2-[2,2,2-tris(fluoranyl)ethanoylamino]butanoyl]amino]-4-methyl-~{N}-[(2~{S})-1-oxidanylidene-3-[(3~{S})-2-oxidanylidenepyrrolidin-3-yl]propan-2-yl]pentanamide
3 water water
#
_entity_poly.entity_id   1
_entity_poly.type   'polypeptide(L)'
_entity_poly.pdbx_seq_one_letter_code
;SGLRKMAQPSGLVEPCIVRVSYGNNVLNGLWLGDEVICPRHVIASDTTRVINYENEMSSVRLHNFSVSKNNVFLGVVSAK
YKGVNLVLKVNQVNPNTPEHKFKSIKAGESFNILACYEGCPGSVYGVNMRSQGTIKGSFIAGTCGSVGYVSENATLYFVY
MHHLELGNGSHVGSNLEGEMYGGYEDQPSMQLEGTNVMSSDNVVAFLYAALINGERWFVTNTSMSLESYNTWAKTNSFTE
LSSTDAFSMLAAKTGQSVEKLLDSIVRLNKGFGGRTILSYGSLCDEFTPTEVIRQMYGVNLQ
;
_entity_poly.pdbx_strand_id   A,B,C,D
#
loop_
_chem_comp.id
_chem_comp.type
_chem_comp.name
_chem_comp.formula
A1EPZ peptide-like (2~{S})-2-[[(2~{S})-3,3-dimethyl-2-[2,2,2-tris(fluoranyl)ethanoylamino]butanoyl]amino]-4-methyl-~{N}-[(2~{S})-1-oxidanylidene-3-[(3~{S})-2-oxidanylidenepyrrolidin-3-yl]propan-2-yl]pentanamide 'C21 H33 F3 N4 O5'
#
# COMPACT_ATOMS: atom_id res chain seq x y z
N SER A 1 -9.10 -0.62 12.63
CA SER A 1 -9.86 -1.66 11.91
C SER A 1 -8.99 -2.49 10.94
N GLY A 2 -9.64 -3.38 10.18
CA GLY A 2 -9.04 -4.26 9.21
C GLY A 2 -9.15 -5.70 9.70
N LEU A 3 -9.07 -6.63 8.77
CA LEU A 3 -8.93 -8.05 9.11
C LEU A 3 -7.92 -8.67 8.16
N ARG A 4 -6.86 -9.27 8.73
CA ARG A 4 -5.86 -9.96 7.93
C ARG A 4 -5.55 -11.25 8.64
N LYS A 5 -5.30 -12.30 7.88
CA LYS A 5 -4.84 -13.53 8.50
C LYS A 5 -3.39 -13.36 8.96
N MET A 6 -3.16 -13.52 10.25
CA MET A 6 -1.91 -13.20 10.97
C MET A 6 -1.09 -14.44 11.20
N ALA A 7 0.23 -14.25 11.32
CA ALA A 7 1.10 -15.23 11.96
C ALA A 7 1.64 -14.66 13.26
N GLN A 8 1.81 -15.52 14.26
CA GLN A 8 2.50 -15.12 15.48
C GLN A 8 3.99 -15.01 15.17
N PRO A 9 4.72 -14.11 15.85
CA PRO A 9 6.11 -13.86 15.45
C PRO A 9 6.97 -15.11 15.53
N SER A 10 7.96 -15.17 14.64
CA SER A 10 8.70 -16.42 14.36
C SER A 10 10.07 -16.51 15.07
N GLY A 11 10.46 -15.51 15.87
CA GLY A 11 11.84 -15.41 16.36
C GLY A 11 12.34 -16.62 17.14
N LEU A 12 11.47 -17.27 17.92
CA LEU A 12 11.96 -18.41 18.70
C LEU A 12 12.16 -19.65 17.84
N VAL A 13 11.47 -19.74 16.70
CA VAL A 13 11.48 -20.93 15.86
C VAL A 13 12.59 -20.89 14.83
N GLU A 14 12.85 -19.70 14.30
CA GLU A 14 13.86 -19.54 13.25
C GLU A 14 15.20 -20.21 13.57
N PRO A 15 15.79 -20.09 14.77
CA PRO A 15 17.12 -20.70 15.02
C PRO A 15 17.10 -22.20 15.06
N CYS A 16 15.94 -22.80 14.95
CA CYS A 16 15.79 -24.25 15.03
C CYS A 16 15.71 -24.91 13.68
N ILE A 17 15.67 -24.15 12.60
CA ILE A 17 15.53 -24.73 11.27
C ILE A 17 16.91 -25.15 10.76
N VAL A 18 17.02 -26.38 10.27
CA VAL A 18 18.24 -26.88 9.63
C VAL A 18 17.91 -27.41 8.24
N ARG A 19 18.94 -27.46 7.40
CA ARG A 19 18.88 -28.11 6.09
C ARG A 19 19.29 -29.59 6.24
N VAL A 20 18.46 -30.51 5.69
CA VAL A 20 18.76 -31.94 5.73
C VAL A 20 18.73 -32.46 4.31
N SER A 21 19.80 -33.11 3.90
CA SER A 21 19.78 -33.68 2.58
C SER A 21 20.31 -35.09 2.64
N TYR A 22 19.87 -35.88 1.67
CA TYR A 22 20.24 -37.30 1.55
C TYR A 22 20.10 -37.63 0.06
N GLY A 23 21.17 -38.13 -0.54
CA GLY A 23 21.10 -38.37 -1.98
C GLY A 23 20.84 -37.04 -2.66
N ASN A 24 19.87 -37.00 -3.57
CA ASN A 24 19.48 -35.79 -4.29
C ASN A 24 18.28 -35.10 -3.63
N ASN A 25 17.85 -35.58 -2.46
CA ASN A 25 16.67 -35.00 -1.81
C ASN A 25 17.12 -33.95 -0.81
N VAL A 26 16.42 -32.81 -0.77
CA VAL A 26 16.73 -31.78 0.21
C VAL A 26 15.45 -31.31 0.85
N LEU A 27 15.46 -31.19 2.18
CA LEU A 27 14.32 -30.60 2.88
C LEU A 27 14.83 -29.99 4.18
N ASN A 28 13.90 -29.71 5.10
CA ASN A 28 14.18 -28.97 6.32
C ASN A 28 13.99 -29.88 7.52
N GLY A 29 14.66 -29.54 8.61
CA GLY A 29 14.46 -30.25 9.85
C GLY A 29 14.39 -29.29 11.01
N LEU A 30 13.97 -29.82 12.15
CA LEU A 30 13.76 -29.09 13.37
C LEU A 30 14.79 -29.59 14.38
N TRP A 31 15.70 -28.71 14.73
CA TRP A 31 16.85 -29.00 15.58
C TRP A 31 16.56 -28.50 16.99
N LEU A 32 16.38 -29.44 17.92
CA LEU A 32 16.07 -29.15 19.32
C LEU A 32 16.98 -30.01 20.15
N GLY A 33 17.68 -29.40 21.09
CA GLY A 33 18.64 -30.25 21.83
C GLY A 33 19.63 -30.83 20.85
N ASP A 34 20.01 -32.10 21.04
CA ASP A 34 20.90 -32.74 20.09
C ASP A 34 20.16 -33.60 19.08
N GLU A 35 18.86 -33.27 18.78
CA GLU A 35 18.06 -34.09 17.88
C GLU A 35 17.57 -33.23 16.74
N VAL A 36 17.52 -33.80 15.53
CA VAL A 36 16.88 -33.21 14.37
C VAL A 36 15.73 -34.10 13.91
N ILE A 37 14.50 -33.53 13.84
CA ILE A 37 13.35 -34.28 13.33
C ILE A 37 13.10 -33.76 11.91
N CYS A 38 12.91 -34.65 10.94
CA CYS A 38 12.60 -34.27 9.57
C CYS A 38 11.74 -35.36 8.95
N PRO A 39 11.07 -35.09 7.81
CA PRO A 39 10.28 -36.14 7.17
C PRO A 39 11.17 -37.29 6.69
N ARG A 40 10.70 -38.53 6.94
CA ARG A 40 11.54 -39.70 6.63
C ARG A 40 11.73 -39.89 5.13
N HIS A 41 10.90 -39.29 4.27
CA HIS A 41 11.08 -39.51 2.84
C HIS A 41 12.33 -38.84 2.29
N VAL A 42 13.08 -38.07 3.10
CA VAL A 42 14.36 -37.56 2.59
C VAL A 42 15.31 -38.73 2.21
N ILE A 43 15.14 -39.92 2.81
CA ILE A 43 16.07 -41.02 2.46
C ILE A 43 15.56 -41.88 1.32
N ALA A 44 14.41 -41.57 0.73
CA ALA A 44 13.84 -42.43 -0.30
C ALA A 44 14.57 -42.26 -1.63
N SER A 45 14.93 -43.40 -2.25
CA SER A 45 15.67 -43.32 -3.52
C SER A 45 14.85 -42.62 -4.60
N ASP A 46 13.53 -42.80 -4.59
CA ASP A 46 12.70 -42.17 -5.61
C ASP A 46 11.35 -41.84 -4.98
N THR A 47 11.16 -40.55 -4.65
CA THR A 47 9.92 -40.14 -4.00
C THR A 47 8.74 -40.15 -4.96
N THR A 48 8.96 -40.30 -6.28
CA THR A 48 7.84 -40.29 -7.21
C THR A 48 7.23 -41.65 -7.43
N ARG A 49 7.75 -42.69 -6.80
CA ARG A 49 7.19 -44.01 -6.94
C ARG A 49 7.03 -44.58 -5.55
N VAL A 50 6.18 -45.60 -5.43
CA VAL A 50 5.85 -46.14 -4.11
C VAL A 50 7.13 -46.54 -3.41
N ILE A 51 7.21 -46.21 -2.11
CA ILE A 51 8.45 -46.34 -1.34
C ILE A 51 8.31 -47.49 -0.35
N ASN A 52 9.34 -48.35 -0.28
CA ASN A 52 9.39 -49.36 0.73
C ASN A 52 10.29 -48.78 1.81
N TYR A 53 9.68 -48.22 2.87
CA TYR A 53 10.47 -47.59 3.91
C TYR A 53 11.31 -48.59 4.71
N GLU A 54 10.91 -49.86 4.80
CA GLU A 54 11.81 -50.86 5.42
C GLU A 54 13.09 -51.03 4.60
N ASN A 55 12.98 -51.10 3.28
CA ASN A 55 14.18 -51.24 2.46
C ASN A 55 15.03 -49.97 2.51
N GLU A 56 14.40 -48.79 2.55
CA GLU A 56 15.20 -47.57 2.59
C GLU A 56 15.96 -47.52 3.90
N MET A 57 15.33 -47.96 4.98
CA MET A 57 16.02 -47.93 6.24
C MET A 57 17.15 -48.97 6.24
N SER A 58 16.90 -50.14 5.65
CA SER A 58 17.92 -51.20 5.59
C SER A 58 19.17 -50.72 4.89
N SER A 59 19.00 -49.90 3.85
CA SER A 59 20.15 -49.46 3.05
C SER A 59 20.73 -48.10 3.47
N VAL A 60 20.20 -47.48 4.53
CA VAL A 60 20.63 -46.13 4.89
C VAL A 60 22.08 -46.16 5.42
N ARG A 61 22.83 -45.07 5.17
CA ARG A 61 24.13 -44.90 5.80
C ARG A 61 24.19 -43.52 6.43
N LEU A 62 24.61 -43.45 7.69
CA LEU A 62 24.61 -42.17 8.38
C LEU A 62 25.48 -41.16 7.64
N HIS A 63 26.58 -41.62 7.04
CA HIS A 63 27.47 -40.65 6.38
C HIS A 63 26.85 -40.07 5.10
N ASN A 64 25.68 -40.56 4.67
CA ASN A 64 25.01 -40.02 3.50
C ASN A 64 24.10 -38.84 3.83
N PHE A 65 23.84 -38.57 5.11
CA PHE A 65 23.10 -37.37 5.51
C PHE A 65 24.01 -36.15 5.48
N SER A 66 23.43 -35.02 5.12
CA SER A 66 24.06 -33.75 5.38
C SER A 66 23.09 -32.91 6.20
N VAL A 67 23.52 -32.46 7.36
CA VAL A 67 22.69 -31.61 8.23
C VAL A 67 23.45 -30.33 8.49
N SER A 68 22.77 -29.19 8.37
CA SER A 68 23.50 -27.92 8.50
C SER A 68 22.57 -26.78 8.91
N LYS A 69 23.13 -25.84 9.69
CA LYS A 69 22.47 -24.57 10.03
C LYS A 69 23.35 -23.47 9.46
N ASN A 70 22.81 -22.70 8.51
CA ASN A 70 23.52 -21.57 7.90
C ASN A 70 24.93 -21.94 7.46
N ASN A 71 25.02 -23.01 6.68
CA ASN A 71 26.29 -23.42 6.08
C ASN A 71 27.34 -23.84 7.09
N VAL A 72 26.92 -24.28 8.29
CA VAL A 72 27.82 -24.98 9.23
C VAL A 72 27.24 -26.36 9.45
N PHE A 73 28.03 -27.40 9.22
CA PHE A 73 27.49 -28.74 9.11
C PHE A 73 27.72 -29.54 10.39
N LEU A 74 26.75 -30.43 10.69
CA LEU A 74 26.71 -31.22 11.91
C LEU A 74 26.94 -32.70 11.63
N GLY A 75 27.59 -33.37 12.57
CA GLY A 75 27.82 -34.83 12.44
C GLY A 75 26.57 -35.56 12.91
N VAL A 76 26.12 -36.52 12.10
CA VAL A 76 24.95 -37.37 12.39
C VAL A 76 25.42 -38.68 13.04
N VAL A 77 24.96 -38.98 14.25
CA VAL A 77 25.48 -40.16 14.97
C VAL A 77 24.42 -41.22 15.21
N SER A 78 23.15 -40.94 14.91
CA SER A 78 22.09 -41.94 15.03
C SER A 78 20.95 -41.50 14.11
N ALA A 79 20.23 -42.48 13.54
CA ALA A 79 19.02 -42.21 12.77
C ALA A 79 17.96 -43.24 13.12
N LYS A 80 16.73 -42.79 13.38
CA LYS A 80 15.62 -43.70 13.69
C LYS A 80 14.38 -43.17 12.98
N TYR A 81 13.49 -44.06 12.55
CA TYR A 81 12.11 -43.64 12.28
C TYR A 81 11.35 -43.46 13.58
N LYS A 82 10.45 -42.45 13.60
CA LYS A 82 9.41 -42.37 14.61
C LYS A 82 8.15 -42.02 13.83
N GLY A 83 7.36 -43.05 13.51
CA GLY A 83 6.22 -42.82 12.61
C GLY A 83 6.73 -42.44 11.23
N VAL A 84 6.21 -41.32 10.69
CA VAL A 84 6.61 -40.87 9.34
C VAL A 84 7.76 -39.88 9.39
N ASN A 85 8.34 -39.61 10.56
CA ASN A 85 9.53 -38.77 10.64
C ASN A 85 10.82 -39.56 10.86
N LEU A 86 11.96 -39.00 10.42
CA LEU A 86 13.27 -39.42 10.93
C LEU A 86 13.61 -38.60 12.18
N VAL A 87 14.19 -39.26 13.18
CA VAL A 87 14.77 -38.55 14.29
C VAL A 87 16.29 -38.78 14.22
N LEU A 88 17.04 -37.73 14.00
CA LEU A 88 18.50 -37.82 13.88
C LEU A 88 19.15 -37.29 15.15
N LYS A 89 20.13 -38.04 15.68
CA LYS A 89 20.93 -37.47 16.75
C LYS A 89 22.18 -36.86 16.12
N VAL A 90 22.48 -35.61 16.48
CA VAL A 90 23.64 -34.92 15.91
C VAL A 90 24.64 -34.65 17.03
N ASN A 91 25.84 -34.23 16.61
CA ASN A 91 26.92 -34.13 17.58
C ASN A 91 27.01 -32.76 18.23
N GLN A 92 25.96 -31.97 18.19
CA GLN A 92 25.96 -30.69 18.88
C GLN A 92 24.54 -30.37 19.35
N VAL A 93 24.43 -29.85 20.57
CA VAL A 93 23.16 -29.35 21.10
C VAL A 93 22.87 -28.00 20.46
N ASN A 94 21.63 -27.78 20.05
CA ASN A 94 21.28 -26.45 19.54
C ASN A 94 21.33 -25.44 20.69
N PRO A 95 22.25 -24.48 20.68
CA PRO A 95 22.35 -23.54 21.79
C PRO A 95 21.22 -22.57 21.82
N ASN A 96 20.40 -22.55 20.77
CA ASN A 96 19.22 -21.69 20.72
C ASN A 96 17.91 -22.46 20.82
N THR A 97 17.92 -23.61 21.48
CA THR A 97 16.70 -24.39 21.68
C THR A 97 15.75 -23.66 22.62
N PRO A 98 14.56 -23.25 22.17
CA PRO A 98 13.62 -22.63 23.09
C PRO A 98 12.94 -23.65 23.98
N GLU A 99 12.53 -23.20 25.15
CA GLU A 99 11.59 -24.00 25.94
C GLU A 99 10.35 -24.26 25.11
N HIS A 100 9.88 -25.51 25.08
CA HIS A 100 8.80 -25.86 24.14
C HIS A 100 8.11 -27.12 24.59
N LYS A 101 6.94 -27.36 23.99
CA LYS A 101 6.19 -28.61 24.10
C LYS A 101 5.75 -29.02 22.68
N PHE A 102 5.26 -30.24 22.58
CA PHE A 102 4.64 -30.78 21.36
C PHE A 102 3.15 -30.94 21.66
N LYS A 103 2.32 -30.61 20.69
CA LYS A 103 0.87 -30.78 20.81
C LYS A 103 0.35 -31.04 19.41
N SER A 104 -0.84 -31.66 19.31
CA SER A 104 -1.49 -31.86 18.04
C SER A 104 -2.64 -30.86 17.88
N ILE A 105 -2.80 -30.34 16.67
CA ILE A 105 -3.84 -29.39 16.30
C ILE A 105 -5.12 -30.14 15.94
N LYS A 106 -6.29 -29.59 16.31
CA LYS A 106 -7.57 -30.15 15.92
C LYS A 106 -8.25 -29.32 14.84
N ALA A 107 -9.26 -29.94 14.22
CA ALA A 107 -10.00 -29.28 13.16
C ALA A 107 -10.53 -27.94 13.67
N GLY A 108 -10.44 -26.94 12.81
CA GLY A 108 -10.86 -25.56 13.10
C GLY A 108 -9.90 -24.72 13.91
N GLU A 109 -8.73 -25.24 14.30
CA GLU A 109 -7.80 -24.47 15.11
C GLU A 109 -6.77 -23.81 14.21
N SER A 110 -6.31 -22.64 14.64
CA SER A 110 -5.34 -21.88 13.86
C SER A 110 -3.92 -22.16 14.35
N PHE A 111 -2.97 -22.12 13.43
CA PHE A 111 -1.58 -22.14 13.85
C PHE A 111 -0.73 -21.43 12.80
N ASN A 112 0.59 -21.40 13.04
CA ASN A 112 1.53 -20.67 12.21
C ASN A 112 2.43 -21.61 11.43
N ILE A 113 2.69 -21.32 10.16
CA ILE A 113 3.69 -22.02 9.33
C ILE A 113 4.92 -21.14 9.18
N LEU A 114 6.11 -21.69 9.49
CA LEU A 114 7.39 -21.08 9.10
C LEU A 114 7.80 -21.86 7.86
N ALA A 115 7.59 -21.28 6.69
CA ALA A 115 7.91 -21.99 5.46
C ALA A 115 9.38 -21.81 5.15
N CYS A 116 10.08 -22.92 4.92
CA CYS A 116 11.52 -22.89 4.79
C CYS A 116 11.88 -23.52 3.48
N TYR A 117 12.96 -23.02 2.89
CA TYR A 117 13.42 -23.54 1.63
C TYR A 117 14.85 -24.00 1.85
N GLU A 118 15.05 -25.31 1.80
CA GLU A 118 16.38 -25.92 1.86
C GLU A 118 17.19 -25.40 3.05
N GLY A 119 16.54 -25.36 4.20
CA GLY A 119 17.17 -25.00 5.46
C GLY A 119 17.06 -23.52 5.84
N CYS A 120 16.55 -22.68 4.96
CA CYS A 120 16.50 -21.23 5.23
C CYS A 120 15.06 -20.83 5.52
N PRO A 121 14.71 -20.30 6.69
CA PRO A 121 13.34 -19.76 6.89
C PRO A 121 13.09 -18.65 5.86
N GLY A 122 11.96 -18.79 5.17
CA GLY A 122 11.68 -17.93 4.04
C GLY A 122 10.50 -17.05 4.37
N SER A 123 9.46 -17.62 5.01
CA SER A 123 8.28 -16.79 5.19
C SER A 123 7.41 -17.42 6.29
N VAL A 124 6.50 -16.60 6.83
CA VAL A 124 5.67 -17.01 7.95
C VAL A 124 4.25 -16.59 7.65
N TYR A 125 3.32 -17.53 7.90
CA TYR A 125 1.91 -17.18 7.63
C TYR A 125 1.01 -18.07 8.45
N GLY A 126 -0.23 -17.61 8.68
CA GLY A 126 -1.22 -18.35 9.46
C GLY A 126 -2.09 -19.25 8.60
N VAL A 127 -2.48 -20.39 9.19
CA VAL A 127 -3.35 -21.37 8.55
C VAL A 127 -4.39 -21.83 9.57
N ASN A 128 -5.31 -22.70 9.15
CA ASN A 128 -6.35 -23.22 10.01
C ASN A 128 -6.59 -24.66 9.56
N MET A 129 -6.62 -25.60 10.51
CA MET A 129 -6.73 -27.03 10.17
C MET A 129 -8.15 -27.31 9.67
N ARG A 130 -8.26 -28.02 8.54
CA ARG A 130 -9.54 -28.42 7.97
C ARG A 130 -10.03 -29.72 8.62
N SER A 131 -11.33 -29.99 8.42
CA SER A 131 -11.99 -31.13 9.06
C SER A 131 -11.25 -32.46 8.79
N GLN A 132 -10.72 -32.62 7.58
CA GLN A 132 -10.10 -33.88 7.11
C GLN A 132 -8.59 -33.91 7.43
N GLY A 133 -8.11 -32.96 8.23
CA GLY A 133 -6.72 -33.00 8.68
C GLY A 133 -5.71 -32.38 7.73
N THR A 134 -6.18 -31.58 6.80
CA THR A 134 -5.37 -30.89 5.83
C THR A 134 -5.34 -29.39 6.13
N ILE A 135 -4.40 -28.71 5.49
CA ILE A 135 -4.41 -27.25 5.50
C ILE A 135 -4.27 -26.75 4.08
N LYS A 136 -4.76 -25.51 3.86
CA LYS A 136 -4.52 -24.86 2.58
C LYS A 136 -3.35 -23.92 2.82
N GLY A 137 -2.17 -24.37 2.43
CA GLY A 137 -1.03 -23.53 2.63
C GLY A 137 -0.42 -23.17 1.31
N SER A 138 0.88 -23.03 1.34
CA SER A 138 1.63 -22.69 0.15
C SER A 138 2.98 -23.39 0.34
N PHE A 139 3.10 -24.54 -0.29
CA PHE A 139 4.29 -25.37 -0.16
C PHE A 139 4.68 -25.82 -1.57
N ILE A 140 5.98 -25.78 -1.85
CA ILE A 140 6.52 -26.25 -3.10
C ILE A 140 7.64 -27.24 -2.83
N ALA A 141 8.24 -27.78 -3.89
CA ALA A 141 9.42 -28.61 -3.75
C ALA A 141 10.48 -27.89 -2.95
N GLY A 142 11.14 -28.60 -2.04
CA GLY A 142 12.12 -28.00 -1.16
C GLY A 142 11.61 -27.52 0.18
N THR A 143 10.28 -27.50 0.41
CA THR A 143 9.74 -26.99 1.66
C THR A 143 9.23 -28.08 2.61
N CYS A 144 9.43 -29.36 2.30
CA CYS A 144 9.09 -30.35 3.32
C CYS A 144 9.93 -30.12 4.57
N GLY A 145 9.35 -30.50 5.70
CA GLY A 145 9.95 -30.23 7.00
C GLY A 145 9.71 -28.82 7.52
N SER A 146 9.09 -27.95 6.71
CA SER A 146 8.64 -26.66 7.24
C SER A 146 7.79 -26.91 8.47
N VAL A 147 7.85 -25.99 9.43
CA VAL A 147 7.36 -26.26 10.79
C VAL A 147 6.16 -25.40 11.10
N GLY A 148 5.11 -26.02 11.64
CA GLY A 148 3.97 -25.30 12.24
C GLY A 148 4.10 -25.22 13.75
N TYR A 149 3.72 -24.07 14.31
CA TYR A 149 3.84 -23.83 15.75
C TYR A 149 2.69 -22.94 16.19
N VAL A 150 2.46 -22.91 17.50
CA VAL A 150 1.52 -21.94 18.06
C VAL A 150 2.02 -21.60 19.46
N SER A 151 1.84 -20.35 19.86
CA SER A 151 2.19 -19.93 21.21
C SER A 151 0.91 -19.62 21.98
N GLU A 152 0.75 -20.24 23.15
CA GLU A 152 -0.40 -20.01 24.02
C GLU A 152 0.12 -19.98 25.45
N ASN A 153 -0.42 -19.12 26.30
CA ASN A 153 0.02 -19.10 27.70
C ASN A 153 1.51 -18.70 27.80
N ALA A 154 2.10 -18.08 26.76
CA ALA A 154 3.56 -18.00 26.55
C ALA A 154 4.25 -19.38 26.49
N THR A 155 3.51 -20.46 26.25
CA THR A 155 4.13 -21.76 25.97
C THR A 155 4.23 -21.93 24.46
N LEU A 156 5.44 -22.23 23.94
CA LEU A 156 5.61 -22.51 22.52
C LEU A 156 5.36 -24.00 22.24
N TYR A 157 4.39 -24.30 21.35
CA TYR A 157 4.09 -25.67 20.92
C TYR A 157 4.50 -25.86 19.48
N PHE A 158 5.27 -26.90 19.20
CA PHE A 158 5.44 -27.37 17.84
C PHE A 158 4.34 -28.37 17.51
N VAL A 159 3.67 -28.15 16.38
CA VAL A 159 2.43 -28.87 16.09
C VAL A 159 2.39 -29.48 14.71
N TYR A 160 3.27 -29.06 13.80
CA TYR A 160 3.15 -29.51 12.41
C TYR A 160 4.51 -29.59 11.72
N MET A 161 4.68 -30.61 10.88
CA MET A 161 5.82 -30.72 9.97
C MET A 161 5.33 -31.14 8.60
N HIS A 162 5.75 -30.42 7.56
CA HIS A 162 5.13 -30.61 6.25
C HIS A 162 5.69 -31.83 5.49
N HIS A 163 4.77 -32.67 4.91
CA HIS A 163 5.16 -33.86 4.15
C HIS A 163 4.68 -33.88 2.70
N LEU A 164 3.44 -33.46 2.38
CA LEU A 164 3.03 -33.75 1.02
C LEU A 164 1.84 -32.88 0.59
N GLU A 165 1.57 -32.92 -0.70
CA GLU A 165 0.42 -32.18 -1.25
C GLU A 165 -0.50 -33.16 -1.99
N LEU A 166 -1.78 -33.15 -1.65
CA LEU A 166 -2.74 -34.04 -2.31
C LEU A 166 -3.06 -33.55 -3.74
N GLY A 167 -3.75 -34.39 -4.50
CA GLY A 167 -4.05 -34.02 -5.88
C GLY A 167 -4.93 -32.79 -6.00
N ASN A 168 -5.70 -32.48 -4.97
CA ASN A 168 -6.55 -31.30 -4.99
C ASN A 168 -5.87 -30.08 -4.40
N GLY A 169 -4.55 -30.16 -4.16
CA GLY A 169 -3.76 -29.05 -3.63
C GLY A 169 -3.76 -28.90 -2.12
N SER A 170 -4.54 -29.69 -1.40
CA SER A 170 -4.53 -29.64 0.05
C SER A 170 -3.17 -30.14 0.58
N HIS A 171 -2.75 -29.58 1.69
CA HIS A 171 -1.42 -29.87 2.26
C HIS A 171 -1.52 -30.73 3.51
N VAL A 172 -0.63 -31.71 3.56
CA VAL A 172 -0.63 -32.77 4.57
C VAL A 172 0.71 -32.77 5.31
N GLY A 173 0.63 -32.72 6.63
CA GLY A 173 1.82 -32.89 7.45
C GLY A 173 1.56 -33.81 8.63
N SER A 174 2.59 -33.96 9.47
CA SER A 174 2.48 -34.76 10.68
C SER A 174 2.60 -33.86 11.91
N ASN A 175 2.27 -34.41 13.08
CA ASN A 175 2.70 -33.74 14.29
C ASN A 175 4.18 -34.12 14.53
N LEU A 176 4.74 -33.65 15.61
CA LEU A 176 6.18 -33.84 15.77
C LEU A 176 6.46 -35.16 16.46
N GLU A 177 5.41 -35.95 16.71
CA GLU A 177 5.58 -37.35 17.12
C GLU A 177 5.51 -38.28 15.94
N GLY A 178 5.38 -37.76 14.73
CA GLY A 178 5.36 -38.59 13.51
C GLY A 178 4.04 -39.24 13.18
N GLU A 179 2.94 -38.74 13.72
CA GLU A 179 1.60 -39.16 13.29
C GLU A 179 1.10 -38.19 12.24
N MET A 180 0.82 -38.69 11.04
CA MET A 180 0.27 -37.84 9.99
C MET A 180 -1.16 -37.40 10.30
N TYR A 181 -1.36 -36.09 10.29
CA TYR A 181 -2.72 -35.52 10.34
C TYR A 181 -3.61 -36.15 9.26
N GLY A 182 -4.85 -36.48 9.61
CA GLY A 182 -5.77 -37.01 8.62
C GLY A 182 -5.55 -38.47 8.26
N GLY A 183 -4.50 -39.09 8.81
CA GLY A 183 -4.15 -40.46 8.50
C GLY A 183 -3.59 -40.71 7.12
N TYR A 184 -3.18 -39.67 6.39
CA TYR A 184 -2.62 -39.88 5.06
C TYR A 184 -1.29 -40.64 5.16
N GLU A 185 -0.96 -41.34 4.07
CA GLU A 185 0.34 -42.01 4.02
C GLU A 185 1.38 -41.12 3.36
N ASP A 186 2.64 -41.28 3.77
CA ASP A 186 3.71 -40.53 3.09
C ASP A 186 4.21 -41.30 1.86
N GLN A 187 3.35 -41.33 0.85
CA GLN A 187 3.51 -42.11 -0.37
C GLN A 187 3.01 -41.30 -1.55
N PRO A 188 3.68 -41.37 -2.69
CA PRO A 188 3.17 -40.65 -3.88
C PRO A 188 1.96 -41.29 -4.51
N SER A 189 0.98 -41.71 -3.73
CA SER A 189 -0.14 -42.45 -4.28
C SER A 189 -1.40 -41.63 -4.17
N MET A 190 -2.35 -41.86 -5.08
CA MET A 190 -3.60 -41.10 -5.08
C MET A 190 -4.32 -41.38 -3.78
N GLN A 191 -4.47 -40.35 -2.96
CA GLN A 191 -5.27 -40.47 -1.75
C GLN A 191 -6.28 -39.33 -1.83
N LEU A 192 -7.51 -39.64 -1.52
CA LEU A 192 -8.58 -38.65 -1.63
C LEU A 192 -8.79 -37.93 -0.32
N GLU A 193 -9.19 -36.66 -0.39
CA GLU A 193 -9.32 -35.90 0.86
C GLU A 193 -10.60 -36.25 1.62
N GLY A 194 -11.75 -36.21 0.96
CA GLY A 194 -13.01 -36.33 1.69
C GLY A 194 -13.65 -34.96 1.84
N THR A 195 -14.95 -34.95 2.13
CA THR A 195 -15.71 -33.70 2.10
C THR A 195 -15.25 -32.74 3.18
N ASN A 196 -14.93 -31.51 2.79
CA ASN A 196 -14.54 -30.51 3.77
C ASN A 196 -15.75 -30.05 4.58
N VAL A 197 -15.66 -30.09 5.91
CA VAL A 197 -16.73 -29.58 6.78
C VAL A 197 -16.30 -28.23 7.37
N MET A 198 -17.09 -27.18 7.08
CA MET A 198 -16.75 -25.84 7.55
C MET A 198 -16.95 -25.71 9.05
N SER A 199 -16.03 -25.01 9.74
CA SER A 199 -16.19 -24.75 11.17
C SER A 199 -17.25 -23.64 11.38
N SER A 200 -18.41 -24.00 11.95
CA SER A 200 -19.43 -22.98 12.23
C SER A 200 -18.93 -21.91 13.19
N ASP A 201 -18.18 -22.32 14.24
CA ASP A 201 -17.62 -21.35 15.17
C ASP A 201 -16.79 -20.31 14.43
N ASN A 202 -15.97 -20.77 13.47
CA ASN A 202 -15.09 -19.84 12.76
C ASN A 202 -15.86 -18.97 11.80
N VAL A 203 -16.90 -19.51 11.13
CA VAL A 203 -17.68 -18.69 10.20
C VAL A 203 -18.45 -17.61 10.96
N VAL A 204 -18.97 -17.92 12.15
CA VAL A 204 -19.60 -16.87 12.98
C VAL A 204 -18.58 -15.79 13.35
N ALA A 205 -17.38 -16.22 13.77
CA ALA A 205 -16.33 -15.25 14.08
C ALA A 205 -16.02 -14.34 12.89
N PHE A 206 -15.94 -14.92 11.69
CA PHE A 206 -15.69 -14.16 10.49
C PHE A 206 -16.77 -13.09 10.25
N LEU A 207 -18.03 -13.48 10.40
CA LEU A 207 -19.11 -12.52 10.16
C LEU A 207 -19.09 -11.44 11.23
N TYR A 208 -18.68 -11.77 12.44
CA TYR A 208 -18.54 -10.71 13.43
C TYR A 208 -17.41 -9.78 13.05
N ALA A 209 -16.29 -10.31 12.54
CA ALA A 209 -15.22 -9.42 12.06
C ALA A 209 -15.74 -8.50 10.96
N ALA A 210 -16.52 -9.05 10.04
CA ALA A 210 -17.10 -8.26 8.97
C ALA A 210 -17.96 -7.13 9.53
N LEU A 211 -18.80 -7.44 10.53
CA LEU A 211 -19.66 -6.41 11.14
C LEU A 211 -18.80 -5.31 11.77
N ILE A 212 -17.80 -5.71 12.54
CA ILE A 212 -16.90 -4.73 13.17
C ILE A 212 -16.25 -3.84 12.13
N ASN A 213 -15.93 -4.38 10.95
CA ASN A 213 -15.28 -3.66 9.87
C ASN A 213 -16.29 -2.98 8.93
N GLY A 214 -17.54 -2.88 9.34
CA GLY A 214 -18.52 -2.07 8.62
C GLY A 214 -19.27 -2.76 7.51
N GLU A 215 -19.18 -4.08 7.42
CA GLU A 215 -19.86 -4.89 6.43
C GLU A 215 -21.08 -5.52 7.09
N ARG A 216 -22.29 -5.17 6.62
CA ARG A 216 -23.45 -5.73 7.31
C ARG A 216 -24.62 -6.09 6.38
N TRP A 217 -24.38 -6.16 5.05
CA TRP A 217 -25.47 -6.39 4.11
C TRP A 217 -26.14 -7.73 4.30
N PHE A 218 -25.44 -8.69 4.91
CA PHE A 218 -25.92 -10.05 5.07
C PHE A 218 -26.83 -10.19 6.29
N VAL A 219 -26.89 -9.19 7.18
CA VAL A 219 -27.79 -9.27 8.32
C VAL A 219 -29.17 -8.75 7.92
N THR A 220 -30.23 -9.48 8.30
CA THR A 220 -31.62 -9.05 8.01
C THR A 220 -32.44 -9.16 9.28
N ASN A 221 -33.76 -8.89 9.21
CA ASN A 221 -34.57 -8.97 10.42
C ASN A 221 -35.02 -10.39 10.73
N THR A 222 -34.13 -11.34 10.53
CA THR A 222 -34.43 -12.75 10.60
C THR A 222 -33.38 -13.35 11.52
N SER A 223 -33.77 -14.37 12.27
CA SER A 223 -32.85 -14.93 13.24
C SER A 223 -33.20 -16.39 13.27
N MET A 224 -32.18 -17.27 13.36
CA MET A 224 -32.39 -18.72 13.32
C MET A 224 -31.98 -19.33 14.64
N SER A 225 -32.86 -20.14 15.26
CA SER A 225 -32.49 -20.70 16.55
C SER A 225 -31.33 -21.70 16.43
N LEU A 226 -30.65 -21.89 17.54
CA LEU A 226 -29.42 -22.71 17.57
C LEU A 226 -29.71 -24.13 17.14
N GLU A 227 -30.80 -24.73 17.66
CA GLU A 227 -31.10 -26.10 17.25
C GLU A 227 -31.49 -26.14 15.80
N SER A 228 -32.23 -25.13 15.33
CA SER A 228 -32.58 -25.14 13.92
C SER A 228 -31.35 -25.08 13.04
N TYR A 229 -30.38 -24.23 13.41
CA TYR A 229 -29.13 -24.13 12.66
C TYR A 229 -28.37 -25.46 12.69
N ASN A 230 -28.29 -26.09 13.85
CA ASN A 230 -27.52 -27.34 13.98
C ASN A 230 -28.14 -28.45 13.13
N THR A 231 -29.47 -28.49 13.03
CA THR A 231 -30.10 -29.44 12.10
C THR A 231 -29.73 -29.18 10.65
N TRP A 232 -29.72 -27.92 10.22
CA TRP A 232 -29.30 -27.57 8.87
C TRP A 232 -27.83 -27.97 8.66
N ALA A 233 -27.01 -27.70 9.66
CA ALA A 233 -25.56 -27.88 9.49
C ALA A 233 -25.24 -29.34 9.18
N LYS A 234 -25.97 -30.27 9.81
CA LYS A 234 -25.73 -31.71 9.64
C LYS A 234 -25.87 -32.14 8.19
N THR A 235 -26.70 -31.47 7.40
CA THR A 235 -26.77 -31.87 6.00
C THR A 235 -26.18 -30.86 5.06
N ASN A 236 -25.42 -29.89 5.57
CA ASN A 236 -24.81 -28.92 4.68
C ASN A 236 -23.29 -28.78 4.89
N SER A 237 -22.67 -29.78 5.49
CA SER A 237 -21.19 -29.80 5.64
C SER A 237 -20.71 -28.58 6.44
N PHE A 238 -21.39 -28.29 7.55
CA PHE A 238 -20.97 -27.35 8.57
C PHE A 238 -20.98 -28.09 9.88
N THR A 239 -20.10 -27.66 10.77
CA THR A 239 -20.10 -28.28 12.08
C THR A 239 -21.28 -27.79 12.91
N GLU A 240 -21.59 -28.56 13.95
CA GLU A 240 -22.61 -28.10 14.89
C GLU A 240 -22.01 -27.20 15.96
N LEU A 241 -22.75 -26.15 16.29
CA LEU A 241 -22.32 -25.16 17.26
C LEU A 241 -22.83 -25.58 18.62
N SER A 242 -21.92 -25.76 19.58
CA SER A 242 -22.32 -26.29 20.88
C SER A 242 -23.10 -25.28 21.70
N SER A 243 -22.76 -24.00 21.59
CA SER A 243 -23.47 -22.95 22.29
C SER A 243 -23.03 -21.65 21.66
N THR A 244 -23.74 -20.57 22.03
CA THR A 244 -23.32 -19.28 21.51
C THR A 244 -22.42 -18.53 22.50
N ASP A 245 -21.94 -19.21 23.55
CA ASP A 245 -21.30 -18.52 24.66
C ASP A 245 -20.00 -17.85 24.27
N ALA A 246 -19.29 -18.36 23.27
CA ALA A 246 -17.98 -17.79 22.95
C ALA A 246 -18.09 -16.39 22.38
N PHE A 247 -19.29 -15.99 21.95
CA PHE A 247 -19.50 -14.77 21.18
C PHE A 247 -20.08 -13.65 21.99
N SER A 248 -20.19 -13.79 23.32
CA SER A 248 -21.01 -12.85 24.10
C SER A 248 -20.51 -11.42 23.94
N MET A 249 -19.19 -11.24 23.98
CA MET A 249 -18.66 -9.90 23.88
C MET A 249 -18.85 -9.37 22.47
N LEU A 250 -18.60 -10.21 21.46
CA LEU A 250 -18.79 -9.75 20.09
C LEU A 250 -20.26 -9.38 19.83
N ALA A 251 -21.20 -10.19 20.33
CA ALA A 251 -22.61 -9.85 20.18
C ALA A 251 -22.92 -8.50 20.83
N ALA A 252 -22.36 -8.26 22.00
CA ALA A 252 -22.62 -7.02 22.72
C ALA A 252 -22.02 -5.82 22.00
N LYS A 253 -20.81 -5.96 21.46
CA LYS A 253 -20.14 -4.84 20.78
C LYS A 253 -20.80 -4.50 19.45
N THR A 254 -21.39 -5.49 18.75
CA THR A 254 -21.95 -5.24 17.43
C THR A 254 -23.46 -5.08 17.46
N GLY A 255 -24.10 -5.47 18.57
CA GLY A 255 -25.54 -5.49 18.65
C GLY A 255 -26.20 -6.55 17.81
N GLN A 256 -25.45 -7.56 17.34
CA GLN A 256 -26.04 -8.62 16.54
C GLN A 256 -25.84 -9.96 17.26
N SER A 257 -26.92 -10.68 17.49
CA SER A 257 -26.80 -11.97 18.20
C SER A 257 -26.26 -13.04 17.27
N VAL A 258 -25.80 -14.15 17.89
CA VAL A 258 -25.30 -15.23 17.05
C VAL A 258 -26.41 -15.75 16.14
N GLU A 259 -27.64 -15.86 16.68
CA GLU A 259 -28.72 -16.41 15.89
C GLU A 259 -29.04 -15.57 14.64
N LYS A 260 -28.82 -14.26 14.67
CA LYS A 260 -28.92 -13.46 13.44
C LYS A 260 -27.88 -13.90 12.42
N LEU A 261 -26.66 -14.22 12.89
CA LEU A 261 -25.61 -14.66 11.99
C LEU A 261 -25.79 -16.12 11.57
N LEU A 262 -26.41 -16.98 12.39
CA LEU A 262 -26.73 -18.32 11.91
C LEU A 262 -27.68 -18.26 10.72
N ASP A 263 -28.63 -17.32 10.75
CA ASP A 263 -29.50 -17.18 9.59
C ASP A 263 -28.72 -16.65 8.38
N SER A 264 -27.80 -15.72 8.59
CA SER A 264 -26.94 -15.29 7.49
C SER A 264 -26.19 -16.45 6.84
N ILE A 265 -25.61 -17.34 7.66
CA ILE A 265 -24.81 -18.46 7.12
C ILE A 265 -25.68 -19.30 6.19
N VAL A 266 -26.89 -19.64 6.66
CA VAL A 266 -27.79 -20.45 5.83
C VAL A 266 -28.07 -19.74 4.50
N ARG A 267 -28.34 -18.44 4.53
CA ARG A 267 -28.62 -17.71 3.28
C ARG A 267 -27.36 -17.53 2.45
N LEU A 268 -26.22 -17.25 3.09
CA LEU A 268 -25.01 -16.98 2.30
C LEU A 268 -24.41 -18.27 1.72
N ASN A 269 -24.63 -19.41 2.36
CA ASN A 269 -24.09 -20.65 1.80
C ASN A 269 -24.73 -20.94 0.45
N LYS A 270 -25.96 -20.45 0.24
CA LYS A 270 -26.59 -20.52 -1.08
C LYS A 270 -25.86 -19.67 -2.11
N GLY A 271 -25.26 -18.59 -1.68
CA GLY A 271 -24.56 -17.71 -2.61
C GLY A 271 -24.65 -16.29 -2.11
N PHE A 272 -23.68 -15.48 -2.50
CA PHE A 272 -23.55 -14.10 -2.07
C PHE A 272 -24.28 -13.15 -3.02
N GLY A 273 -24.84 -13.65 -4.12
CA GLY A 273 -25.47 -12.75 -5.09
C GLY A 273 -24.51 -11.76 -5.71
N GLY A 274 -23.26 -12.14 -5.92
CA GLY A 274 -22.30 -11.24 -6.51
C GLY A 274 -21.65 -10.25 -5.58
N ARG A 275 -22.08 -10.15 -4.32
CA ARG A 275 -21.46 -9.27 -3.34
C ARG A 275 -20.26 -9.95 -2.70
N THR A 276 -19.51 -9.20 -1.91
CA THR A 276 -18.37 -9.75 -1.19
C THR A 276 -18.49 -9.38 0.28
N ILE A 277 -17.74 -10.09 1.13
CA ILE A 277 -17.63 -9.80 2.54
C ILE A 277 -16.14 -9.62 2.83
N LEU A 278 -15.76 -8.40 3.16
CA LEU A 278 -14.35 -8.05 3.31
C LEU A 278 -13.53 -8.60 2.15
N SER A 279 -14.04 -8.45 0.94
CA SER A 279 -13.32 -8.95 -0.23
C SER A 279 -13.23 -10.47 -0.31
N TYR A 280 -13.98 -11.21 0.52
CA TYR A 280 -14.15 -12.64 0.29
C TYR A 280 -15.41 -12.83 -0.54
N GLY A 281 -15.39 -13.82 -1.41
CA GLY A 281 -16.52 -14.14 -2.26
C GLY A 281 -17.29 -15.38 -1.81
N SER A 282 -16.84 -16.05 -0.77
CA SER A 282 -17.60 -17.11 -0.14
C SER A 282 -17.27 -17.10 1.35
N LEU A 283 -18.03 -17.86 2.14
CA LEU A 283 -17.80 -17.88 3.59
C LEU A 283 -16.37 -18.35 3.89
N CYS A 284 -15.78 -17.77 4.94
CA CYS A 284 -14.43 -18.07 5.36
C CYS A 284 -14.45 -18.68 6.75
N ASP A 285 -13.85 -19.89 6.92
CA ASP A 285 -13.80 -20.51 8.25
C ASP A 285 -12.34 -20.60 8.80
N GLU A 286 -11.47 -19.69 8.36
CA GLU A 286 -10.06 -19.74 8.75
C GLU A 286 -9.72 -18.93 9.98
N PHE A 287 -10.67 -18.13 10.52
CA PHE A 287 -10.47 -17.36 11.74
C PHE A 287 -11.25 -17.91 12.92
N THR A 288 -10.58 -18.15 14.05
CA THR A 288 -11.30 -18.60 15.26
C THR A 288 -11.88 -17.41 16.03
N PRO A 289 -12.84 -17.67 16.93
CA PRO A 289 -13.41 -16.57 17.74
C PRO A 289 -12.35 -15.84 18.54
N THR A 290 -11.40 -16.56 19.15
CA THR A 290 -10.39 -15.90 19.95
C THR A 290 -9.45 -15.10 19.04
N GLU A 291 -9.16 -15.63 17.84
CA GLU A 291 -8.34 -14.93 16.87
C GLU A 291 -8.93 -13.57 16.49
N VAL A 292 -10.23 -13.57 16.16
CA VAL A 292 -10.92 -12.32 15.82
C VAL A 292 -10.90 -11.38 17.00
N ILE A 293 -11.28 -11.87 18.17
CA ILE A 293 -11.36 -10.99 19.33
C ILE A 293 -10.00 -10.33 19.59
N ARG A 294 -8.94 -11.13 19.56
CA ARG A 294 -7.60 -10.57 19.81
C ARG A 294 -7.23 -9.56 18.75
N GLN A 295 -7.57 -9.84 17.49
CA GLN A 295 -7.17 -8.94 16.43
C GLN A 295 -8.01 -7.65 16.45
N MET A 296 -9.29 -7.73 16.82
CA MET A 296 -10.12 -6.54 16.76
C MET A 296 -10.02 -5.67 18.00
N TYR A 297 -9.63 -6.26 19.13
CA TYR A 297 -9.76 -5.59 20.42
C TYR A 297 -8.49 -5.65 21.28
N GLY A 298 -7.50 -6.44 20.91
CA GLY A 298 -6.28 -6.57 21.69
C GLY A 298 -6.42 -7.68 22.69
N VAL A 299 -5.33 -8.00 23.39
CA VAL A 299 -5.34 -9.19 24.26
C VAL A 299 -6.22 -8.99 25.51
N SER B 1 51.94 5.86 -24.93
CA SER B 1 51.70 5.49 -23.53
C SER B 1 51.22 6.69 -22.70
N GLY B 2 50.94 6.46 -21.41
CA GLY B 2 50.48 7.46 -20.45
C GLY B 2 49.02 7.23 -20.08
N LEU B 3 48.59 7.85 -18.98
CA LEU B 3 47.17 7.82 -18.57
C LEU B 3 46.81 9.16 -17.97
N ARG B 4 45.81 9.82 -18.55
CA ARG B 4 45.34 11.08 -18.00
C ARG B 4 43.82 11.03 -17.94
N LYS B 5 43.21 11.57 -16.92
CA LYS B 5 41.74 11.68 -16.93
C LYS B 5 41.32 12.76 -17.93
N MET B 6 40.52 12.43 -18.92
CA MET B 6 40.31 13.41 -19.97
C MET B 6 38.83 13.79 -20.03
N ALA B 7 38.53 14.82 -20.79
CA ALA B 7 37.16 15.21 -21.09
C ALA B 7 36.93 15.05 -22.58
N GLN B 8 35.70 14.70 -22.96
CA GLN B 8 35.33 14.79 -24.35
C GLN B 8 35.21 16.28 -24.78
N PRO B 9 35.49 16.61 -26.04
CA PRO B 9 35.59 18.03 -26.47
C PRO B 9 34.26 18.71 -26.20
N SER B 10 34.32 20.03 -25.97
CA SER B 10 33.20 20.80 -25.42
C SER B 10 32.48 21.69 -26.45
N GLY B 11 32.89 21.63 -27.72
CA GLY B 11 32.41 22.58 -28.71
C GLY B 11 30.90 22.63 -28.93
N LEU B 12 30.20 21.49 -28.79
CA LEU B 12 28.73 21.56 -28.99
C LEU B 12 28.01 22.17 -27.79
N VAL B 13 28.65 22.15 -26.63
CA VAL B 13 28.03 22.62 -25.40
C VAL B 13 28.30 24.09 -25.16
N GLU B 14 29.50 24.58 -25.47
CA GLU B 14 29.83 25.97 -25.19
C GLU B 14 28.78 26.98 -25.68
N PRO B 15 28.26 26.91 -26.90
CA PRO B 15 27.32 27.97 -27.33
C PRO B 15 26.00 27.97 -26.54
N CYS B 16 25.74 26.97 -25.71
CA CYS B 16 24.52 26.83 -24.97
C CYS B 16 24.62 27.41 -23.56
N ILE B 17 25.80 27.84 -23.12
CA ILE B 17 25.97 28.35 -21.76
C ILE B 17 25.59 29.83 -21.73
N VAL B 18 24.73 30.22 -20.79
CA VAL B 18 24.35 31.61 -20.58
C VAL B 18 24.54 32.00 -19.12
N ARG B 19 24.57 33.31 -18.88
CA ARG B 19 24.64 33.87 -17.55
C ARG B 19 23.23 34.11 -17.06
N VAL B 20 22.90 33.65 -15.85
CA VAL B 20 21.57 33.95 -15.27
C VAL B 20 21.79 34.63 -13.92
N SER B 21 21.25 35.84 -13.75
CA SER B 21 21.28 36.40 -12.39
C SER B 21 19.90 36.84 -11.96
N TYR B 22 19.73 36.90 -10.65
CA TYR B 22 18.49 37.40 -10.03
C TYR B 22 18.89 38.02 -8.70
N GLY B 23 18.58 39.32 -8.52
CA GLY B 23 19.13 40.00 -7.35
C GLY B 23 20.65 39.87 -7.35
N ASN B 24 21.21 39.43 -6.23
CA ASN B 24 22.65 39.32 -6.12
C ASN B 24 23.16 37.91 -6.40
N ASN B 25 22.28 37.01 -6.80
CA ASN B 25 22.71 35.65 -7.13
C ASN B 25 23.09 35.59 -8.59
N VAL B 26 24.26 35.01 -8.90
CA VAL B 26 24.68 34.86 -10.29
C VAL B 26 25.07 33.43 -10.51
N LEU B 27 24.55 32.82 -11.56
CA LEU B 27 25.01 31.47 -11.91
C LEU B 27 24.83 31.29 -13.41
N ASN B 28 24.85 30.05 -13.85
CA ASN B 28 24.83 29.69 -15.25
C ASN B 28 23.56 28.96 -15.62
N GLY B 29 23.19 29.04 -16.92
CA GLY B 29 22.09 28.25 -17.43
C GLY B 29 22.43 27.60 -18.76
N LEU B 30 21.57 26.70 -19.15
CA LEU B 30 21.73 25.88 -20.35
C LEU B 30 20.60 26.28 -21.30
N TRP B 31 20.98 26.86 -22.43
CA TRP B 31 20.07 27.49 -23.41
C TRP B 31 19.86 26.54 -24.58
N LEU B 32 18.65 25.98 -24.71
CA LEU B 32 18.33 25.05 -25.77
C LEU B 32 17.00 25.47 -26.36
N GLY B 33 16.96 25.65 -27.68
CA GLY B 33 15.71 26.20 -28.24
C GLY B 33 15.45 27.55 -27.60
N ASP B 34 14.20 27.79 -27.18
CA ASP B 34 13.90 29.03 -26.49
C ASP B 34 13.75 28.84 -24.98
N GLU B 35 14.43 27.85 -24.40
CA GLU B 35 14.35 27.63 -22.95
C GLU B 35 15.73 27.71 -22.34
N VAL B 36 15.82 28.30 -21.13
CA VAL B 36 17.04 28.25 -20.34
C VAL B 36 16.75 27.46 -19.07
N ILE B 37 17.56 26.44 -18.80
CA ILE B 37 17.43 25.68 -17.56
C ILE B 37 18.53 26.16 -16.62
N CYS B 38 18.19 26.44 -15.35
CA CYS B 38 19.20 26.80 -14.36
C CYS B 38 18.73 26.38 -12.97
N PRO B 39 19.63 26.35 -11.99
CA PRO B 39 19.21 25.96 -10.63
C PRO B 39 18.22 26.98 -10.08
N ARG B 40 17.17 26.47 -9.42
CA ARG B 40 16.12 27.41 -9.00
C ARG B 40 16.59 28.29 -7.85
N HIS B 41 17.66 27.92 -7.13
CA HIS B 41 18.05 28.81 -6.04
C HIS B 41 18.57 30.16 -6.52
N VAL B 42 18.68 30.43 -7.83
CA VAL B 42 19.05 31.78 -8.23
C VAL B 42 18.01 32.81 -7.75
N ILE B 43 16.75 32.41 -7.51
CA ILE B 43 15.77 33.41 -7.06
C ILE B 43 15.63 33.48 -5.53
N ALA B 44 16.42 32.72 -4.78
CA ALA B 44 16.36 32.74 -3.32
C ALA B 44 16.88 34.07 -2.77
N SER B 45 16.10 34.67 -1.86
CA SER B 45 16.54 35.91 -1.26
C SER B 45 17.82 35.72 -0.47
N ASP B 46 17.95 34.59 0.22
CA ASP B 46 19.11 34.32 1.06
C ASP B 46 19.46 32.84 0.94
N THR B 47 20.45 32.52 0.09
CA THR B 47 20.82 31.12 -0.11
C THR B 47 21.52 30.50 1.09
N THR B 48 21.86 31.27 2.11
CA THR B 48 22.56 30.73 3.27
C THR B 48 21.62 30.31 4.39
N ARG B 49 20.33 30.63 4.29
CA ARG B 49 19.36 30.15 5.25
C ARG B 49 18.31 29.31 4.53
N VAL B 50 17.60 28.49 5.31
CA VAL B 50 16.62 27.60 4.71
C VAL B 50 15.67 28.40 3.83
N ILE B 51 15.35 27.84 2.66
CA ILE B 51 14.63 28.57 1.61
C ILE B 51 13.22 28.01 1.53
N ASN B 52 12.23 28.90 1.44
CA ASN B 52 10.86 28.48 1.18
C ASN B 52 10.64 28.76 -0.30
N TYR B 53 10.78 27.72 -1.13
CA TYR B 53 10.73 27.94 -2.56
C TYR B 53 9.34 28.35 -3.04
N GLU B 54 8.30 27.97 -2.31
CA GLU B 54 6.95 28.44 -2.65
C GLU B 54 6.84 29.96 -2.50
N ASN B 55 7.38 30.48 -1.41
CA ASN B 55 7.37 31.92 -1.22
C ASN B 55 8.23 32.62 -2.24
N GLU B 56 9.41 32.04 -2.57
CA GLU B 56 10.24 32.71 -3.57
C GLU B 56 9.53 32.78 -4.89
N MET B 57 8.78 31.72 -5.20
CA MET B 57 8.07 31.73 -6.47
C MET B 57 6.89 32.68 -6.44
N SER B 58 6.22 32.76 -5.28
CA SER B 58 5.11 33.71 -5.17
C SER B 58 5.56 35.14 -5.39
N SER B 59 6.76 35.49 -4.95
CA SER B 59 7.29 36.85 -4.99
C SER B 59 8.13 37.17 -6.20
N VAL B 60 8.38 36.21 -7.11
CA VAL B 60 9.29 36.42 -8.23
C VAL B 60 8.70 37.46 -9.20
N ARG B 61 9.58 38.24 -9.82
CA ARG B 61 9.15 39.14 -10.89
C ARG B 61 10.06 38.88 -12.09
N LEU B 62 9.48 38.62 -13.26
CA LEU B 62 10.30 38.26 -14.40
C LEU B 62 11.28 39.39 -14.80
N HIS B 63 10.89 40.67 -14.64
CA HIS B 63 11.86 41.71 -15.00
C HIS B 63 13.10 41.73 -14.13
N ASN B 64 13.14 40.97 -13.03
CA ASN B 64 14.33 40.97 -12.22
C ASN B 64 15.38 40.01 -12.76
N PHE B 65 15.00 39.07 -13.63
CA PHE B 65 16.03 38.17 -14.19
C PHE B 65 16.92 38.94 -15.15
N SER B 66 18.21 38.56 -15.21
CA SER B 66 19.08 38.96 -16.28
C SER B 66 19.66 37.68 -16.88
N VAL B 67 19.31 37.39 -18.10
CA VAL B 67 19.83 36.22 -18.84
C VAL B 67 20.58 36.77 -20.06
N SER B 68 21.81 36.31 -20.29
CA SER B 68 22.58 36.89 -21.39
C SER B 68 23.60 35.87 -21.86
N LYS B 69 24.00 36.03 -23.12
CA LYS B 69 25.05 35.24 -23.74
C LYS B 69 26.06 36.26 -24.25
N ASN B 70 27.30 36.18 -23.75
CA ASN B 70 28.37 37.09 -24.18
C ASN B 70 27.87 38.54 -24.15
N ASN B 71 27.23 38.87 -23.02
CA ASN B 71 26.74 40.23 -22.70
C ASN B 71 25.68 40.74 -23.67
N VAL B 72 24.93 39.87 -24.33
CA VAL B 72 23.74 40.25 -25.09
C VAL B 72 22.56 39.59 -24.38
N PHE B 73 21.53 40.37 -24.01
CA PHE B 73 20.43 39.82 -23.20
C PHE B 73 19.58 38.88 -24.02
N LEU B 74 18.89 37.98 -23.31
CA LEU B 74 17.81 37.15 -23.82
C LEU B 74 16.61 37.49 -22.97
N GLY B 75 15.58 38.04 -23.61
CA GLY B 75 14.42 38.51 -22.86
C GLY B 75 13.64 37.37 -22.19
N VAL B 76 13.46 37.44 -20.88
CA VAL B 76 12.79 36.38 -20.11
C VAL B 76 11.28 36.61 -20.19
N VAL B 77 10.53 35.60 -20.67
CA VAL B 77 9.08 35.80 -20.81
C VAL B 77 8.27 34.81 -19.99
N SER B 78 8.93 33.86 -19.34
CA SER B 78 8.20 32.89 -18.55
C SER B 78 9.20 32.22 -17.60
N ALA B 79 8.71 31.86 -16.40
CA ALA B 79 9.54 31.13 -15.44
C ALA B 79 8.69 30.06 -14.77
N LYS B 80 9.20 28.84 -14.71
CA LYS B 80 8.51 27.79 -13.98
C LYS B 80 9.55 26.96 -13.26
N TYR B 81 9.15 26.40 -12.13
CA TYR B 81 9.97 25.33 -11.53
C TYR B 81 9.71 24.01 -12.22
N LYS B 82 10.76 23.20 -12.32
CA LYS B 82 10.62 21.82 -12.74
C LYS B 82 11.59 21.06 -11.84
N GLY B 83 11.06 20.47 -10.76
CA GLY B 83 11.92 19.92 -9.71
C GLY B 83 12.79 21.00 -9.09
N VAL B 84 14.11 20.79 -9.02
CA VAL B 84 15.00 21.75 -8.39
C VAL B 84 15.57 22.75 -9.39
N ASN B 85 15.10 22.72 -10.65
CA ASN B 85 15.55 23.71 -11.64
C ASN B 85 14.44 24.72 -11.96
N LEU B 86 14.85 25.92 -12.39
CA LEU B 86 13.96 26.84 -13.13
C LEU B 86 14.08 26.53 -14.62
N VAL B 87 12.94 26.57 -15.31
CA VAL B 87 12.88 26.51 -16.76
C VAL B 87 12.38 27.88 -17.16
N LEU B 88 13.26 28.68 -17.76
CA LEU B 88 12.90 30.02 -18.27
C LEU B 88 12.65 29.98 -19.77
N LYS B 89 11.56 30.57 -20.23
CA LYS B 89 11.39 30.75 -21.65
C LYS B 89 11.94 32.12 -22.03
N VAL B 90 12.70 32.18 -23.11
CA VAL B 90 13.34 33.43 -23.49
C VAL B 90 12.84 33.76 -24.88
N ASN B 91 13.03 35.02 -25.27
CA ASN B 91 12.44 35.53 -26.51
C ASN B 91 13.37 35.35 -27.70
N GLN B 92 14.37 34.46 -27.62
CA GLN B 92 15.19 34.10 -28.77
C GLN B 92 15.54 32.63 -28.68
N VAL B 93 15.38 31.93 -29.82
CA VAL B 93 15.86 30.57 -29.97
C VAL B 93 17.37 30.59 -30.11
N ASN B 94 18.03 29.66 -29.42
CA ASN B 94 19.46 29.41 -29.59
C ASN B 94 19.71 28.84 -30.98
N PRO B 95 20.35 29.61 -31.88
CA PRO B 95 20.58 29.12 -33.24
C PRO B 95 21.64 28.04 -33.28
N ASN B 96 22.33 27.83 -32.17
CA ASN B 96 23.36 26.80 -32.07
C ASN B 96 22.96 25.67 -31.12
N THR B 97 21.68 25.33 -31.06
CA THR B 97 21.21 24.22 -30.24
C THR B 97 21.60 22.90 -30.89
N PRO B 98 22.43 22.09 -30.27
CA PRO B 98 22.80 20.83 -30.89
C PRO B 98 21.70 19.80 -30.70
N GLU B 99 21.66 18.83 -31.62
CA GLU B 99 20.84 17.65 -31.39
C GLU B 99 21.27 17.02 -30.07
N HIS B 100 20.31 16.67 -29.21
CA HIS B 100 20.65 16.17 -27.88
C HIS B 100 19.51 15.38 -27.28
N LYS B 101 19.86 14.69 -26.19
CA LYS B 101 18.92 13.99 -25.32
C LYS B 101 19.32 14.28 -23.88
N PHE B 102 18.40 13.93 -22.96
CA PHE B 102 18.65 14.02 -21.53
C PHE B 102 18.72 12.59 -21.02
N LYS B 103 19.64 12.32 -20.11
CA LYS B 103 19.61 11.02 -19.43
C LYS B 103 20.28 11.19 -18.07
N SER B 104 20.01 10.25 -17.17
CA SER B 104 20.70 10.28 -15.87
C SER B 104 21.93 9.38 -15.89
N ILE B 105 22.93 9.82 -15.21
CA ILE B 105 24.19 9.08 -15.08
C ILE B 105 24.12 8.21 -13.84
N LYS B 106 24.75 7.04 -13.89
CA LYS B 106 24.71 6.09 -12.79
C LYS B 106 26.08 6.00 -12.12
N ALA B 107 26.10 5.46 -10.89
CA ALA B 107 27.34 5.15 -10.17
C ALA B 107 28.34 4.44 -11.07
N GLY B 108 29.59 4.88 -11.00
CA GLY B 108 30.69 4.33 -11.77
C GLY B 108 30.81 4.84 -13.18
N GLU B 109 29.86 5.65 -13.66
CA GLU B 109 29.90 6.14 -15.04
C GLU B 109 30.62 7.47 -15.10
N SER B 110 31.42 7.62 -16.14
CA SER B 110 32.17 8.85 -16.34
C SER B 110 31.35 9.84 -17.17
N PHE B 111 31.64 11.12 -16.99
CA PHE B 111 31.07 12.16 -17.84
C PHE B 111 31.93 13.41 -17.73
N ASN B 112 31.54 14.47 -18.44
CA ASN B 112 32.35 15.66 -18.59
C ASN B 112 31.66 16.85 -17.95
N ILE B 113 32.44 17.70 -17.26
CA ILE B 113 31.91 18.94 -16.69
C ILE B 113 32.47 20.10 -17.51
N LEU B 114 31.56 20.97 -17.99
CA LEU B 114 31.92 22.26 -18.52
C LEU B 114 31.71 23.21 -17.36
N ALA B 115 32.79 23.61 -16.71
CA ALA B 115 32.70 24.51 -15.56
C ALA B 115 32.62 25.94 -16.06
N CYS B 116 31.55 26.65 -15.64
CA CYS B 116 31.27 27.98 -16.11
C CYS B 116 31.24 28.98 -14.97
N TYR B 117 31.71 30.18 -15.25
CA TYR B 117 31.71 31.26 -14.27
C TYR B 117 30.98 32.45 -14.89
N GLU B 118 29.85 32.83 -14.31
CA GLU B 118 29.14 34.04 -14.75
C GLU B 118 28.74 33.94 -16.21
N GLY B 119 28.40 32.73 -16.65
CA GLY B 119 27.91 32.54 -18.00
C GLY B 119 28.97 32.31 -19.06
N CYS B 120 30.23 32.24 -18.66
CA CYS B 120 31.28 31.99 -19.62
C CYS B 120 31.90 30.62 -19.35
N PRO B 121 31.92 29.74 -20.34
CA PRO B 121 32.67 28.46 -20.19
C PRO B 121 34.14 28.71 -19.81
N GLY B 122 34.59 28.12 -18.71
CA GLY B 122 35.90 28.41 -18.21
C GLY B 122 36.83 27.25 -18.42
N SER B 123 36.33 26.04 -18.13
CA SER B 123 37.22 24.90 -18.19
C SER B 123 36.40 23.63 -18.38
N VAL B 124 37.07 22.54 -18.80
CA VAL B 124 36.35 21.29 -19.02
C VAL B 124 37.20 20.17 -18.46
N TYR B 125 36.53 19.24 -17.77
CA TYR B 125 37.31 18.15 -17.15
C TYR B 125 36.38 16.96 -16.96
N GLY B 126 36.99 15.78 -16.88
CA GLY B 126 36.21 14.56 -16.69
C GLY B 126 36.05 14.23 -15.22
N VAL B 127 34.91 13.57 -14.93
CA VAL B 127 34.55 13.16 -13.59
C VAL B 127 33.95 11.75 -13.65
N ASN B 128 33.71 11.18 -12.46
CA ASN B 128 33.08 9.87 -12.38
C ASN B 128 32.04 9.93 -11.26
N MET B 129 30.83 9.49 -11.55
CA MET B 129 29.77 9.50 -10.54
C MET B 129 30.08 8.48 -9.43
N ARG B 130 29.95 8.93 -8.19
CA ARG B 130 30.15 8.11 -7.01
C ARG B 130 28.87 7.38 -6.62
N SER B 131 29.03 6.38 -5.75
CA SER B 131 27.93 5.50 -5.42
C SER B 131 26.76 6.27 -4.78
N GLN B 132 27.06 7.31 -4.01
CA GLN B 132 26.04 8.07 -3.29
C GLN B 132 25.53 9.27 -4.09
N GLY B 133 25.77 9.29 -5.41
CA GLY B 133 25.16 10.31 -6.25
C GLY B 133 25.91 11.63 -6.23
N THR B 134 27.14 11.65 -5.75
CA THR B 134 28.02 12.81 -5.72
C THR B 134 29.17 12.64 -6.71
N ILE B 135 29.83 13.77 -7.01
CA ILE B 135 31.11 13.76 -7.73
C ILE B 135 32.13 14.60 -6.97
N LYS B 136 33.40 14.29 -7.21
CA LYS B 136 34.47 15.10 -6.67
C LYS B 136 34.92 15.96 -7.84
N GLY B 137 34.39 17.17 -7.90
CA GLY B 137 34.84 18.04 -8.92
C GLY B 137 35.56 19.21 -8.32
N SER B 138 35.35 20.37 -8.92
CA SER B 138 36.01 21.58 -8.46
C SER B 138 35.05 22.68 -8.85
N PHE B 139 34.18 23.01 -7.91
CA PHE B 139 33.18 24.05 -8.09
C PHE B 139 33.34 25.06 -6.98
N ILE B 140 33.14 26.33 -7.30
CA ILE B 140 33.18 27.40 -6.34
C ILE B 140 31.94 28.29 -6.54
N ALA B 141 31.88 29.35 -5.74
CA ALA B 141 30.78 30.30 -5.93
C ALA B 141 30.82 30.86 -7.35
N GLY B 142 29.64 30.97 -7.98
CA GLY B 142 29.57 31.43 -9.35
C GLY B 142 29.49 30.31 -10.38
N THR B 143 29.71 29.06 -9.99
CA THR B 143 29.71 27.96 -10.96
C THR B 143 28.45 27.10 -10.91
N CYS B 144 27.46 27.42 -10.09
CA CYS B 144 26.23 26.64 -10.20
C CYS B 144 25.64 26.80 -11.61
N GLY B 145 24.92 25.78 -12.03
CA GLY B 145 24.43 25.64 -13.38
C GLY B 145 25.48 25.22 -14.38
N SER B 146 26.75 25.02 -13.95
CA SER B 146 27.69 24.30 -14.81
C SER B 146 27.12 22.95 -15.25
N VAL B 147 27.45 22.51 -16.47
CA VAL B 147 26.73 21.46 -17.18
C VAL B 147 27.66 20.24 -17.34
N GLY B 148 27.11 19.07 -17.02
CA GLY B 148 27.76 17.78 -17.31
C GLY B 148 27.08 17.17 -18.53
N TYR B 149 27.89 16.55 -19.37
CA TYR B 149 27.44 15.98 -20.62
C TYR B 149 28.27 14.75 -20.92
N VAL B 150 27.74 13.91 -21.81
CA VAL B 150 28.55 12.81 -22.32
C VAL B 150 28.06 12.52 -23.73
N SER B 151 28.99 12.15 -24.60
CA SER B 151 28.67 11.78 -25.96
C SER B 151 28.89 10.27 -26.11
N GLU B 152 27.86 9.58 -26.60
CA GLU B 152 27.90 8.12 -26.86
C GLU B 152 27.19 7.85 -28.18
N ASN B 153 27.81 7.04 -29.04
CA ASN B 153 27.20 6.68 -30.32
C ASN B 153 26.79 7.94 -31.11
N ALA B 154 27.66 8.96 -31.06
CA ALA B 154 27.47 10.30 -31.66
C ALA B 154 26.16 10.98 -31.18
N THR B 155 25.59 10.50 -30.08
CA THR B 155 24.49 11.17 -29.38
C THR B 155 25.03 11.99 -28.22
N LEU B 156 24.67 13.27 -28.18
CA LEU B 156 25.04 14.14 -27.09
C LEU B 156 23.97 14.10 -25.99
N TYR B 157 24.36 13.74 -24.78
CA TYR B 157 23.47 13.67 -23.63
C TYR B 157 23.87 14.73 -22.63
N PHE B 158 22.89 15.52 -22.18
CA PHE B 158 23.07 16.37 -21.02
C PHE B 158 22.62 15.61 -19.77
N VAL B 159 23.50 15.55 -18.76
CA VAL B 159 23.27 14.62 -17.66
C VAL B 159 23.38 15.27 -16.29
N TYR B 160 23.93 16.48 -16.23
CA TYR B 160 24.20 17.05 -14.91
C TYR B 160 24.10 18.57 -14.94
N MET B 161 23.54 19.16 -13.85
CA MET B 161 23.65 20.58 -13.65
C MET B 161 24.02 20.82 -12.20
N HIS B 162 24.96 21.72 -11.95
CA HIS B 162 25.53 21.82 -10.60
C HIS B 162 24.73 22.71 -9.64
N HIS B 163 24.46 22.20 -8.42
CA HIS B 163 23.70 22.94 -7.40
C HIS B 163 24.45 23.22 -6.12
N LEU B 164 25.31 22.31 -5.60
CA LEU B 164 25.74 22.55 -4.22
C LEU B 164 26.91 21.69 -3.83
N GLU B 165 27.49 22.03 -2.70
CA GLU B 165 28.64 21.30 -2.16
C GLU B 165 28.39 20.93 -0.71
N LEU B 166 28.55 19.64 -0.41
CA LEU B 166 28.32 19.12 0.93
C LEU B 166 29.50 19.49 1.84
N GLY B 167 29.26 19.37 3.15
CA GLY B 167 30.32 19.68 4.10
C GLY B 167 31.60 18.92 3.87
N ASN B 168 31.51 17.71 3.32
CA ASN B 168 32.73 16.93 3.10
C ASN B 168 33.39 17.25 1.77
N GLY B 169 32.91 18.29 1.07
CA GLY B 169 33.44 18.71 -0.21
C GLY B 169 32.88 17.99 -1.42
N SER B 170 32.02 17.00 -1.23
CA SER B 170 31.43 16.33 -2.39
C SER B 170 30.47 17.30 -3.08
N HIS B 171 30.32 17.11 -4.38
CA HIS B 171 29.52 18.02 -5.20
C HIS B 171 28.26 17.33 -5.67
N VAL B 172 27.16 18.09 -5.65
CA VAL B 172 25.83 17.59 -5.81
C VAL B 172 25.15 18.37 -6.93
N GLY B 173 24.57 17.67 -7.88
CA GLY B 173 23.80 18.38 -8.89
C GLY B 173 22.56 17.58 -9.23
N SER B 174 21.86 18.01 -10.26
CA SER B 174 20.63 17.41 -10.69
C SER B 174 20.82 16.88 -12.11
N ASN B 175 19.86 16.07 -12.57
CA ASN B 175 19.82 15.87 -14.00
C ASN B 175 19.05 17.05 -14.61
N LEU B 176 18.84 17.02 -15.90
CA LEU B 176 18.27 18.21 -16.54
C LEU B 176 16.76 18.17 -16.50
N GLU B 177 16.20 17.12 -15.89
CA GLU B 177 14.77 17.07 -15.57
C GLU B 177 14.48 17.61 -14.18
N GLY B 178 15.50 18.09 -13.47
CA GLY B 178 15.32 18.63 -12.13
C GLY B 178 15.24 17.62 -11.00
N GLU B 179 15.73 16.40 -11.19
CA GLU B 179 15.81 15.45 -10.08
C GLU B 179 17.21 15.45 -9.53
N MET B 180 17.36 15.80 -8.25
CA MET B 180 18.71 15.86 -7.67
C MET B 180 19.32 14.48 -7.53
N TYR B 181 20.56 14.36 -8.01
CA TYR B 181 21.30 13.10 -7.78
C TYR B 181 21.42 12.83 -6.29
N GLY B 182 21.28 11.56 -5.90
CA GLY B 182 21.47 11.16 -4.52
C GLY B 182 20.34 11.56 -3.62
N GLY B 183 19.29 12.16 -4.18
CA GLY B 183 18.17 12.62 -3.37
C GLY B 183 18.46 13.78 -2.45
N TYR B 184 19.53 14.51 -2.67
CA TYR B 184 19.80 15.65 -1.82
C TYR B 184 18.81 16.78 -2.09
N GLU B 185 18.70 17.68 -1.13
CA GLU B 185 17.85 18.87 -1.24
C GLU B 185 18.67 20.09 -1.57
N ASP B 186 18.05 21.04 -2.29
CA ASP B 186 18.74 22.29 -2.60
C ASP B 186 18.52 23.31 -1.48
N GLN B 187 19.09 22.98 -0.33
CA GLN B 187 18.95 23.76 0.88
C GLN B 187 20.31 23.85 1.53
N PRO B 188 20.64 24.95 2.17
CA PRO B 188 21.89 25.08 2.90
C PRO B 188 21.83 24.40 4.26
N SER B 189 21.40 23.17 4.27
CA SER B 189 21.28 22.44 5.52
C SER B 189 22.26 21.28 5.52
N MET B 190 22.68 20.86 6.71
CA MET B 190 23.61 19.74 6.82
C MET B 190 22.95 18.46 6.31
N GLN B 191 23.53 17.90 5.25
CA GLN B 191 23.11 16.63 4.68
C GLN B 191 24.35 15.78 4.60
N LEU B 192 24.20 14.52 4.92
CA LEU B 192 25.37 13.65 4.97
C LEU B 192 25.45 12.76 3.75
N GLU B 193 26.68 12.37 3.42
CA GLU B 193 26.92 11.39 2.37
C GLU B 193 27.20 10.05 3.04
N GLY B 194 26.53 9.01 2.56
CA GLY B 194 26.83 7.67 3.04
C GLY B 194 28.24 7.21 2.70
N THR B 195 28.51 5.96 3.04
CA THR B 195 29.82 5.39 2.75
C THR B 195 30.02 5.31 1.24
N ASN B 196 31.16 5.80 0.76
CA ASN B 196 31.49 5.69 -0.65
C ASN B 196 31.80 4.25 -1.04
N VAL B 197 31.12 3.71 -2.06
CA VAL B 197 31.41 2.34 -2.52
C VAL B 197 32.18 2.43 -3.84
N MET B 198 33.44 1.93 -3.86
CA MET B 198 34.31 2.08 -5.02
C MET B 198 33.83 1.18 -6.13
N SER B 199 33.94 1.66 -7.37
CA SER B 199 33.60 0.85 -8.53
C SER B 199 34.69 -0.20 -8.78
N SER B 200 34.34 -1.47 -8.67
CA SER B 200 35.34 -2.56 -8.91
C SER B 200 35.72 -2.65 -10.37
N ASP B 201 34.73 -2.48 -11.28
CA ASP B 201 35.01 -2.43 -12.72
C ASP B 201 36.08 -1.39 -12.99
N ASN B 202 35.92 -0.23 -12.38
CA ASN B 202 36.81 0.86 -12.69
C ASN B 202 38.20 0.62 -12.11
N VAL B 203 38.28 0.06 -10.90
CA VAL B 203 39.57 -0.17 -10.28
C VAL B 203 40.33 -1.24 -11.06
N VAL B 204 39.63 -2.27 -11.56
CA VAL B 204 40.32 -3.24 -12.43
C VAL B 204 40.87 -2.53 -13.68
N ALA B 205 40.04 -1.66 -14.28
CA ALA B 205 40.54 -0.92 -15.45
C ALA B 205 41.78 -0.10 -15.15
N PHE B 206 41.78 0.57 -14.01
CA PHE B 206 42.92 1.35 -13.57
C PHE B 206 44.18 0.47 -13.47
N LEU B 207 44.06 -0.69 -12.84
CA LEU B 207 45.22 -1.58 -12.75
C LEU B 207 45.70 -2.06 -14.12
N TYR B 208 44.78 -2.33 -15.07
CA TYR B 208 45.19 -2.67 -16.43
C TYR B 208 45.95 -1.51 -17.07
N ALA B 209 45.47 -0.28 -16.86
CA ALA B 209 46.22 0.87 -17.34
C ALA B 209 47.62 0.91 -16.78
N ALA B 210 47.76 0.62 -15.49
CA ALA B 210 49.09 0.57 -14.88
C ALA B 210 49.98 -0.48 -15.55
N LEU B 211 49.43 -1.69 -15.75
CA LEU B 211 50.19 -2.76 -16.41
C LEU B 211 50.67 -2.34 -17.79
N ILE B 212 49.77 -1.67 -18.54
CA ILE B 212 50.09 -1.28 -19.90
C ILE B 212 51.22 -0.27 -19.88
N ASN B 213 51.28 0.54 -18.84
CA ASN B 213 52.25 1.59 -18.66
C ASN B 213 53.47 1.09 -17.90
N GLY B 214 53.64 -0.23 -17.84
CA GLY B 214 54.83 -0.86 -17.28
C GLY B 214 54.88 -1.04 -15.77
N GLU B 215 53.82 -0.70 -15.03
CA GLU B 215 53.78 -0.87 -13.57
C GLU B 215 53.10 -2.21 -13.29
N ARG B 216 53.86 -3.13 -12.68
CA ARG B 216 53.35 -4.48 -12.47
C ARG B 216 53.79 -5.06 -11.13
N TRP B 217 54.30 -4.23 -10.22
CA TRP B 217 54.79 -4.73 -8.93
C TRP B 217 53.70 -5.30 -8.04
N PHE B 218 52.43 -4.97 -8.31
CA PHE B 218 51.32 -5.43 -7.47
C PHE B 218 50.77 -6.79 -7.87
N VAL B 219 51.17 -7.33 -9.01
CA VAL B 219 50.73 -8.65 -9.44
C VAL B 219 51.70 -9.66 -8.84
N THR B 220 51.13 -10.70 -8.22
CA THR B 220 51.92 -11.77 -7.60
C THR B 220 51.42 -13.12 -8.11
N ASN B 221 51.97 -14.22 -7.57
CA ASN B 221 51.54 -15.53 -8.04
C ASN B 221 50.26 -15.96 -7.35
N THR B 222 49.39 -15.01 -7.08
CA THR B 222 48.16 -15.31 -6.39
C THR B 222 47.01 -14.79 -7.26
N SER B 223 45.85 -15.42 -7.16
CA SER B 223 44.73 -15.07 -8.04
C SER B 223 43.47 -15.36 -7.25
N MET B 224 42.42 -14.53 -7.36
CA MET B 224 41.24 -14.70 -6.52
C MET B 224 39.99 -14.83 -7.38
N SER B 225 39.15 -15.83 -7.09
CA SER B 225 38.07 -16.14 -7.99
C SER B 225 37.00 -15.03 -7.93
N LEU B 226 36.20 -14.98 -8.98
CA LEU B 226 35.19 -13.90 -9.15
C LEU B 226 34.19 -13.87 -7.98
N GLU B 227 33.60 -15.03 -7.64
CA GLU B 227 32.68 -15.04 -6.50
C GLU B 227 33.38 -14.71 -5.21
N SER B 228 34.64 -15.23 -5.01
CA SER B 228 35.35 -14.89 -3.79
C SER B 228 35.55 -13.38 -3.66
N TYR B 229 35.99 -12.75 -4.75
CA TYR B 229 36.15 -11.30 -4.73
C TYR B 229 34.83 -10.58 -4.41
N ASN B 230 33.74 -11.06 -5.00
CA ASN B 230 32.45 -10.35 -4.82
C ASN B 230 31.95 -10.47 -3.38
N THR B 231 32.21 -11.62 -2.72
CA THR B 231 31.87 -11.71 -1.30
C THR B 231 32.72 -10.74 -0.46
N TRP B 232 34.01 -10.65 -0.76
CA TRP B 232 34.87 -9.69 -0.07
C TRP B 232 34.35 -8.26 -0.29
N ALA B 233 33.96 -7.95 -1.52
CA ALA B 233 33.62 -6.58 -1.87
C ALA B 233 32.42 -6.12 -1.06
N LYS B 234 31.45 -7.03 -0.86
CA LYS B 234 30.23 -6.74 -0.10
C LYS B 234 30.50 -6.19 1.29
N THR B 235 31.62 -6.55 1.94
CA THR B 235 31.85 -5.99 3.26
C THR B 235 33.03 -5.06 3.30
N ASN B 236 33.57 -4.63 2.14
CA ASN B 236 34.73 -3.77 2.09
C ASN B 236 34.49 -2.53 1.22
N SER B 237 33.24 -2.15 1.01
CA SER B 237 32.91 -0.91 0.28
C SER B 237 33.45 -0.92 -1.16
N PHE B 238 33.23 -2.04 -1.85
CA PHE B 238 33.48 -2.17 -3.27
C PHE B 238 32.24 -2.78 -3.91
N THR B 239 32.00 -2.45 -5.19
CA THR B 239 30.89 -3.07 -5.91
C THR B 239 31.20 -4.49 -6.35
N GLU B 240 30.13 -5.23 -6.60
CA GLU B 240 30.31 -6.58 -7.14
C GLU B 240 30.53 -6.50 -8.64
N LEU B 241 31.46 -7.32 -9.11
CA LEU B 241 31.79 -7.42 -10.53
C LEU B 241 30.92 -8.50 -11.14
N SER B 242 30.09 -8.13 -12.10
CA SER B 242 29.11 -9.06 -12.66
C SER B 242 29.78 -10.19 -13.44
N SER B 243 30.87 -9.88 -14.13
CA SER B 243 31.62 -10.85 -14.94
C SER B 243 32.96 -10.21 -15.29
N THR B 244 33.90 -11.01 -15.81
CA THR B 244 35.17 -10.45 -16.26
C THR B 244 35.15 -10.14 -17.76
N ASP B 245 33.96 -10.19 -18.39
CA ASP B 245 33.89 -10.14 -19.85
C ASP B 245 34.35 -8.80 -20.41
N ALA B 246 34.17 -7.71 -19.66
CA ALA B 246 34.54 -6.41 -20.18
C ALA B 246 36.04 -6.26 -20.38
N PHE B 247 36.84 -7.18 -19.82
CA PHE B 247 38.29 -7.05 -19.79
C PHE B 247 38.99 -7.99 -20.74
N SER B 248 38.24 -8.68 -21.60
CA SER B 248 38.86 -9.73 -22.43
C SER B 248 40.02 -9.18 -23.23
N MET B 249 39.86 -7.97 -23.77
CA MET B 249 40.93 -7.44 -24.61
C MET B 249 42.12 -6.99 -23.76
N LEU B 250 41.85 -6.32 -22.63
CA LEU B 250 42.93 -5.90 -21.74
C LEU B 250 43.69 -7.10 -21.16
N ALA B 251 42.96 -8.18 -20.77
CA ALA B 251 43.63 -9.37 -20.27
C ALA B 251 44.49 -10.03 -21.36
N ALA B 252 44.00 -10.00 -22.62
CA ALA B 252 44.76 -10.58 -23.71
C ALA B 252 46.03 -9.77 -24.02
N LYS B 253 45.91 -8.44 -23.95
CA LYS B 253 47.03 -7.58 -24.28
C LYS B 253 48.12 -7.63 -23.21
N THR B 254 47.75 -7.76 -21.95
CA THR B 254 48.68 -7.66 -20.84
C THR B 254 49.14 -9.02 -20.35
N GLY B 255 48.42 -10.07 -20.75
CA GLY B 255 48.67 -11.41 -20.24
C GLY B 255 48.30 -11.59 -18.77
N GLN B 256 47.57 -10.66 -18.16
CA GLN B 256 47.17 -10.77 -16.76
C GLN B 256 45.65 -10.95 -16.69
N SER B 257 45.19 -12.02 -16.01
CA SER B 257 43.76 -12.25 -15.90
C SER B 257 43.10 -11.28 -14.92
N VAL B 258 41.79 -11.10 -15.05
CA VAL B 258 41.10 -10.25 -14.09
C VAL B 258 41.29 -10.79 -12.68
N GLU B 259 41.26 -12.14 -12.52
CA GLU B 259 41.34 -12.70 -11.18
C GLU B 259 42.69 -12.42 -10.51
N LYS B 260 43.78 -12.28 -11.28
CA LYS B 260 45.03 -11.81 -10.67
C LYS B 260 44.91 -10.38 -10.15
N LEU B 261 44.18 -9.50 -10.87
CA LEU B 261 44.01 -8.14 -10.37
C LEU B 261 42.96 -8.05 -9.25
N LEU B 262 42.01 -8.99 -9.17
CA LEU B 262 41.09 -8.96 -8.04
C LEU B 262 41.87 -9.25 -6.76
N ASP B 263 42.82 -10.20 -6.82
CA ASP B 263 43.69 -10.39 -5.67
C ASP B 263 44.53 -9.14 -5.39
N SER B 264 44.98 -8.43 -6.44
CA SER B 264 45.77 -7.22 -6.24
C SER B 264 44.93 -6.16 -5.52
N ILE B 265 43.65 -6.08 -5.86
CA ILE B 265 42.79 -5.09 -5.20
C ILE B 265 42.71 -5.36 -3.71
N VAL B 266 42.46 -6.62 -3.34
CA VAL B 266 42.31 -6.94 -1.92
C VAL B 266 43.61 -6.60 -1.19
N ARG B 267 44.77 -6.87 -1.81
CA ARG B 267 46.02 -6.52 -1.14
C ARG B 267 46.27 -5.01 -1.13
N LEU B 268 46.02 -4.32 -2.26
CA LEU B 268 46.34 -2.90 -2.31
C LEU B 268 45.35 -2.06 -1.48
N ASN B 269 44.14 -2.57 -1.26
CA ASN B 269 43.18 -1.85 -0.43
C ASN B 269 43.72 -1.68 0.99
N LYS B 270 44.60 -2.60 1.42
CA LYS B 270 45.28 -2.52 2.71
C LYS B 270 46.39 -1.48 2.71
N GLY B 271 46.88 -1.08 1.55
CA GLY B 271 47.86 -0.01 1.41
C GLY B 271 48.88 -0.34 0.35
N PHE B 272 49.50 0.69 -0.20
CA PHE B 272 50.47 0.54 -1.29
C PHE B 272 51.89 0.26 -0.80
N GLY B 273 52.15 0.35 0.51
CA GLY B 273 53.48 0.16 1.03
C GLY B 273 54.50 1.14 0.50
N GLY B 274 54.12 2.41 0.35
CA GLY B 274 55.04 3.46 -0.06
C GLY B 274 55.20 3.61 -1.55
N ARG B 275 54.92 2.58 -2.33
CA ARG B 275 54.97 2.67 -3.78
C ARG B 275 53.73 3.37 -4.31
N THR B 276 53.84 3.87 -5.52
CA THR B 276 52.72 4.50 -6.20
C THR B 276 52.35 3.72 -7.44
N ILE B 277 51.17 4.01 -7.96
CA ILE B 277 50.66 3.40 -9.17
C ILE B 277 50.15 4.58 -10.00
N LEU B 278 50.88 4.92 -11.06
CA LEU B 278 50.57 6.07 -11.91
C LEU B 278 50.40 7.34 -11.08
N SER B 279 51.34 7.56 -10.16
CA SER B 279 51.40 8.71 -9.24
C SER B 279 50.30 8.72 -8.18
N TYR B 280 49.46 7.69 -8.10
CA TYR B 280 48.45 7.57 -7.04
C TYR B 280 49.01 6.82 -5.85
N GLY B 281 48.55 7.19 -4.67
CA GLY B 281 48.88 6.50 -3.45
C GLY B 281 47.80 5.60 -2.89
N SER B 282 46.65 5.53 -3.57
CA SER B 282 45.57 4.63 -3.23
C SER B 282 44.85 4.27 -4.53
N LEU B 283 44.00 3.26 -4.47
CA LEU B 283 43.29 2.79 -5.65
C LEU B 283 42.40 3.90 -6.21
N CYS B 284 42.25 3.91 -7.53
CA CYS B 284 41.48 4.95 -8.23
C CYS B 284 40.32 4.28 -8.96
N ASP B 285 39.07 4.74 -8.72
CA ASP B 285 37.93 4.17 -9.44
C ASP B 285 37.30 5.17 -10.43
N GLU B 286 38.07 6.14 -10.89
CA GLU B 286 37.52 7.22 -11.74
C GLU B 286 37.56 6.92 -13.24
N PHE B 287 38.25 5.86 -13.68
CA PHE B 287 38.34 5.47 -15.08
C PHE B 287 37.53 4.20 -15.31
N THR B 288 36.68 4.21 -16.33
CA THR B 288 35.94 3.03 -16.72
C THR B 288 36.75 2.14 -17.65
N PRO B 289 36.35 0.87 -17.80
CA PRO B 289 37.01 0.01 -18.78
C PRO B 289 37.04 0.65 -20.16
N THR B 290 35.93 1.34 -20.57
CA THR B 290 35.89 1.96 -21.88
C THR B 290 36.88 3.09 -21.99
N GLU B 291 36.92 3.92 -20.94
CA GLU B 291 37.84 5.03 -20.90
C GLU B 291 39.26 4.58 -21.09
N VAL B 292 39.63 3.51 -20.38
CA VAL B 292 41.00 3.02 -20.47
C VAL B 292 41.28 2.49 -21.86
N ILE B 293 40.35 1.72 -22.42
CA ILE B 293 40.59 1.10 -23.72
C ILE B 293 40.74 2.15 -24.82
N ARG B 294 39.89 3.19 -24.78
CA ARG B 294 39.98 4.26 -25.79
C ARG B 294 41.30 4.99 -25.71
N GLN B 295 41.73 5.31 -24.50
CA GLN B 295 42.93 6.08 -24.30
C GLN B 295 44.18 5.24 -24.61
N MET B 296 44.19 3.95 -24.22
CA MET B 296 45.38 3.10 -24.45
C MET B 296 45.46 2.60 -25.88
N TYR B 297 44.32 2.36 -26.55
CA TYR B 297 44.33 1.71 -27.85
C TYR B 297 43.60 2.44 -28.94
N GLY B 298 42.90 3.55 -28.64
CA GLY B 298 42.17 4.25 -29.67
C GLY B 298 41.04 3.45 -30.26
N VAL B 299 40.45 2.54 -29.48
CA VAL B 299 39.49 1.55 -29.95
C VAL B 299 38.08 1.75 -29.35
N SER C 1 2.28 -26.12 -4.53
CA SER C 1 1.27 -25.18 -5.05
C SER C 1 0.58 -24.38 -3.90
N GLY C 2 -0.31 -23.46 -4.28
CA GLY C 2 -0.92 -22.56 -3.32
C GLY C 2 -0.36 -21.14 -3.45
N LEU C 3 -1.18 -20.16 -3.05
CA LEU C 3 -0.74 -18.77 -2.95
C LEU C 3 -1.36 -18.16 -1.69
N ARG C 4 -0.52 -17.76 -0.74
CA ARG C 4 -0.92 -16.98 0.43
C ARG C 4 -0.11 -15.69 0.47
N LYS C 5 -0.71 -14.63 1.00
CA LYS C 5 0.11 -13.44 1.31
C LYS C 5 0.98 -13.80 2.53
N MET C 6 2.28 -13.66 2.38
CA MET C 6 3.21 -14.09 3.43
C MET C 6 4.02 -12.92 3.98
N ALA C 7 4.62 -13.13 5.16
CA ALA C 7 5.60 -12.20 5.71
C ALA C 7 6.96 -12.87 5.78
N GLN C 8 8.00 -12.06 5.63
CA GLN C 8 9.33 -12.54 5.91
C GLN C 8 9.49 -12.69 7.42
N PRO C 9 10.36 -13.58 7.86
CA PRO C 9 10.44 -13.85 9.30
C PRO C 9 10.85 -12.62 10.09
N SER C 10 10.43 -12.59 11.35
CA SER C 10 10.44 -11.38 12.16
C SER C 10 11.51 -11.37 13.25
N GLY C 11 12.34 -12.44 13.34
CA GLY C 11 13.26 -12.58 14.49
C GLY C 11 14.20 -11.41 14.74
N LEU C 12 14.72 -10.77 13.69
CA LEU C 12 15.63 -9.64 13.89
C LEU C 12 14.94 -8.37 14.36
N VAL C 13 13.64 -8.24 14.11
CA VAL C 13 12.91 -7.02 14.43
C VAL C 13 12.33 -7.07 15.83
N GLU C 14 11.84 -8.26 16.25
CA GLU C 14 11.18 -8.40 17.54
C GLU C 14 11.96 -7.80 18.69
N PRO C 15 13.27 -8.01 18.83
CA PRO C 15 13.95 -7.48 20.01
C PRO C 15 14.07 -5.95 20.00
N CYS C 16 13.64 -5.26 18.95
CA CYS C 16 13.73 -3.81 18.90
C CYS C 16 12.46 -3.10 19.30
N ILE C 17 11.42 -3.82 19.65
CA ILE C 17 10.15 -3.20 19.96
C ILE C 17 10.07 -2.89 21.44
N VAL C 18 9.70 -1.64 21.77
CA VAL C 18 9.48 -1.21 23.15
C VAL C 18 8.11 -0.56 23.28
N ARG C 19 7.60 -0.54 24.51
CA ARG C 19 6.38 0.16 24.84
C ARG C 19 6.75 1.60 25.17
N VAL C 20 6.05 2.56 24.56
CA VAL C 20 6.23 3.98 24.86
C VAL C 20 4.90 4.59 25.26
N SER C 21 4.81 5.14 26.48
CA SER C 21 3.63 5.88 26.86
C SER C 21 4.04 7.26 27.33
N TYR C 22 3.04 8.15 27.29
CA TYR C 22 3.12 9.54 27.74
C TYR C 22 1.71 9.97 28.05
N GLY C 23 1.46 10.36 29.30
CA GLY C 23 0.07 10.60 29.67
C GLY C 23 -0.76 9.38 29.37
N ASN C 24 -1.91 9.62 28.74
CA ASN C 24 -2.88 8.58 28.42
C ASN C 24 -2.55 7.80 27.15
N ASN C 25 -1.52 8.18 26.44
CA ASN C 25 -1.23 7.58 25.14
C ASN C 25 -0.22 6.46 25.31
N VAL C 26 -0.50 5.33 24.69
CA VAL C 26 0.41 4.18 24.68
C VAL C 26 0.58 3.70 23.26
N LEU C 27 1.83 3.55 22.83
CA LEU C 27 2.12 2.98 21.51
C LEU C 27 3.46 2.26 21.58
N ASN C 28 4.05 2.01 20.42
CA ASN C 28 5.26 1.25 20.25
C ASN C 28 6.35 2.18 19.77
N GLY C 29 7.57 1.86 20.17
CA GLY C 29 8.76 2.50 19.68
C GLY C 29 9.73 1.48 19.12
N LEU C 30 10.65 1.93 18.27
CA LEU C 30 11.68 1.12 17.66
C LEU C 30 13.01 1.51 18.31
N TRP C 31 13.61 0.56 19.04
CA TRP C 31 14.77 0.79 19.88
C TRP C 31 16.00 0.26 19.15
N LEU C 32 16.87 1.18 18.70
CA LEU C 32 18.09 0.84 17.97
C LEU C 32 19.22 1.69 18.53
N GLY C 33 20.32 1.04 18.90
CA GLY C 33 21.37 1.79 19.60
C GLY C 33 20.78 2.41 20.86
N ASP C 34 21.05 3.71 21.07
CA ASP C 34 20.55 4.39 22.25
C ASP C 34 19.37 5.32 21.92
N GLU C 35 18.66 5.03 20.82
CA GLU C 35 17.56 5.85 20.35
C GLU C 35 16.29 5.01 20.31
N VAL C 36 15.15 5.65 20.62
CA VAL C 36 13.84 5.03 20.39
C VAL C 36 13.07 5.97 19.48
N ILE C 37 12.60 5.47 18.33
CA ILE C 37 11.81 6.27 17.40
C ILE C 37 10.36 5.88 17.56
N CYS C 38 9.46 6.85 17.67
CA CYS C 38 8.05 6.54 17.79
C CYS C 38 7.25 7.67 17.17
N PRO C 39 5.96 7.45 16.89
CA PRO C 39 5.12 8.54 16.36
C PRO C 39 5.05 9.68 17.36
N ARG C 40 5.14 10.91 16.87
CA ARG C 40 5.17 12.04 17.81
C ARG C 40 3.81 12.29 18.48
N HIS C 41 2.68 11.80 17.94
CA HIS C 41 1.45 12.09 18.66
C HIS C 41 1.38 11.44 20.05
N VAL C 42 2.36 10.64 20.44
CA VAL C 42 2.35 10.11 21.81
C VAL C 42 2.38 11.23 22.84
N ILE C 43 2.95 12.40 22.52
CA ILE C 43 2.94 13.48 23.52
C ILE C 43 1.79 14.45 23.34
N ALA C 44 0.84 14.18 22.46
CA ALA C 44 -0.33 15.05 22.30
C ALA C 44 -1.25 14.90 23.51
N SER C 45 -1.67 16.00 24.11
CA SER C 45 -2.54 15.84 25.26
C SER C 45 -3.92 15.33 24.87
N ASP C 46 -4.33 15.53 23.61
CA ASP C 46 -5.65 15.10 23.13
C ASP C 46 -5.53 14.76 21.65
N THR C 47 -5.43 13.46 21.33
CA THR C 47 -5.25 13.07 19.95
C THR C 47 -6.54 13.18 19.15
N THR C 48 -7.67 13.45 19.80
CA THR C 48 -8.95 13.57 19.13
C THR C 48 -9.29 14.99 18.72
N ARG C 49 -8.43 15.96 19.05
CA ARG C 49 -8.63 17.34 18.66
C ARG C 49 -7.36 17.80 17.94
N VAL C 50 -7.49 18.86 17.13
CA VAL C 50 -6.33 19.36 16.39
C VAL C 50 -5.18 19.60 17.35
N ILE C 51 -3.98 19.18 16.96
CA ILE C 51 -2.81 19.21 17.84
C ILE C 51 -1.87 20.31 17.39
N ASN C 52 -1.44 21.15 18.33
CA ASN C 52 -0.35 22.10 18.12
C ASN C 52 0.94 21.45 18.57
N TYR C 53 1.70 20.90 17.63
CA TYR C 53 2.88 20.11 18.00
C TYR C 53 3.97 20.99 18.57
N GLU C 54 4.02 22.26 18.17
CA GLU C 54 4.95 23.19 18.79
C GLU C 54 4.66 23.35 20.28
N ASN C 55 3.40 23.63 20.63
CA ASN C 55 3.07 23.72 22.04
C ASN C 55 3.39 22.41 22.78
N GLU C 56 3.05 21.25 22.18
CA GLU C 56 3.27 19.98 22.89
C GLU C 56 4.75 19.78 23.19
N MET C 57 5.62 20.05 22.22
CA MET C 57 7.05 19.90 22.49
C MET C 57 7.52 20.88 23.56
N SER C 58 6.98 22.11 23.58
CA SER C 58 7.44 23.08 24.57
C SER C 58 7.07 22.67 25.99
N SER C 59 5.93 22.00 26.17
CA SER C 59 5.46 21.57 27.49
C SER C 59 5.97 20.20 27.92
N VAL C 60 6.74 19.52 27.06
CA VAL C 60 7.05 18.12 27.35
C VAL C 60 7.91 18.05 28.59
N ARG C 61 7.70 17.00 29.40
CA ARG C 61 8.58 16.69 30.55
C ARG C 61 9.07 15.26 30.40
N LEU C 62 10.39 15.08 30.37
CA LEU C 62 10.93 13.76 30.08
C LEU C 62 10.52 12.72 31.12
N HIS C 63 10.29 13.15 32.36
CA HIS C 63 9.93 12.25 33.45
C HIS C 63 8.52 11.67 33.27
N ASN C 64 7.73 12.19 32.33
CA ASN C 64 6.40 11.69 32.02
C ASN C 64 6.41 10.48 31.09
N PHE C 65 7.52 10.24 30.38
CA PHE C 65 7.63 9.08 29.51
C PHE C 65 7.76 7.80 30.33
N SER C 66 7.15 6.71 29.87
CA SER C 66 7.48 5.35 30.29
C SER C 66 7.90 4.58 29.04
N VAL C 67 9.14 4.11 29.01
CA VAL C 67 9.65 3.28 27.92
C VAL C 67 10.13 1.96 28.55
N SER C 68 9.62 0.83 28.04
CA SER C 68 9.92 -0.45 28.71
C SER C 68 9.86 -1.62 27.74
N LYS C 69 10.53 -2.71 28.11
CA LYS C 69 10.57 -3.96 27.36
C LYS C 69 10.88 -5.05 28.36
N ASN C 70 9.95 -5.99 28.54
CA ASN C 70 10.12 -7.08 29.51
C ASN C 70 10.40 -6.45 30.87
N ASN C 71 11.50 -6.77 31.52
CA ASN C 71 11.86 -6.25 32.84
C ASN C 71 12.77 -5.03 32.74
N VAL C 72 12.93 -4.42 31.56
CA VAL C 72 13.82 -3.30 31.37
C VAL C 72 12.98 -2.02 31.28
N PHE C 73 13.36 -1.00 32.07
CA PHE C 73 12.79 0.34 31.95
C PHE C 73 13.85 1.26 31.36
N LEU C 74 13.46 2.09 30.38
CA LEU C 74 14.42 2.90 29.65
C LEU C 74 14.14 4.38 29.95
N GLY C 75 15.14 5.05 30.52
CA GLY C 75 15.01 6.47 30.83
C GLY C 75 15.28 7.33 29.61
N VAL C 76 14.43 8.33 29.41
CA VAL C 76 14.54 9.25 28.27
C VAL C 76 15.43 10.40 28.68
N VAL C 77 16.53 10.59 27.98
CA VAL C 77 17.43 11.69 28.30
C VAL C 77 17.21 12.93 27.43
N SER C 78 16.54 12.81 26.29
CA SER C 78 16.24 13.94 25.40
C SER C 78 15.19 13.49 24.38
N ALA C 79 14.45 14.45 23.84
CA ALA C 79 13.37 14.17 22.89
C ALA C 79 13.33 15.25 21.82
N LYS C 80 13.29 14.83 20.55
CA LYS C 80 13.34 15.72 19.40
C LYS C 80 12.34 15.25 18.34
N TYR C 81 11.69 16.17 17.63
CA TYR C 81 10.89 15.78 16.46
C TYR C 81 11.83 15.50 15.29
N LYS C 82 11.48 14.51 14.48
CA LYS C 82 12.07 14.31 13.15
C LYS C 82 10.90 14.01 12.22
N GLY C 83 10.48 15.03 11.46
CA GLY C 83 9.19 14.99 10.78
C GLY C 83 8.06 14.65 11.74
N VAL C 84 7.33 13.57 11.42
CA VAL C 84 6.19 13.23 12.25
C VAL C 84 6.57 12.22 13.32
N ASN C 85 7.86 11.93 13.44
CA ASN C 85 8.31 11.02 14.48
C ASN C 85 8.96 11.79 15.63
N LEU C 86 8.93 11.19 16.82
CA LEU C 86 9.77 11.55 17.95
C LEU C 86 11.01 10.67 17.94
N VAL C 87 12.17 11.27 18.21
CA VAL C 87 13.40 10.53 18.42
C VAL C 87 13.80 10.74 19.88
N LEU C 88 13.73 9.68 20.67
CA LEU C 88 14.06 9.69 22.09
C LEU C 88 15.44 9.07 22.30
N LYS C 89 16.40 9.89 22.75
CA LYS C 89 17.64 9.31 23.29
C LYS C 89 17.34 8.71 24.66
N VAL C 90 17.77 7.45 24.86
CA VAL C 90 17.47 6.72 26.09
C VAL C 90 18.79 6.34 26.77
N ASN C 91 18.70 6.01 28.06
CA ASN C 91 19.86 5.77 28.93
C ASN C 91 20.41 4.36 28.86
N GLN C 92 20.12 3.61 27.79
CA GLN C 92 20.70 2.29 27.61
C GLN C 92 20.69 1.94 26.13
N VAL C 93 21.77 1.31 25.66
CA VAL C 93 21.88 0.85 24.27
C VAL C 93 21.20 -0.50 24.11
N ASN C 94 20.40 -0.64 23.05
CA ASN C 94 19.81 -1.95 22.71
C ASN C 94 20.88 -2.98 22.38
N PRO C 95 21.09 -3.99 23.25
CA PRO C 95 22.13 -4.99 22.97
C PRO C 95 21.80 -5.88 21.79
N ASN C 96 20.53 -5.90 21.34
CA ASN C 96 20.14 -6.76 20.22
C ASN C 96 19.80 -5.92 19.00
N THR C 97 20.55 -4.84 18.78
CA THR C 97 20.32 -4.01 17.60
C THR C 97 20.84 -4.77 16.40
N PRO C 98 20.02 -5.06 15.42
CA PRO C 98 20.52 -5.74 14.22
C PRO C 98 21.16 -4.76 13.26
N GLU C 99 22.04 -5.29 12.42
CA GLU C 99 22.53 -4.53 11.27
C GLU C 99 21.32 -4.15 10.43
N HIS C 100 21.26 -2.90 9.96
CA HIS C 100 20.05 -2.44 9.29
C HIS C 100 20.31 -1.17 8.48
N LYS C 101 19.36 -0.90 7.56
CA LYS C 101 19.30 0.34 6.81
C LYS C 101 17.86 0.84 6.83
N PHE C 102 17.64 2.05 6.30
CA PHE C 102 16.32 2.63 6.15
C PHE C 102 16.08 2.91 4.68
N LYS C 103 14.87 2.67 4.20
CA LYS C 103 14.52 3.06 2.84
C LYS C 103 13.02 3.28 2.79
N SER C 104 12.56 3.88 1.69
CA SER C 104 11.13 4.17 1.52
C SER C 104 10.52 3.22 0.49
N ILE C 105 9.27 2.82 0.74
CA ILE C 105 8.49 1.97 -0.16
C ILE C 105 7.72 2.83 -1.15
N LYS C 106 7.60 2.35 -2.40
CA LYS C 106 6.83 3.00 -3.46
C LYS C 106 5.53 2.25 -3.70
N ALA C 107 4.57 2.93 -4.32
CA ALA C 107 3.28 2.29 -4.61
C ALA C 107 3.51 0.99 -5.37
N GLY C 108 2.71 -0.02 -5.06
CA GLY C 108 2.86 -1.31 -5.70
C GLY C 108 3.85 -2.25 -5.05
N GLU C 109 4.69 -1.79 -4.13
CA GLU C 109 5.70 -2.63 -3.49
C GLU C 109 5.19 -3.31 -2.21
N SER C 110 5.68 -4.53 -1.98
CA SER C 110 5.24 -5.31 -0.82
C SER C 110 6.24 -5.16 0.33
N PHE C 111 5.74 -5.26 1.56
CA PHE C 111 6.63 -5.28 2.70
C PHE C 111 5.91 -5.98 3.86
N ASN C 112 6.58 -6.04 5.02
CA ASN C 112 6.09 -6.81 6.17
C ASN C 112 5.73 -5.87 7.31
N ILE C 113 4.64 -6.18 8.01
CA ILE C 113 4.28 -5.47 9.23
C ILE C 113 4.48 -6.36 10.43
N LEU C 114 5.19 -5.87 11.44
CA LEU C 114 5.18 -6.49 12.78
C LEU C 114 4.17 -5.69 13.58
N ALA C 115 2.99 -6.28 13.77
CA ALA C 115 1.93 -5.62 14.50
C ALA C 115 2.21 -5.76 15.98
N CYS C 116 2.33 -4.62 16.66
CA CYS C 116 2.77 -4.53 18.04
C CYS C 116 1.67 -3.88 18.85
N TYR C 117 1.38 -4.46 20.03
CA TYR C 117 0.22 -4.05 20.84
C TYR C 117 0.76 -3.56 22.17
N GLU C 118 0.77 -2.24 22.35
CA GLU C 118 1.30 -1.62 23.57
C GLU C 118 2.62 -2.22 24.00
N GLY C 119 3.57 -2.35 23.05
CA GLY C 119 4.92 -2.78 23.29
C GLY C 119 5.19 -4.25 22.99
N CYS C 120 4.18 -5.03 22.76
CA CYS C 120 4.36 -6.48 22.66
C CYS C 120 4.18 -6.94 21.23
N PRO C 121 5.22 -7.42 20.54
CA PRO C 121 5.00 -7.94 19.17
C PRO C 121 3.96 -9.05 19.18
N GLY C 122 2.91 -8.87 18.37
CA GLY C 122 1.81 -9.79 18.42
C GLY C 122 1.64 -10.61 17.16
N SER C 123 1.85 -10.01 16.00
CA SER C 123 1.58 -10.77 14.81
C SER C 123 2.45 -10.20 13.70
N VAL C 124 2.60 -10.96 12.63
CA VAL C 124 3.39 -10.52 11.49
C VAL C 124 2.60 -10.86 10.22
N TYR C 125 2.50 -9.91 9.28
CA TYR C 125 1.75 -10.15 8.06
C TYR C 125 2.27 -9.22 6.96
N GLY C 126 1.98 -9.59 5.72
CA GLY C 126 2.47 -8.89 4.55
C GLY C 126 1.45 -7.89 4.02
N VAL C 127 1.94 -6.79 3.47
CA VAL C 127 1.10 -5.74 2.92
C VAL C 127 1.66 -5.29 1.57
N ASN C 128 0.91 -4.39 0.92
CA ASN C 128 1.33 -3.81 -0.35
C ASN C 128 0.97 -2.32 -0.35
N MET C 129 1.93 -1.47 -0.73
CA MET C 129 1.67 -0.03 -0.78
C MET C 129 0.65 0.31 -1.89
N ARG C 130 -0.42 1.02 -1.54
CA ARG C 130 -1.45 1.51 -2.47
C ARG C 130 -0.95 2.78 -3.18
N SER C 131 -1.64 3.15 -4.26
CA SER C 131 -1.20 4.29 -5.07
C SER C 131 -1.16 5.59 -4.24
N GLN C 132 -2.14 5.81 -3.38
CA GLN C 132 -2.22 7.03 -2.57
C GLN C 132 -1.30 6.97 -1.35
N GLY C 133 -0.42 5.95 -1.22
CA GLY C 133 0.53 5.96 -0.12
C GLY C 133 0.04 5.27 1.15
N THR C 134 -1.08 4.57 1.08
CA THR C 134 -1.67 3.87 2.20
C THR C 134 -1.43 2.36 2.08
N ILE C 135 -1.77 1.63 3.14
CA ILE C 135 -1.79 0.17 3.08
C ILE C 135 -3.13 -0.27 3.64
N LYS C 136 -3.51 -1.54 3.34
CA LYS C 136 -4.66 -2.16 4.00
C LYS C 136 -4.10 -3.18 4.98
N GLY C 137 -4.09 -2.83 6.25
CA GLY C 137 -3.58 -3.72 7.28
C GLY C 137 -4.65 -4.02 8.32
N SER C 138 -4.20 -4.19 9.55
CA SER C 138 -5.11 -4.40 10.69
C SER C 138 -4.45 -3.70 11.86
N PHE C 139 -4.94 -2.50 12.17
CA PHE C 139 -4.36 -1.68 13.22
C PHE C 139 -5.48 -1.20 14.11
N ILE C 140 -5.24 -1.22 15.41
CA ILE C 140 -6.21 -0.74 16.38
C ILE C 140 -5.50 0.17 17.36
N ALA C 141 -6.27 0.76 18.29
CA ALA C 141 -5.65 1.52 19.37
C ALA C 141 -4.54 0.72 20.05
N GLY C 142 -3.43 1.39 20.33
CA GLY C 142 -2.28 0.75 20.92
C GLY C 142 -1.28 0.19 19.94
N THR C 143 -1.57 0.19 18.63
CA THR C 143 -0.66 -0.37 17.65
C THR C 143 0.14 0.68 16.89
N CYS C 144 -0.04 1.98 17.17
CA CYS C 144 0.83 2.93 16.49
C CYS C 144 2.28 2.64 16.85
N GLY C 145 3.19 2.98 15.93
CA GLY C 145 4.59 2.63 16.08
C GLY C 145 4.92 1.22 15.63
N SER C 146 3.89 0.42 15.29
CA SER C 146 4.15 -0.89 14.72
C SER C 146 5.03 -0.67 13.51
N VAL C 147 5.93 -1.61 13.24
CA VAL C 147 7.05 -1.42 12.32
C VAL C 147 6.86 -2.22 11.05
N GLY C 148 7.09 -1.58 9.92
CA GLY C 148 7.22 -2.28 8.65
C GLY C 148 8.68 -2.44 8.23
N TYR C 149 9.00 -3.60 7.63
CA TYR C 149 10.37 -3.90 7.29
C TYR C 149 10.40 -4.73 6.03
N VAL C 150 11.57 -4.79 5.40
CA VAL C 150 11.75 -5.71 4.28
C VAL C 150 13.20 -6.15 4.29
N SER C 151 13.43 -7.39 3.87
CA SER C 151 14.79 -7.91 3.77
C SER C 151 15.07 -8.25 2.31
N GLU C 152 16.15 -7.66 1.78
CA GLU C 152 16.61 -7.87 0.40
C GLU C 152 18.09 -8.17 0.45
N ASN C 153 18.49 -9.30 -0.12
CA ASN C 153 19.92 -9.67 -0.19
C ASN C 153 20.55 -9.65 1.21
N ALA C 154 19.85 -10.27 2.15
CA ALA C 154 20.21 -10.36 3.57
C ALA C 154 20.38 -9.00 4.24
N THR C 155 19.98 -7.90 3.59
CA THR C 155 19.99 -6.58 4.23
C THR C 155 18.60 -6.26 4.78
N LEU C 156 18.52 -5.99 6.09
CA LEU C 156 17.28 -5.60 6.77
C LEU C 156 17.05 -4.09 6.61
N TYR C 157 15.92 -3.70 6.01
CA TYR C 157 15.47 -2.32 5.87
C TYR C 157 14.26 -2.08 6.76
N PHE C 158 14.29 -1.00 7.54
CA PHE C 158 13.09 -0.48 8.20
C PHE C 158 12.46 0.58 7.29
N VAL C 159 11.15 0.43 7.01
CA VAL C 159 10.51 1.18 5.93
C VAL C 159 9.18 1.83 6.34
N TYR C 160 8.63 1.46 7.49
CA TYR C 160 7.30 1.93 7.83
C TYR C 160 7.13 2.02 9.35
N MET C 161 6.45 3.08 9.80
CA MET C 161 6.03 3.21 11.20
C MET C 161 4.58 3.63 11.22
N HIS C 162 3.73 2.94 11.99
CA HIS C 162 2.30 3.22 11.82
C HIS C 162 1.79 4.43 12.62
N HIS C 163 0.97 5.29 11.98
CA HIS C 163 0.45 6.48 12.64
C HIS C 163 -1.07 6.57 12.74
N LEU C 164 -1.84 6.22 11.71
CA LEU C 164 -3.23 6.65 11.74
C LEU C 164 -4.05 5.84 10.73
N GLU C 165 -5.37 5.92 10.88
CA GLU C 165 -6.31 5.23 9.99
C GLU C 165 -7.28 6.26 9.44
N LEU C 166 -7.41 6.31 8.13
CA LEU C 166 -8.36 7.23 7.50
C LEU C 166 -9.78 6.73 7.65
N GLY C 167 -10.77 7.61 7.26
CA GLY C 167 -12.15 7.27 7.52
C GLY C 167 -12.62 6.07 6.73
N ASN C 168 -11.96 5.79 5.61
CA ASN C 168 -12.28 4.63 4.80
C ASN C 168 -11.49 3.38 5.21
N GLY C 169 -10.82 3.42 6.36
CA GLY C 169 -10.11 2.24 6.85
C GLY C 169 -8.70 2.09 6.33
N SER C 170 -8.25 2.94 5.42
CA SER C 170 -6.87 2.83 4.93
C SER C 170 -5.90 3.26 6.00
N HIS C 171 -4.74 2.60 6.02
CA HIS C 171 -3.76 2.82 7.07
C HIS C 171 -2.59 3.66 6.59
N VAL C 172 -2.15 4.59 7.45
CA VAL C 172 -1.19 5.61 7.07
C VAL C 172 -0.02 5.57 8.02
N GLY C 173 1.19 5.61 7.48
CA GLY C 173 2.36 5.59 8.32
C GLY C 173 3.44 6.44 7.69
N SER C 174 4.58 6.42 8.34
CA SER C 174 5.70 7.23 7.89
C SER C 174 6.88 6.32 7.58
N ASN C 175 7.84 6.84 6.80
CA ASN C 175 9.11 6.16 6.81
C ASN C 175 9.87 6.47 8.09
N LEU C 176 11.06 5.92 8.21
CA LEU C 176 11.77 6.08 9.47
C LEU C 176 12.49 7.43 9.54
N GLU C 177 12.47 8.19 8.44
CA GLU C 177 12.92 9.57 8.47
C GLU C 177 11.81 10.52 8.91
N GLY C 178 10.62 10.01 9.19
CA GLY C 178 9.55 10.89 9.64
C GLY C 178 8.78 11.58 8.54
N GLU C 179 8.92 11.16 7.28
CA GLU C 179 8.02 11.61 6.21
C GLU C 179 6.81 10.70 6.07
N MET C 180 5.62 11.28 6.16
CA MET C 180 4.39 10.50 6.13
C MET C 180 4.16 10.03 4.70
N TYR C 181 3.97 8.72 4.52
CA TYR C 181 3.61 8.24 3.20
C TYR C 181 2.32 8.89 2.75
N GLY C 182 2.27 9.23 1.44
CA GLY C 182 1.11 9.91 0.91
C GLY C 182 0.95 11.38 1.32
N GLY C 183 1.78 11.90 2.23
CA GLY C 183 1.62 13.31 2.61
C GLY C 183 0.56 13.63 3.64
N TYR C 184 -0.09 12.64 4.26
CA TYR C 184 -1.18 12.92 5.18
C TYR C 184 -0.59 13.54 6.44
N GLU C 185 -1.40 14.34 7.13
CA GLU C 185 -1.00 14.94 8.38
C GLU C 185 -1.30 14.03 9.54
N ASP C 186 -0.52 14.15 10.61
CA ASP C 186 -0.82 13.39 11.83
C ASP C 186 -1.74 14.23 12.73
N GLN C 187 -2.95 14.44 12.23
CA GLN C 187 -4.00 15.22 12.86
C GLN C 187 -5.29 14.45 12.70
N PRO C 188 -6.24 14.61 13.65
CA PRO C 188 -7.60 14.07 13.50
C PRO C 188 -8.52 14.89 12.59
N SER C 189 -8.08 15.17 11.39
CA SER C 189 -8.85 16.03 10.50
C SER C 189 -9.52 15.22 9.37
N MET C 190 -10.36 15.90 8.58
CA MET C 190 -10.96 15.32 7.38
C MET C 190 -9.89 15.22 6.32
N GLN C 191 -9.35 14.04 6.13
CA GLN C 191 -8.35 13.79 5.12
C GLN C 191 -8.93 12.68 4.27
N LEU C 192 -9.05 12.92 2.97
CA LEU C 192 -9.64 11.92 2.12
C LEU C 192 -8.53 11.22 1.38
N GLU C 193 -8.66 9.90 1.22
CA GLU C 193 -7.56 9.18 0.64
C GLU C 193 -7.40 9.53 -0.83
N GLY C 194 -8.52 9.72 -1.53
CA GLY C 194 -8.51 9.84 -2.97
C GLY C 194 -8.63 8.50 -3.64
N THR C 195 -8.91 8.53 -4.94
CA THR C 195 -9.20 7.32 -5.70
C THR C 195 -8.03 6.33 -5.68
N ASN C 196 -8.32 5.08 -5.30
CA ASN C 196 -7.31 4.03 -5.36
C ASN C 196 -7.07 3.60 -6.81
N VAL C 197 -5.81 3.58 -7.22
CA VAL C 197 -5.37 3.11 -8.53
C VAL C 197 -4.71 1.74 -8.34
N MET C 198 -5.35 0.68 -8.87
CA MET C 198 -4.84 -0.69 -8.81
C MET C 198 -3.58 -0.86 -9.63
N SER C 199 -2.62 -1.62 -9.09
CA SER C 199 -1.38 -1.94 -9.80
C SER C 199 -1.64 -3.04 -10.82
N SER C 200 -1.62 -2.65 -12.11
CA SER C 200 -1.86 -3.58 -13.20
C SER C 200 -0.84 -4.73 -13.18
N ASP C 201 0.45 -4.41 -12.95
CA ASP C 201 1.47 -5.47 -12.87
C ASP C 201 1.12 -6.50 -11.82
N ASN C 202 0.67 -6.02 -10.65
CA ASN C 202 0.36 -6.92 -9.55
C ASN C 202 -0.86 -7.78 -9.87
N VAL C 203 -1.90 -7.20 -10.48
CA VAL C 203 -3.10 -7.98 -10.80
C VAL C 203 -2.76 -9.04 -11.83
N VAL C 204 -1.92 -8.71 -12.80
CA VAL C 204 -1.45 -9.71 -13.76
C VAL C 204 -0.74 -10.85 -13.02
N ALA C 205 0.13 -10.49 -12.08
CA ALA C 205 0.84 -11.51 -11.32
C ALA C 205 -0.15 -12.38 -10.56
N PHE C 206 -1.16 -11.75 -9.99
CA PHE C 206 -2.21 -12.46 -9.28
C PHE C 206 -2.90 -13.49 -10.17
N LEU C 207 -3.28 -13.08 -11.38
CA LEU C 207 -3.95 -14.03 -12.28
C LEU C 207 -3.00 -15.14 -12.74
N TYR C 208 -1.73 -14.83 -13.01
CA TYR C 208 -0.77 -15.90 -13.32
C TYR C 208 -0.72 -16.90 -12.17
N ALA C 209 -0.63 -16.41 -10.93
CA ALA C 209 -0.61 -17.28 -9.76
C ALA C 209 -1.79 -18.25 -9.77
N ALA C 210 -2.98 -17.72 -10.05
CA ALA C 210 -4.17 -18.55 -10.12
C ALA C 210 -4.02 -19.63 -11.18
N LEU C 211 -3.62 -19.22 -12.39
CA LEU C 211 -3.44 -20.19 -13.47
C LEU C 211 -2.52 -21.30 -13.01
N ILE C 212 -1.35 -20.94 -12.45
CA ILE C 212 -0.38 -21.92 -11.96
C ILE C 212 -1.03 -22.88 -10.98
N ASN C 213 -1.96 -22.37 -10.17
CA ASN C 213 -2.65 -23.16 -9.18
C ASN C 213 -3.86 -23.90 -9.74
N GLY C 214 -3.99 -23.98 -11.06
CA GLY C 214 -5.07 -24.74 -11.67
C GLY C 214 -6.40 -24.03 -11.79
N GLU C 215 -6.46 -22.73 -11.53
CA GLU C 215 -7.69 -21.96 -11.69
C GLU C 215 -7.60 -21.21 -13.02
N ARG C 216 -8.60 -21.40 -13.89
CA ARG C 216 -8.47 -20.92 -15.27
C ARG C 216 -9.80 -20.46 -15.86
N TRP C 217 -10.88 -20.41 -15.07
CA TRP C 217 -12.19 -20.04 -15.61
C TRP C 217 -12.23 -18.62 -16.18
N PHE C 218 -11.33 -17.75 -15.76
CA PHE C 218 -11.40 -16.34 -16.12
C PHE C 218 -10.64 -16.00 -17.40
N VAL C 219 -9.88 -16.94 -17.99
CA VAL C 219 -9.17 -16.69 -19.25
C VAL C 219 -9.94 -17.27 -20.41
N THR C 220 -10.06 -16.49 -21.49
CA THR C 220 -10.56 -16.94 -22.78
C THR C 220 -9.39 -16.98 -23.80
N ASN C 221 -9.73 -17.28 -25.06
CA ASN C 221 -8.77 -17.12 -26.15
C ASN C 221 -8.75 -15.71 -26.71
N THR C 222 -9.61 -14.84 -26.19
CA THR C 222 -9.60 -13.42 -26.50
C THR C 222 -8.48 -12.72 -25.73
N SER C 223 -7.85 -11.78 -26.39
CA SER C 223 -6.77 -10.99 -25.83
C SER C 223 -7.06 -9.51 -26.03
N MET C 224 -6.28 -8.68 -25.33
CA MET C 224 -6.39 -7.23 -25.45
C MET C 224 -5.00 -6.66 -25.54
N SER C 225 -4.80 -5.77 -26.50
CA SER C 225 -3.47 -5.23 -26.75
C SER C 225 -3.01 -4.34 -25.60
N LEU C 226 -1.68 -4.28 -25.40
CA LEU C 226 -1.11 -3.46 -24.34
C LEU C 226 -1.58 -2.02 -24.46
N GLU C 227 -1.72 -1.53 -25.70
CA GLU C 227 -2.11 -0.15 -25.94
C GLU C 227 -3.58 0.07 -25.60
N SER C 228 -4.46 -0.85 -26.01
CA SER C 228 -5.88 -0.72 -25.68
C SER C 228 -6.12 -0.86 -24.18
N TYR C 229 -5.40 -1.78 -23.53
CA TYR C 229 -5.55 -1.91 -22.08
C TYR C 229 -5.15 -0.62 -21.37
N ASN C 230 -3.98 -0.07 -21.71
CA ASN C 230 -3.48 1.14 -21.07
C ASN C 230 -4.47 2.30 -21.22
N THR C 231 -5.18 2.36 -22.35
CA THR C 231 -6.19 3.39 -22.53
C THR C 231 -7.38 3.15 -21.61
N TRP C 232 -7.85 1.90 -21.53
CA TRP C 232 -8.88 1.57 -20.56
C TRP C 232 -8.41 1.89 -19.14
N ALA C 233 -7.16 1.52 -18.82
CA ALA C 233 -6.64 1.67 -17.47
C ALA C 233 -6.61 3.13 -17.01
N LYS C 234 -6.23 4.06 -17.90
CA LYS C 234 -6.26 5.49 -17.57
C LYS C 234 -7.63 5.97 -17.12
N THR C 235 -8.71 5.40 -17.67
CA THR C 235 -10.06 5.82 -17.35
C THR C 235 -10.69 5.00 -16.23
N ASN C 236 -10.05 3.92 -15.80
CA ASN C 236 -10.70 3.00 -14.88
C ASN C 236 -9.84 2.70 -13.65
N SER C 237 -8.90 3.61 -13.33
CA SER C 237 -8.15 3.55 -12.06
C SER C 237 -7.33 2.26 -11.94
N PHE C 238 -6.59 1.98 -13.01
CA PHE C 238 -5.53 0.98 -13.03
C PHE C 238 -4.29 1.69 -13.54
N THR C 239 -3.12 1.22 -13.09
CA THR C 239 -1.86 1.77 -13.59
C THR C 239 -1.65 1.32 -15.01
N GLU C 240 -0.90 2.10 -15.77
CA GLU C 240 -0.55 1.66 -17.11
C GLU C 240 0.63 0.70 -17.03
N LEU C 241 0.59 -0.33 -17.88
CA LEU C 241 1.62 -1.36 -17.94
C LEU C 241 2.73 -0.91 -18.89
N SER C 242 3.97 -0.84 -18.38
CA SER C 242 5.05 -0.33 -19.22
C SER C 242 5.43 -1.36 -20.31
N SER C 243 5.48 -2.64 -19.96
CA SER C 243 5.83 -3.69 -20.91
C SER C 243 5.32 -5.02 -20.36
N THR C 244 5.39 -6.06 -21.19
CA THR C 244 5.02 -7.40 -20.76
C THR C 244 6.23 -8.25 -20.35
N ASP C 245 7.42 -7.62 -20.27
CA ASP C 245 8.68 -8.35 -20.08
C ASP C 245 8.81 -8.94 -18.70
N ALA C 246 8.19 -8.33 -17.70
CA ALA C 246 8.22 -8.88 -16.35
C ALA C 246 7.61 -10.29 -16.28
N PHE C 247 6.83 -10.68 -17.28
CA PHE C 247 6.02 -11.89 -17.18
C PHE C 247 6.42 -12.97 -18.18
N SER C 248 7.58 -12.82 -18.81
CA SER C 248 7.99 -13.76 -19.87
C SER C 248 8.03 -15.19 -19.33
N MET C 249 8.58 -15.37 -18.14
CA MET C 249 8.63 -16.72 -17.56
C MET C 249 7.24 -17.22 -17.19
N LEU C 250 6.43 -16.36 -16.56
CA LEU C 250 5.07 -16.76 -16.18
C LEU C 250 4.24 -17.13 -17.41
N ALA C 251 4.35 -16.35 -18.49
CA ALA C 251 3.61 -16.70 -19.71
C ALA C 251 4.08 -18.05 -20.27
N ALA C 252 5.39 -18.28 -20.24
CA ALA C 252 5.96 -19.54 -20.71
C ALA C 252 5.45 -20.72 -19.88
N LYS C 253 5.54 -20.64 -18.56
CA LYS C 253 5.12 -21.77 -17.72
C LYS C 253 3.63 -22.05 -17.83
N THR C 254 2.81 -21.03 -18.11
CA THR C 254 1.36 -21.18 -18.15
C THR C 254 0.80 -21.27 -19.55
N GLY C 255 1.58 -20.90 -20.57
CA GLY C 255 1.05 -20.84 -21.92
C GLY C 255 0.03 -19.76 -22.19
N GLN C 256 -0.08 -18.75 -21.32
CA GLN C 256 -1.05 -17.68 -21.46
C GLN C 256 -0.32 -16.35 -21.54
N SER C 257 -0.64 -15.57 -22.56
CA SER C 257 0.08 -14.31 -22.75
C SER C 257 -0.50 -13.23 -21.85
N VAL C 258 0.33 -12.21 -21.57
CA VAL C 258 -0.12 -11.10 -20.74
C VAL C 258 -1.38 -10.48 -21.33
N GLU C 259 -1.44 -10.42 -22.67
CA GLU C 259 -2.58 -9.85 -23.36
C GLU C 259 -3.85 -10.65 -23.12
N LYS C 260 -3.75 -11.98 -23.00
CA LYS C 260 -4.94 -12.73 -22.63
C LYS C 260 -5.43 -12.32 -21.23
N LEU C 261 -4.48 -12.03 -20.31
CA LEU C 261 -4.88 -11.66 -18.95
C LEU C 261 -5.37 -10.22 -18.87
N LEU C 262 -4.83 -9.33 -19.72
CA LEU C 262 -5.34 -7.95 -19.76
C LEU C 262 -6.83 -7.92 -20.08
N ASP C 263 -7.26 -8.78 -21.00
CA ASP C 263 -8.69 -8.88 -21.29
C ASP C 263 -9.45 -9.47 -20.09
N SER C 264 -8.84 -10.42 -19.36
CA SER C 264 -9.46 -10.93 -18.13
C SER C 264 -9.68 -9.79 -17.14
N ILE C 265 -8.66 -8.95 -16.92
CA ILE C 265 -8.79 -7.84 -15.99
C ILE C 265 -9.99 -6.98 -16.33
N VAL C 266 -10.12 -6.59 -17.61
CA VAL C 266 -11.22 -5.71 -17.96
C VAL C 266 -12.57 -6.38 -17.68
N ARG C 267 -12.67 -7.69 -17.98
CA ARG C 267 -13.95 -8.38 -17.74
C ARG C 267 -14.19 -8.60 -16.25
N LEU C 268 -13.14 -8.88 -15.48
CA LEU C 268 -13.31 -9.16 -14.06
C LEU C 268 -13.51 -7.90 -13.22
N ASN C 269 -13.28 -6.73 -13.79
CA ASN C 269 -13.22 -5.53 -12.97
C ASN C 269 -14.57 -5.21 -12.34
N LYS C 270 -15.68 -5.54 -13.01
CA LYS C 270 -17.03 -5.42 -12.46
C LYS C 270 -17.34 -6.43 -11.37
N GLY C 271 -16.58 -7.51 -11.27
CA GLY C 271 -16.74 -8.45 -10.18
C GLY C 271 -16.58 -9.88 -10.65
N PHE C 272 -16.41 -10.78 -9.69
CA PHE C 272 -16.19 -12.18 -10.02
C PHE C 272 -17.48 -12.96 -10.25
N GLY C 273 -18.64 -12.31 -10.15
CA GLY C 273 -19.92 -12.92 -10.48
C GLY C 273 -20.36 -14.11 -9.63
N GLY C 274 -19.85 -14.23 -8.41
CA GLY C 274 -20.13 -15.39 -7.59
C GLY C 274 -19.04 -16.43 -7.59
N ARG C 275 -17.92 -16.18 -8.24
CA ARG C 275 -16.78 -17.09 -8.26
C ARG C 275 -15.64 -16.47 -7.46
N THR C 276 -14.60 -17.24 -7.20
CA THR C 276 -13.47 -16.72 -6.47
C THR C 276 -12.20 -17.09 -7.23
N ILE C 277 -11.09 -16.43 -6.87
CA ILE C 277 -9.80 -16.68 -7.47
C ILE C 277 -8.81 -16.70 -6.31
N LEU C 278 -8.21 -17.86 -6.04
CA LEU C 278 -7.28 -18.04 -4.92
C LEU C 278 -7.89 -17.51 -3.61
N SER C 279 -9.22 -17.69 -3.47
CA SER C 279 -10.00 -17.34 -2.29
C SER C 279 -10.15 -15.83 -2.12
N TYR C 280 -9.91 -15.06 -3.18
CA TYR C 280 -10.30 -13.66 -3.22
C TYR C 280 -11.56 -13.56 -4.04
N GLY C 281 -12.52 -12.75 -3.58
CA GLY C 281 -13.75 -12.47 -4.30
C GLY C 281 -13.75 -11.26 -5.22
N SER C 282 -12.64 -10.51 -5.32
CA SER C 282 -12.49 -9.49 -6.34
C SER C 282 -11.00 -9.40 -6.71
N LEU C 283 -10.66 -8.61 -7.73
CA LEU C 283 -9.26 -8.56 -8.17
C LEU C 283 -8.36 -8.07 -7.04
N CYS C 284 -7.17 -8.67 -6.95
CA CYS C 284 -6.19 -8.38 -5.90
C CYS C 284 -4.89 -7.87 -6.52
N ASP C 285 -4.42 -6.68 -6.08
CA ASP C 285 -3.14 -6.13 -6.56
C ASP C 285 -2.05 -6.12 -5.48
N GLU C 286 -2.16 -6.98 -4.48
CA GLU C 286 -1.23 -6.99 -3.35
C GLU C 286 0.03 -7.84 -3.56
N PHE C 287 0.17 -8.56 -4.69
CA PHE C 287 1.32 -9.43 -4.95
C PHE C 287 2.10 -8.90 -6.15
N THR C 288 3.40 -8.68 -5.99
CA THR C 288 4.21 -8.30 -7.13
C THR C 288 4.58 -9.52 -7.97
N PRO C 289 4.97 -9.30 -9.24
CA PRO C 289 5.42 -10.43 -10.06
C PRO C 289 6.53 -11.24 -9.40
N THR C 290 7.56 -10.57 -8.86
CA THR C 290 8.66 -11.22 -8.16
C THR C 290 8.16 -12.03 -6.97
N GLU C 291 7.23 -11.46 -6.20
CA GLU C 291 6.62 -12.13 -5.06
C GLU C 291 5.99 -13.45 -5.49
N VAL C 292 5.19 -13.41 -6.55
CA VAL C 292 4.50 -14.60 -7.04
C VAL C 292 5.52 -15.64 -7.48
N ILE C 293 6.53 -15.21 -8.24
CA ILE C 293 7.54 -16.13 -8.76
C ILE C 293 8.27 -16.82 -7.61
N ARG C 294 8.75 -16.04 -6.63
CA ARG C 294 9.54 -16.69 -5.58
C ARG C 294 8.68 -17.60 -4.72
N GLN C 295 7.42 -17.26 -4.51
CA GLN C 295 6.58 -18.13 -3.72
C GLN C 295 6.25 -19.41 -4.49
N MET C 296 6.04 -19.32 -5.79
CA MET C 296 5.59 -20.49 -6.50
C MET C 296 6.72 -21.31 -7.12
N TYR C 297 7.92 -20.76 -7.24
CA TYR C 297 9.02 -21.50 -7.85
C TYR C 297 10.29 -21.52 -7.01
N GLY C 298 10.39 -20.70 -5.97
CA GLY C 298 11.64 -20.55 -5.25
C GLY C 298 12.50 -19.47 -5.90
N VAL C 299 13.58 -19.12 -5.21
CA VAL C 299 14.47 -18.05 -5.68
C VAL C 299 15.12 -18.45 -7.01
N SER D 1 -30.98 24.16 -25.44
CA SER D 1 -31.64 24.86 -24.37
C SER D 1 -31.34 24.48 -22.87
N GLY D 2 -30.59 23.40 -22.58
CA GLY D 2 -29.83 23.27 -21.33
C GLY D 2 -30.33 22.16 -20.40
N LEU D 3 -29.42 21.57 -19.63
CA LEU D 3 -29.80 20.70 -18.50
C LEU D 3 -28.93 21.08 -17.31
N ARG D 4 -29.58 21.51 -16.20
CA ARG D 4 -28.93 21.79 -14.92
C ARG D 4 -29.60 20.96 -13.83
N LYS D 5 -28.83 20.43 -12.85
CA LYS D 5 -29.51 19.84 -11.67
C LYS D 5 -30.15 20.98 -10.87
N MET D 6 -31.46 20.93 -10.64
CA MET D 6 -32.20 22.01 -10.03
C MET D 6 -32.75 21.63 -8.67
N ALA D 7 -33.09 22.63 -7.85
CA ALA D 7 -33.86 22.37 -6.63
C ALA D 7 -35.20 23.05 -6.80
N GLN D 8 -36.21 22.50 -6.15
CA GLN D 8 -37.47 23.21 -6.05
C GLN D 8 -37.30 24.36 -5.06
N PRO D 9 -38.09 25.41 -5.19
CA PRO D 9 -37.87 26.59 -4.37
C PRO D 9 -38.02 26.28 -2.89
N SER D 10 -37.33 27.08 -2.07
CA SER D 10 -37.11 26.70 -0.67
C SER D 10 -37.92 27.52 0.33
N GLY D 11 -38.78 28.45 -0.14
CA GLY D 11 -39.34 29.47 0.74
C GLY D 11 -40.25 28.93 1.85
N LEU D 12 -40.92 27.80 1.64
CA LEU D 12 -41.76 27.23 2.71
C LEU D 12 -40.92 26.55 3.79
N VAL D 13 -39.69 26.17 3.46
CA VAL D 13 -38.82 25.40 4.36
C VAL D 13 -37.95 26.30 5.21
N GLU D 14 -37.44 27.39 4.62
CA GLU D 14 -36.53 28.30 5.33
C GLU D 14 -37.04 28.78 6.68
N PRO D 15 -38.30 29.21 6.84
CA PRO D 15 -38.72 29.69 8.16
C PRO D 15 -38.85 28.60 9.21
N CYS D 16 -38.58 27.34 8.86
CA CYS D 16 -38.67 26.22 9.81
C CYS D 16 -37.32 25.84 10.38
N ILE D 17 -36.24 26.39 9.87
CA ILE D 17 -34.90 25.95 10.27
C ILE D 17 -34.51 26.70 11.52
N VAL D 18 -34.04 25.97 12.54
CA VAL D 18 -33.57 26.60 13.76
C VAL D 18 -32.15 26.10 14.05
N ARG D 19 -31.43 26.89 14.82
CA ARG D 19 -30.14 26.49 15.38
C ARG D 19 -30.37 25.70 16.67
N VAL D 20 -29.75 24.53 16.81
CA VAL D 20 -29.89 23.70 18.00
C VAL D 20 -28.49 23.37 18.50
N SER D 21 -28.15 23.76 19.73
CA SER D 21 -26.86 23.31 20.27
C SER D 21 -27.04 22.67 21.63
N TYR D 22 -26.06 21.83 21.98
CA TYR D 22 -26.02 21.11 23.25
C TYR D 22 -24.57 20.75 23.46
N GLY D 23 -23.97 21.27 24.53
CA GLY D 23 -22.55 21.00 24.75
C GLY D 23 -21.72 21.58 23.61
N ASN D 24 -20.77 20.79 23.11
CA ASN D 24 -19.89 21.21 22.01
C ASN D 24 -20.55 21.15 20.64
N ASN D 25 -21.75 20.56 20.52
CA ASN D 25 -22.36 20.23 19.24
C ASN D 25 -23.33 21.33 18.79
N VAL D 26 -23.14 21.83 17.57
CA VAL D 26 -24.05 22.79 16.97
C VAL D 26 -24.62 22.20 15.68
N LEU D 27 -25.94 22.14 15.57
CA LEU D 27 -26.51 21.72 14.30
C LEU D 27 -27.83 22.43 14.07
N ASN D 28 -28.62 21.90 13.16
CA ASN D 28 -29.89 22.47 12.72
C ASN D 28 -31.04 21.58 13.20
N GLY D 29 -32.18 22.22 13.43
CA GLY D 29 -33.41 21.50 13.68
C GLY D 29 -34.53 22.02 12.81
N LEU D 30 -35.62 21.23 12.75
CA LEU D 30 -36.79 21.54 11.93
C LEU D 30 -37.95 21.82 12.89
N TRP D 31 -38.42 23.06 12.88
CA TRP D 31 -39.41 23.56 13.83
C TRP D 31 -40.78 23.56 13.13
N LEU D 32 -41.65 22.64 13.55
CA LEU D 32 -43.01 22.52 13.03
C LEU D 32 -43.96 22.52 14.21
N GLY D 33 -44.91 23.46 14.24
CA GLY D 33 -45.76 23.53 15.42
C GLY D 33 -44.93 23.87 16.64
N ASP D 34 -45.09 23.11 17.72
CA ASP D 34 -44.33 23.34 18.94
C ASP D 34 -43.24 22.29 19.12
N GLU D 35 -42.84 21.62 18.04
CA GLU D 35 -41.81 20.59 18.11
C GLU D 35 -40.63 21.01 17.25
N VAL D 36 -39.43 20.63 17.68
CA VAL D 36 -38.24 20.74 16.86
C VAL D 36 -37.64 19.34 16.72
N ILE D 37 -37.41 18.91 15.48
CA ILE D 37 -36.79 17.61 15.22
C ILE D 37 -35.36 17.87 14.82
N CYS D 38 -34.41 17.12 15.39
CA CYS D 38 -33.01 17.31 15.02
C CYS D 38 -32.30 15.98 15.22
N PRO D 39 -31.09 15.80 14.66
CA PRO D 39 -30.37 14.54 14.88
C PRO D 39 -30.05 14.38 16.36
N ARG D 40 -30.27 13.16 16.88
CA ARG D 40 -30.08 12.95 18.31
C ARG D 40 -28.61 13.03 18.71
N HIS D 41 -27.66 12.87 17.79
CA HIS D 41 -26.29 13.02 18.29
C HIS D 41 -25.98 14.41 18.79
N VAL D 42 -26.88 15.40 18.68
CA VAL D 42 -26.58 16.69 19.26
C VAL D 42 -26.35 16.59 20.78
N ILE D 43 -26.97 15.62 21.45
CA ILE D 43 -26.76 15.52 22.90
C ILE D 43 -25.63 14.60 23.28
N ALA D 44 -24.91 14.04 22.31
CA ALA D 44 -23.80 13.17 22.69
C ALA D 44 -22.66 13.99 23.28
N SER D 45 -22.07 13.52 24.40
CA SER D 45 -20.99 14.32 24.96
C SER D 45 -19.76 14.32 24.08
N ASP D 46 -19.53 13.25 23.32
CA ASP D 46 -18.37 13.15 22.46
C ASP D 46 -18.79 12.38 21.21
N THR D 47 -19.05 13.11 20.12
CA THR D 47 -19.43 12.44 18.89
C THR D 47 -18.27 11.72 18.19
N THR D 48 -17.03 11.83 18.68
CA THR D 48 -15.93 11.12 18.04
C THR D 48 -15.67 9.74 18.66
N ARG D 49 -16.39 9.38 19.72
CA ARG D 49 -16.32 8.03 20.28
C ARG D 49 -17.70 7.39 20.28
N VAL D 50 -17.71 6.06 20.43
CA VAL D 50 -18.97 5.34 20.44
C VAL D 50 -19.86 5.95 21.51
N ILE D 51 -21.14 6.08 21.19
CA ILE D 51 -22.10 6.81 21.99
C ILE D 51 -23.09 5.84 22.60
N ASN D 52 -23.36 5.99 23.87
CA ASN D 52 -24.45 5.24 24.51
C ASN D 52 -25.67 6.15 24.60
N TYR D 53 -26.64 5.93 23.71
CA TYR D 53 -27.72 6.89 23.61
C TYR D 53 -28.70 6.79 24.78
N GLU D 54 -28.77 5.63 25.46
CA GLU D 54 -29.54 5.56 26.70
C GLU D 54 -28.98 6.51 27.75
N ASN D 55 -27.66 6.41 28.00
CA ASN D 55 -27.00 7.23 29.01
C ASN D 55 -27.09 8.72 28.68
N GLU D 56 -26.99 9.07 27.39
CA GLU D 56 -27.09 10.49 27.04
C GLU D 56 -28.47 11.03 27.35
N MET D 57 -29.50 10.25 27.02
CA MET D 57 -30.86 10.66 27.33
C MET D 57 -31.16 10.64 28.83
N SER D 58 -30.63 9.65 29.57
CA SER D 58 -30.81 9.68 31.02
C SER D 58 -30.12 10.89 31.64
N SER D 59 -29.03 11.33 31.05
CA SER D 59 -28.21 12.40 31.57
C SER D 59 -28.66 13.79 31.10
N VAL D 60 -29.65 13.86 30.22
CA VAL D 60 -29.93 15.12 29.51
C VAL D 60 -30.50 16.15 30.47
N ARG D 61 -30.10 17.41 30.28
CA ARG D 61 -30.60 18.56 31.04
C ARG D 61 -31.27 19.52 30.05
N LEU D 62 -32.60 19.64 30.13
CA LEU D 62 -33.33 20.49 29.18
C LEU D 62 -32.80 21.92 29.14
N HIS D 63 -32.29 22.42 30.28
CA HIS D 63 -31.75 23.77 30.34
C HIS D 63 -30.42 23.91 29.61
N ASN D 64 -29.80 22.81 29.17
CA ASN D 64 -28.53 22.91 28.46
C ASN D 64 -28.70 23.12 26.95
N PHE D 65 -29.91 22.86 26.43
CA PHE D 65 -30.22 23.12 25.02
C PHE D 65 -30.23 24.60 24.75
N SER D 66 -29.70 25.00 23.58
CA SER D 66 -30.03 26.31 23.01
C SER D 66 -30.75 26.07 21.68
N VAL D 67 -31.99 26.56 21.55
CA VAL D 67 -32.78 26.40 20.32
C VAL D 67 -33.26 27.78 19.94
N SER D 68 -33.00 28.22 18.70
CA SER D 68 -33.31 29.61 18.34
C SER D 68 -33.56 29.78 16.84
N LYS D 69 -34.36 30.81 16.51
CA LYS D 69 -34.58 31.31 15.15
C LYS D 69 -34.45 32.82 15.19
N ASN D 70 -33.47 33.37 14.47
CA ASN D 70 -33.25 34.82 14.40
C ASN D 70 -33.04 35.28 15.83
N ASN D 71 -33.86 36.19 16.38
CA ASN D 71 -33.68 36.65 17.73
C ASN D 71 -34.66 36.02 18.73
N VAL D 72 -35.30 34.90 18.39
CA VAL D 72 -36.22 34.18 19.28
C VAL D 72 -35.48 33.02 19.90
N PHE D 73 -35.55 32.91 21.22
CA PHE D 73 -34.98 31.79 21.97
C PHE D 73 -36.11 30.87 22.42
N LEU D 74 -36.05 29.59 21.98
CA LEU D 74 -37.12 28.63 22.23
C LEU D 74 -36.72 27.71 23.36
N GLY D 75 -37.41 27.82 24.50
CA GLY D 75 -37.12 26.92 25.60
C GLY D 75 -37.60 25.51 25.33
N VAL D 76 -36.78 24.54 25.71
CA VAL D 76 -37.19 23.15 25.57
C VAL D 76 -37.95 22.72 26.82
N VAL D 77 -39.12 22.11 26.60
CA VAL D 77 -39.94 21.62 27.71
C VAL D 77 -39.91 20.10 27.84
N SER D 78 -39.63 19.35 26.77
CA SER D 78 -39.41 17.92 26.90
C SER D 78 -38.57 17.46 25.73
N ALA D 79 -38.03 16.25 25.84
CA ALA D 79 -37.13 15.68 24.85
C ALA D 79 -37.29 14.18 24.84
N LYS D 80 -37.39 13.60 23.65
CA LYS D 80 -37.56 12.16 23.48
C LYS D 80 -36.92 11.76 22.16
N TYR D 81 -36.49 10.51 22.10
CA TYR D 81 -36.02 9.99 20.83
C TYR D 81 -37.19 9.54 19.98
N LYS D 82 -37.02 9.65 18.67
CA LYS D 82 -37.83 8.90 17.73
C LYS D 82 -36.82 8.38 16.72
N GLY D 83 -36.41 7.12 16.92
CA GLY D 83 -35.35 6.54 16.12
C GLY D 83 -34.09 7.33 16.36
N VAL D 84 -33.43 7.74 15.25
CA VAL D 84 -32.16 8.44 15.40
C VAL D 84 -32.38 9.94 15.50
N ASN D 85 -33.63 10.37 15.58
CA ASN D 85 -33.92 11.78 15.81
C ASN D 85 -34.31 12.06 17.26
N LEU D 86 -34.01 13.28 17.66
CA LEU D 86 -34.55 13.87 18.87
C LEU D 86 -35.80 14.66 18.51
N VAL D 87 -36.86 14.50 19.30
CA VAL D 87 -38.04 15.36 19.19
C VAL D 87 -38.07 16.23 20.44
N LEU D 88 -37.86 17.54 20.26
CA LEU D 88 -37.93 18.53 21.33
C LEU D 88 -39.26 19.25 21.24
N LYS D 89 -40.05 19.13 22.30
CA LYS D 89 -41.19 20.03 22.50
C LYS D 89 -40.65 21.37 22.99
N VAL D 90 -41.04 22.46 22.33
CA VAL D 90 -40.56 23.79 22.74
C VAL D 90 -41.75 24.67 23.12
N ASN D 91 -41.44 25.84 23.69
CA ASN D 91 -42.43 26.67 24.36
C ASN D 91 -43.11 27.69 23.45
N GLN D 92 -42.88 27.60 22.13
CA GLN D 92 -43.51 28.51 21.18
C GLN D 92 -43.83 27.72 19.92
N VAL D 93 -45.02 27.94 19.39
CA VAL D 93 -45.47 27.36 18.13
C VAL D 93 -44.83 28.14 17.00
N ASN D 94 -44.35 27.43 15.97
CA ASN D 94 -43.81 28.15 14.83
C ASN D 94 -44.94 28.83 14.06
N PRO D 95 -44.98 30.16 14.00
CA PRO D 95 -46.10 30.83 13.31
C PRO D 95 -46.04 30.67 11.80
N ASN D 96 -44.91 30.20 11.28
CA ASN D 96 -44.73 29.99 9.85
C ASN D 96 -44.65 28.50 9.50
N THR D 97 -45.33 27.62 10.25
CA THR D 97 -45.39 26.19 9.89
C THR D 97 -46.16 25.99 8.61
N PRO D 98 -45.55 25.48 7.54
CA PRO D 98 -46.32 25.23 6.32
C PRO D 98 -47.12 23.93 6.45
N GLU D 99 -48.20 23.85 5.66
CA GLU D 99 -48.84 22.55 5.52
C GLU D 99 -47.83 21.56 4.96
N HIS D 100 -47.80 20.35 5.52
CA HIS D 100 -46.76 19.41 5.12
C HIS D 100 -47.15 17.98 5.48
N LYS D 101 -46.48 17.06 4.79
CA LYS D 101 -46.52 15.63 5.07
C LYS D 101 -45.07 15.16 5.22
N PHE D 102 -44.93 13.91 5.67
CA PHE D 102 -43.65 13.19 5.72
C PHE D 102 -43.75 12.00 4.78
N LYS D 103 -42.68 11.73 4.04
CA LYS D 103 -42.57 10.55 3.19
C LYS D 103 -41.10 10.17 3.02
N SER D 104 -40.85 8.94 2.61
CA SER D 104 -39.51 8.43 2.44
C SER D 104 -39.14 8.36 0.97
N ILE D 105 -37.90 8.76 0.66
CA ILE D 105 -37.36 8.66 -0.69
C ILE D 105 -36.85 7.24 -0.93
N LYS D 106 -36.98 6.78 -2.17
CA LYS D 106 -36.42 5.51 -2.64
C LYS D 106 -35.25 5.73 -3.58
N ALA D 107 -34.42 4.69 -3.70
CA ALA D 107 -33.26 4.74 -4.59
C ALA D 107 -33.67 5.19 -5.98
N GLY D 108 -32.88 6.10 -6.56
CA GLY D 108 -33.11 6.58 -7.91
C GLY D 108 -33.96 7.81 -8.00
N GLU D 109 -34.58 8.23 -6.89
CA GLU D 109 -35.50 9.37 -6.83
C GLU D 109 -34.78 10.66 -6.45
N SER D 110 -35.25 11.78 -6.97
CA SER D 110 -34.61 13.06 -6.73
C SER D 110 -35.33 13.83 -5.63
N PHE D 111 -34.58 14.67 -4.91
CA PHE D 111 -35.20 15.55 -3.91
C PHE D 111 -34.26 16.72 -3.64
N ASN D 112 -34.71 17.62 -2.76
CA ASN D 112 -33.99 18.87 -2.58
C ASN D 112 -33.38 18.92 -1.19
N ILE D 113 -32.18 19.50 -1.08
CA ILE D 113 -31.53 19.76 0.19
C ILE D 113 -31.47 21.25 0.42
N LEU D 114 -31.97 21.69 1.57
CA LEU D 114 -31.67 23.02 2.09
C LEU D 114 -30.47 22.86 3.04
N ALA D 115 -29.28 23.25 2.57
CA ALA D 115 -28.06 23.09 3.36
C ALA D 115 -28.04 24.25 4.35
N CYS D 116 -27.97 23.92 5.62
CA CYS D 116 -28.07 24.86 6.73
C CYS D 116 -26.81 24.77 7.56
N TYR D 117 -26.35 25.93 8.02
CA TYR D 117 -25.06 26.08 8.71
C TYR D 117 -25.37 26.64 10.09
N GLU D 118 -25.35 25.78 11.12
CA GLU D 118 -25.62 26.22 12.49
C GLU D 118 -26.90 27.07 12.60
N GLY D 119 -27.98 26.61 11.95
CA GLY D 119 -29.26 27.26 12.03
C GLY D 119 -29.55 28.19 10.88
N CYS D 120 -28.54 28.52 10.04
CA CYS D 120 -28.71 29.51 8.97
C CYS D 120 -28.86 28.84 7.61
N PRO D 121 -30.02 28.90 6.94
CA PRO D 121 -30.12 28.32 5.59
C PRO D 121 -29.12 29.02 4.69
N GLY D 122 -28.23 28.24 4.08
CA GLY D 122 -27.26 28.86 3.22
C GLY D 122 -27.40 28.57 1.74
N SER D 123 -27.87 27.38 1.37
CA SER D 123 -27.90 27.02 -0.03
C SER D 123 -28.99 25.99 -0.25
N VAL D 124 -29.36 25.82 -1.52
CA VAL D 124 -30.36 24.83 -1.91
C VAL D 124 -29.85 24.14 -3.14
N TYR D 125 -29.96 22.80 -3.18
CA TYR D 125 -29.54 22.07 -4.36
C TYR D 125 -30.27 20.74 -4.48
N GLY D 126 -30.19 20.18 -5.68
CA GLY D 126 -30.88 18.94 -5.97
C GLY D 126 -29.93 17.75 -5.79
N VAL D 127 -30.49 16.65 -5.36
CA VAL D 127 -29.74 15.41 -5.15
C VAL D 127 -30.58 14.25 -5.69
N ASN D 128 -29.97 13.05 -5.66
CA ASN D 128 -30.65 11.83 -6.09
C ASN D 128 -30.20 10.70 -5.16
N MET D 129 -31.15 9.91 -4.67
CA MET D 129 -30.79 8.83 -3.73
C MET D 129 -30.10 7.68 -4.47
N ARG D 130 -28.93 7.30 -3.95
CA ARG D 130 -28.15 6.22 -4.52
C ARG D 130 -28.74 4.87 -4.05
N SER D 131 -28.28 3.78 -4.66
CA SER D 131 -28.92 2.47 -4.41
C SER D 131 -28.80 2.06 -2.95
N GLN D 132 -27.67 2.40 -2.32
CA GLN D 132 -27.47 2.02 -0.93
C GLN D 132 -28.11 2.98 0.06
N GLY D 133 -28.94 3.93 -0.39
CA GLY D 133 -29.61 4.82 0.56
C GLY D 133 -28.85 6.09 0.91
N THR D 134 -27.71 6.34 0.29
CA THR D 134 -26.89 7.54 0.50
C THR D 134 -27.24 8.59 -0.56
N ILE D 135 -26.70 9.80 -0.37
CA ILE D 135 -26.67 10.84 -1.41
C ILE D 135 -25.25 11.38 -1.53
N LYS D 136 -24.96 12.00 -2.70
CA LYS D 136 -23.71 12.76 -2.87
C LYS D 136 -24.09 14.23 -2.77
N GLY D 137 -23.75 14.84 -1.66
CA GLY D 137 -24.10 16.22 -1.40
C GLY D 137 -22.81 16.93 -1.08
N SER D 138 -22.95 17.95 -0.26
CA SER D 138 -21.83 18.76 0.19
C SER D 138 -22.18 19.18 1.61
N PHE D 139 -21.78 18.34 2.56
CA PHE D 139 -22.05 18.58 3.97
C PHE D 139 -20.72 18.66 4.71
N ILE D 140 -20.66 19.56 5.67
CA ILE D 140 -19.49 19.75 6.51
C ILE D 140 -19.96 19.83 7.96
N ALA D 141 -19.01 19.91 8.88
CA ALA D 141 -19.42 20.18 10.26
C ALA D 141 -20.37 21.39 10.31
N GLY D 142 -21.35 21.28 11.18
CA GLY D 142 -22.37 22.31 11.35
C GLY D 142 -23.58 22.15 10.48
N THR D 143 -23.56 21.24 9.49
CA THR D 143 -24.73 21.09 8.62
C THR D 143 -25.66 19.94 8.99
N CYS D 144 -25.37 19.18 10.07
CA CYS D 144 -26.30 18.12 10.44
C CYS D 144 -27.66 18.74 10.76
N GLY D 145 -28.73 17.97 10.52
CA GLY D 145 -30.06 18.55 10.64
C GLY D 145 -30.50 19.35 9.43
N SER D 146 -29.62 19.59 8.45
CA SER D 146 -30.10 20.11 7.17
C SER D 146 -31.23 19.22 6.64
N VAL D 147 -32.20 19.86 5.98
CA VAL D 147 -33.49 19.25 5.64
C VAL D 147 -33.57 18.95 4.16
N GLY D 148 -34.11 17.78 3.83
CA GLY D 148 -34.45 17.42 2.47
C GLY D 148 -35.96 17.41 2.30
N TYR D 149 -36.44 17.86 1.13
CA TYR D 149 -37.88 18.01 0.91
C TYR D 149 -38.15 17.78 -0.57
N VAL D 150 -39.43 17.54 -0.86
CA VAL D 150 -39.89 17.48 -2.25
C VAL D 150 -41.33 17.97 -2.24
N SER D 151 -41.70 18.67 -3.29
CA SER D 151 -43.08 19.10 -3.42
C SER D 151 -43.66 18.41 -4.65
N GLU D 152 -44.84 17.78 -4.47
CA GLU D 152 -45.55 17.08 -5.54
C GLU D 152 -47.01 17.52 -5.49
N ASN D 153 -47.53 18.00 -6.61
CA ASN D 153 -48.94 18.40 -6.66
C ASN D 153 -49.29 19.34 -5.50
N ALA D 154 -48.40 20.29 -5.21
CA ALA D 154 -48.62 21.36 -4.23
C ALA D 154 -48.63 20.88 -2.78
N THR D 155 -48.21 19.63 -2.52
CA THR D 155 -47.98 19.07 -1.19
C THR D 155 -46.47 19.05 -0.89
N LEU D 156 -46.08 19.70 0.22
CA LEU D 156 -44.69 19.76 0.68
C LEU D 156 -44.43 18.52 1.54
N TYR D 157 -43.44 17.72 1.17
CA TYR D 157 -43.05 16.56 1.97
C TYR D 157 -41.66 16.81 2.52
N PHE D 158 -41.49 16.63 3.83
CA PHE D 158 -40.15 16.55 4.39
C PHE D 158 -39.68 15.09 4.30
N VAL D 159 -38.49 14.88 3.76
CA VAL D 159 -38.05 13.52 3.42
C VAL D 159 -36.68 13.17 3.99
N TYR D 160 -35.90 14.16 4.43
CA TYR D 160 -34.51 13.87 4.81
C TYR D 160 -34.03 14.82 5.90
N MET D 161 -33.22 14.29 6.82
CA MET D 161 -32.51 15.11 7.80
C MET D 161 -31.09 14.60 7.90
N HIS D 162 -30.10 15.48 7.81
CA HIS D 162 -28.72 14.98 7.61
C HIS D 162 -28.05 14.53 8.92
N HIS D 163 -27.39 13.34 8.91
CA HIS D 163 -26.67 12.86 10.11
C HIS D 163 -25.16 12.67 9.95
N LEU D 164 -24.65 12.15 8.84
CA LEU D 164 -23.24 11.77 8.84
C LEU D 164 -22.68 11.61 7.43
N GLU D 165 -21.33 11.49 7.37
CA GLU D 165 -20.57 11.23 6.17
C GLU D 165 -19.78 9.94 6.34
N LEU D 166 -19.93 9.04 5.37
CA LEU D 166 -19.15 7.77 5.35
C LEU D 166 -17.71 8.02 4.89
N GLY D 167 -16.84 7.02 5.10
CA GLY D 167 -15.45 7.29 4.80
C GLY D 167 -15.14 7.42 3.33
N ASN D 168 -16.04 6.98 2.45
CA ASN D 168 -15.90 7.22 1.02
C ASN D 168 -16.55 8.53 0.57
N GLY D 169 -16.97 9.38 1.52
CA GLY D 169 -17.53 10.67 1.16
C GLY D 169 -19.03 10.68 0.94
N SER D 170 -19.71 9.53 0.96
CA SER D 170 -21.16 9.53 0.73
C SER D 170 -21.91 10.02 1.96
N HIS D 171 -23.09 10.60 1.73
CA HIS D 171 -23.78 11.28 2.82
C HIS D 171 -25.01 10.51 3.25
N VAL D 172 -25.23 10.51 4.56
CA VAL D 172 -26.25 9.68 5.17
C VAL D 172 -27.20 10.49 6.03
N GLY D 173 -28.50 10.21 5.90
CA GLY D 173 -29.45 10.87 6.76
C GLY D 173 -30.63 9.96 7.03
N SER D 174 -31.58 10.52 7.76
CA SER D 174 -32.80 9.78 8.16
C SER D 174 -34.02 10.41 7.51
N ASN D 175 -35.14 9.67 7.51
CA ASN D 175 -36.42 10.31 7.23
C ASN D 175 -36.88 11.03 8.49
N LEU D 176 -38.02 11.70 8.42
CA LEU D 176 -38.42 12.52 9.56
C LEU D 176 -39.08 11.68 10.64
N GLU D 177 -39.25 10.39 10.40
CA GLU D 177 -39.65 9.40 11.40
C GLU D 177 -38.45 8.81 12.12
N GLY D 178 -37.24 9.25 11.81
CA GLY D 178 -36.09 8.78 12.55
C GLY D 178 -35.55 7.44 12.12
N GLU D 179 -35.93 6.97 10.94
CA GLU D 179 -35.28 5.80 10.34
C GLU D 179 -34.16 6.26 9.43
N MET D 180 -32.96 5.77 9.69
CA MET D 180 -31.83 6.10 8.84
C MET D 180 -31.95 5.43 7.47
N TYR D 181 -31.91 6.24 6.41
CA TYR D 181 -31.77 5.66 5.08
C TYR D 181 -30.58 4.69 5.01
N GLY D 182 -30.76 3.57 4.31
CA GLY D 182 -29.70 2.57 4.17
C GLY D 182 -29.39 1.75 5.40
N GLY D 183 -30.00 2.05 6.55
CA GLY D 183 -29.75 1.29 7.78
C GLY D 183 -28.48 1.63 8.52
N TYR D 184 -27.78 2.72 8.15
CA TYR D 184 -26.52 3.09 8.81
C TYR D 184 -26.81 3.57 10.23
N GLU D 185 -25.81 3.45 11.09
CA GLU D 185 -25.94 3.80 12.50
C GLU D 185 -25.39 5.20 12.74
N ASP D 186 -25.97 5.93 13.69
CA ASP D 186 -25.41 7.24 14.03
C ASP D 186 -24.34 7.08 15.09
N GLN D 187 -23.25 6.44 14.67
CA GLN D 187 -22.11 6.14 15.50
C GLN D 187 -20.85 6.45 14.70
N PRO D 188 -19.80 6.91 15.34
CA PRO D 188 -18.53 7.11 14.63
C PRO D 188 -17.76 5.80 14.50
N SER D 189 -18.37 4.84 13.84
CA SER D 189 -17.81 3.49 13.64
C SER D 189 -17.61 3.29 12.15
N MET D 190 -16.67 2.45 11.78
CA MET D 190 -16.48 2.11 10.37
C MET D 190 -17.78 1.55 9.76
N GLN D 191 -18.26 2.13 8.65
CA GLN D 191 -19.41 1.60 7.94
C GLN D 191 -19.20 1.69 6.43
N LEU D 192 -19.23 0.57 5.74
CA LEU D 192 -19.03 0.55 4.30
C LEU D 192 -20.34 0.95 3.63
N GLU D 193 -20.24 1.63 2.48
CA GLU D 193 -21.47 2.00 1.80
C GLU D 193 -22.11 0.79 1.12
N GLY D 194 -21.31 -0.07 0.56
CA GLY D 194 -21.88 -1.02 -0.36
C GLY D 194 -21.61 -0.59 -1.78
N THR D 195 -21.67 -1.55 -2.70
CA THR D 195 -21.40 -1.26 -4.09
C THR D 195 -22.53 -0.38 -4.63
N ASN D 196 -22.17 0.69 -5.34
CA ASN D 196 -23.17 1.62 -5.88
C ASN D 196 -23.77 1.05 -7.17
N VAL D 197 -25.09 0.92 -7.20
CA VAL D 197 -25.78 0.44 -8.40
C VAL D 197 -26.38 1.65 -9.12
N MET D 198 -25.91 1.89 -10.34
CA MET D 198 -26.39 3.07 -11.07
C MET D 198 -27.79 2.81 -11.58
N SER D 199 -28.63 3.84 -11.51
CA SER D 199 -29.98 3.77 -12.07
C SER D 199 -29.91 3.84 -13.59
N SER D 200 -30.31 2.74 -14.22
CA SER D 200 -30.29 2.68 -15.68
C SER D 200 -31.33 3.64 -16.26
N ASP D 201 -32.53 3.71 -15.68
CA ASP D 201 -33.54 4.66 -16.13
C ASP D 201 -32.94 6.06 -16.17
N ASN D 202 -32.21 6.41 -15.12
CA ASN D 202 -31.67 7.76 -14.99
C ASN D 202 -30.56 8.01 -15.99
N VAL D 203 -29.69 7.02 -16.21
CA VAL D 203 -28.60 7.24 -17.15
C VAL D 203 -29.16 7.42 -18.56
N VAL D 204 -30.20 6.64 -18.91
CA VAL D 204 -30.81 6.79 -20.23
C VAL D 204 -31.44 8.18 -20.37
N ALA D 205 -32.09 8.68 -19.31
CA ALA D 205 -32.66 10.03 -19.38
C ALA D 205 -31.57 11.06 -19.61
N PHE D 206 -30.48 10.94 -18.85
CA PHE D 206 -29.33 11.82 -19.00
C PHE D 206 -28.86 11.84 -20.46
N LEU D 207 -28.72 10.66 -21.07
CA LEU D 207 -28.25 10.61 -22.46
C LEU D 207 -29.27 11.27 -23.41
N TYR D 208 -30.59 11.14 -23.15
CA TYR D 208 -31.58 11.79 -23.99
C TYR D 208 -31.45 13.31 -23.91
N ALA D 209 -31.35 13.84 -22.69
CA ALA D 209 -31.01 15.24 -22.47
C ALA D 209 -29.80 15.68 -23.29
N ALA D 210 -28.70 14.92 -23.24
CA ALA D 210 -27.51 15.27 -24.03
C ALA D 210 -27.86 15.38 -25.52
N LEU D 211 -28.58 14.39 -26.05
CA LEU D 211 -28.99 14.40 -27.45
C LEU D 211 -29.79 15.66 -27.77
N ILE D 212 -30.82 15.92 -26.97
CA ILE D 212 -31.65 17.12 -27.17
C ILE D 212 -30.80 18.36 -27.17
N ASN D 213 -29.76 18.39 -26.36
CA ASN D 213 -28.90 19.56 -26.28
C ASN D 213 -27.75 19.52 -27.28
N GLY D 214 -27.83 18.68 -28.30
CA GLY D 214 -26.86 18.71 -29.38
C GLY D 214 -25.58 17.92 -29.21
N GLU D 215 -25.49 17.06 -28.19
CA GLU D 215 -24.34 16.18 -28.01
C GLU D 215 -24.79 14.79 -28.40
N ARG D 216 -24.09 14.19 -29.36
CA ARG D 216 -24.51 12.94 -29.99
C ARG D 216 -23.36 12.00 -30.29
N TRP D 217 -22.11 12.40 -30.01
CA TRP D 217 -20.95 11.56 -30.35
C TRP D 217 -21.04 10.17 -29.76
N PHE D 218 -21.80 9.97 -28.70
CA PHE D 218 -21.84 8.67 -28.02
C PHE D 218 -22.83 7.68 -28.63
N VAL D 219 -23.75 8.11 -29.52
CA VAL D 219 -24.61 7.15 -30.23
C VAL D 219 -23.90 6.76 -31.52
N THR D 220 -23.85 5.45 -31.79
CA THR D 220 -23.24 4.97 -33.01
C THR D 220 -24.30 4.24 -33.84
N ASN D 221 -23.87 3.41 -34.78
CA ASN D 221 -24.80 2.62 -35.57
C ASN D 221 -25.31 1.40 -34.83
N THR D 222 -24.57 0.91 -33.85
CA THR D 222 -24.95 -0.30 -33.15
C THR D 222 -26.01 0.00 -32.10
N SER D 223 -26.73 -1.04 -31.72
CA SER D 223 -27.76 -0.93 -30.70
C SER D 223 -27.73 -2.22 -29.88
N MET D 224 -28.49 -2.23 -28.78
CA MET D 224 -28.53 -3.35 -27.85
C MET D 224 -29.94 -3.53 -27.34
N SER D 225 -30.40 -4.78 -27.29
CA SER D 225 -31.75 -5.12 -26.92
C SER D 225 -31.98 -4.97 -25.41
N LEU D 226 -33.25 -4.76 -25.05
CA LEU D 226 -33.62 -4.60 -23.64
C LEU D 226 -33.17 -5.79 -22.81
N GLU D 227 -33.49 -7.01 -23.26
CA GLU D 227 -33.14 -8.21 -22.50
C GLU D 227 -31.64 -8.44 -22.46
N SER D 228 -30.92 -8.07 -23.52
CA SER D 228 -29.46 -8.21 -23.52
C SER D 228 -28.82 -7.20 -22.55
N TYR D 229 -29.31 -5.96 -22.57
CA TYR D 229 -28.81 -4.96 -21.62
C TYR D 229 -29.08 -5.40 -20.17
N ASN D 230 -30.31 -5.83 -19.86
CA ASN D 230 -30.65 -6.20 -18.49
C ASN D 230 -29.78 -7.36 -17.98
N THR D 231 -29.41 -8.28 -18.87
CA THR D 231 -28.47 -9.34 -18.49
C THR D 231 -27.10 -8.76 -18.17
N TRP D 232 -26.64 -7.80 -18.99
CA TRP D 232 -25.38 -7.11 -18.72
C TRP D 232 -25.47 -6.31 -17.42
N ALA D 233 -26.61 -5.66 -17.18
CA ALA D 233 -26.76 -4.83 -15.98
C ALA D 233 -26.55 -5.63 -14.70
N LYS D 234 -27.09 -6.86 -14.64
CA LYS D 234 -27.06 -7.68 -13.42
C LYS D 234 -25.63 -7.90 -12.93
N THR D 235 -24.65 -7.88 -13.82
CA THR D 235 -23.29 -8.11 -13.38
C THR D 235 -22.39 -6.89 -13.53
N ASN D 236 -22.91 -5.73 -13.95
CA ASN D 236 -22.09 -4.55 -14.10
C ASN D 236 -22.57 -3.37 -13.24
N SER D 237 -23.34 -3.66 -12.18
CA SER D 237 -23.67 -2.68 -11.16
C SER D 237 -24.53 -1.55 -11.75
N PHE D 238 -25.55 -1.95 -12.52
CA PHE D 238 -26.59 -1.07 -13.06
C PHE D 238 -27.93 -1.74 -12.79
N THR D 239 -28.94 -0.92 -12.52
CA THR D 239 -30.27 -1.46 -12.26
C THR D 239 -30.85 -2.05 -13.53
N GLU D 240 -31.90 -2.83 -13.37
CA GLU D 240 -32.52 -3.42 -14.54
C GLU D 240 -33.55 -2.43 -15.08
N LEU D 241 -33.57 -2.27 -16.41
CA LEU D 241 -34.54 -1.43 -17.08
C LEU D 241 -35.84 -2.22 -17.28
N SER D 242 -36.94 -1.75 -16.68
CA SER D 242 -38.17 -2.54 -16.71
C SER D 242 -38.85 -2.51 -18.08
N SER D 243 -38.90 -1.32 -18.71
CA SER D 243 -39.43 -1.20 -20.06
C SER D 243 -38.90 0.08 -20.70
N THR D 244 -38.95 0.12 -22.02
CA THR D 244 -38.57 1.32 -22.75
C THR D 244 -39.70 2.34 -22.81
N ASP D 245 -40.77 2.15 -22.03
CA ASP D 245 -41.98 2.94 -22.21
C ASP D 245 -41.81 4.36 -21.67
N ALA D 246 -40.99 4.54 -20.65
CA ALA D 246 -40.90 5.88 -20.07
C ALA D 246 -40.20 6.85 -21.01
N PHE D 247 -39.59 6.37 -22.09
CA PHE D 247 -38.79 7.23 -22.96
C PHE D 247 -39.43 7.47 -24.33
N SER D 248 -40.67 7.00 -24.54
CA SER D 248 -41.31 7.05 -25.85
C SER D 248 -41.37 8.47 -26.42
N MET D 249 -41.76 9.45 -25.59
CA MET D 249 -41.77 10.80 -26.09
C MET D 249 -40.34 11.29 -26.34
N LEU D 250 -39.39 10.89 -25.48
CA LEU D 250 -38.01 11.27 -25.69
C LEU D 250 -37.42 10.64 -26.94
N ALA D 251 -37.68 9.33 -27.16
CA ALA D 251 -37.19 8.66 -28.36
C ALA D 251 -37.80 9.30 -29.62
N ALA D 252 -39.09 9.63 -29.56
CA ALA D 252 -39.75 10.34 -30.64
C ALA D 252 -39.04 11.64 -30.97
N LYS D 253 -38.71 12.43 -29.97
CA LYS D 253 -38.19 13.76 -30.27
C LYS D 253 -36.73 13.72 -30.72
N THR D 254 -35.96 12.71 -30.33
CA THR D 254 -34.57 12.63 -30.77
C THR D 254 -34.38 11.72 -31.96
N GLY D 255 -35.39 10.90 -32.28
CA GLY D 255 -35.20 9.84 -33.25
C GLY D 255 -34.15 8.84 -32.86
N GLN D 256 -33.96 8.61 -31.55
CA GLN D 256 -33.05 7.59 -31.05
C GLN D 256 -33.84 6.70 -30.11
N SER D 257 -33.90 5.41 -30.41
CA SER D 257 -34.57 4.48 -29.51
C SER D 257 -33.66 4.14 -28.33
N VAL D 258 -34.29 3.64 -27.27
CA VAL D 258 -33.58 3.32 -26.04
C VAL D 258 -32.45 2.34 -26.32
N GLU D 259 -32.71 1.35 -27.15
CA GLU D 259 -31.72 0.34 -27.50
C GLU D 259 -30.44 0.97 -28.04
N LYS D 260 -30.55 2.13 -28.71
CA LYS D 260 -29.38 2.87 -29.15
C LYS D 260 -28.56 3.33 -27.94
N LEU D 261 -29.26 3.81 -26.90
CA LEU D 261 -28.60 4.38 -25.73
C LEU D 261 -28.15 3.29 -24.78
N LEU D 262 -28.87 2.15 -24.73
CA LEU D 262 -28.39 1.00 -23.97
C LEU D 262 -27.02 0.54 -24.49
N ASP D 263 -26.84 0.51 -25.81
CA ASP D 263 -25.51 0.24 -26.35
C ASP D 263 -24.53 1.34 -25.96
N SER D 264 -24.99 2.60 -25.95
CA SER D 264 -24.11 3.70 -25.52
C SER D 264 -23.62 3.49 -24.08
N ILE D 265 -24.55 3.13 -23.18
CA ILE D 265 -24.19 2.91 -21.78
C ILE D 265 -23.08 1.88 -21.67
N VAL D 266 -23.26 0.73 -22.30
CA VAL D 266 -22.24 -0.32 -22.23
C VAL D 266 -20.90 0.17 -22.74
N ARG D 267 -20.90 0.93 -23.83
CA ARG D 267 -19.65 1.45 -24.39
C ARG D 267 -19.05 2.54 -23.51
N LEU D 268 -19.89 3.48 -23.02
CA LEU D 268 -19.41 4.60 -22.21
C LEU D 268 -18.95 4.16 -20.82
N ASN D 269 -19.60 3.14 -20.25
CA ASN D 269 -19.14 2.58 -18.98
C ASN D 269 -17.66 2.17 -19.04
N LYS D 270 -17.17 1.77 -20.22
CA LYS D 270 -15.75 1.43 -20.33
C LYS D 270 -14.86 2.67 -20.39
N GLY D 271 -15.39 3.83 -20.77
CA GLY D 271 -14.65 5.08 -20.83
C GLY D 271 -15.24 6.04 -21.86
N PHE D 272 -14.96 7.34 -21.68
CA PHE D 272 -15.47 8.41 -22.54
C PHE D 272 -14.48 8.78 -23.65
N GLY D 273 -13.30 8.16 -23.68
CA GLY D 273 -12.36 8.42 -24.75
C GLY D 273 -11.92 9.86 -24.86
N GLY D 274 -11.86 10.59 -23.74
CA GLY D 274 -11.44 11.98 -23.75
C GLY D 274 -12.55 12.97 -24.00
N ARG D 275 -13.77 12.50 -24.24
CA ARG D 275 -14.91 13.35 -24.51
C ARG D 275 -15.74 13.55 -23.23
N THR D 276 -16.67 14.50 -23.31
CA THR D 276 -17.58 14.79 -22.21
C THR D 276 -19.01 14.77 -22.72
N ILE D 277 -19.95 14.61 -21.79
CA ILE D 277 -21.39 14.66 -22.05
C ILE D 277 -22.00 15.65 -21.07
N LEU D 278 -22.46 16.79 -21.57
CA LEU D 278 -23.02 17.85 -20.71
C LEU D 278 -22.05 18.25 -19.59
N SER D 279 -20.75 18.22 -19.91
CA SER D 279 -19.58 18.56 -19.11
C SER D 279 -19.08 17.38 -18.23
N TYR D 280 -19.86 16.32 -18.05
CA TYR D 280 -19.44 15.18 -17.25
C TYR D 280 -18.39 14.34 -17.99
N GLY D 281 -17.48 13.72 -17.25
CA GLY D 281 -16.57 12.78 -17.84
C GLY D 281 -16.85 11.32 -17.54
N SER D 282 -17.98 11.04 -16.89
CA SER D 282 -18.43 9.70 -16.60
C SER D 282 -19.96 9.77 -16.56
N LEU D 283 -20.61 8.60 -16.63
CA LEU D 283 -22.08 8.57 -16.68
C LEU D 283 -22.69 9.16 -15.41
N CYS D 284 -23.81 9.85 -15.58
CA CYS D 284 -24.52 10.50 -14.50
C CYS D 284 -25.90 9.87 -14.38
N ASP D 285 -26.24 9.38 -13.17
CA ASP D 285 -27.58 8.82 -12.92
C ASP D 285 -28.39 9.67 -11.95
N GLU D 286 -28.12 10.97 -11.87
CA GLU D 286 -28.78 11.83 -10.89
C GLU D 286 -30.07 12.48 -11.40
N PHE D 287 -30.44 12.29 -12.67
CA PHE D 287 -31.66 12.85 -13.22
C PHE D 287 -32.64 11.73 -13.56
N THR D 288 -33.89 11.83 -13.09
CA THR D 288 -34.92 10.87 -13.50
C THR D 288 -35.53 11.26 -14.86
N PRO D 289 -36.15 10.30 -15.56
CA PRO D 289 -36.82 10.63 -16.83
C PRO D 289 -37.84 11.76 -16.70
N THR D 290 -38.64 11.75 -15.64
CA THR D 290 -39.64 12.79 -15.43
C THR D 290 -38.96 14.16 -15.27
N GLU D 291 -37.88 14.19 -14.49
CA GLU D 291 -37.08 15.39 -14.24
C GLU D 291 -36.55 15.98 -15.54
N VAL D 292 -35.93 15.12 -16.37
CA VAL D 292 -35.40 15.58 -17.65
C VAL D 292 -36.55 16.06 -18.54
N ILE D 293 -37.63 15.28 -18.62
CA ILE D 293 -38.77 15.67 -19.44
C ILE D 293 -39.32 17.03 -18.98
N ARG D 294 -39.52 17.20 -17.68
CA ARG D 294 -40.17 18.43 -17.22
C ARG D 294 -39.26 19.63 -17.40
N GLN D 295 -37.96 19.42 -17.31
CA GLN D 295 -37.05 20.54 -17.45
C GLN D 295 -36.90 20.94 -18.91
N MET D 296 -36.89 19.97 -19.82
CA MET D 296 -36.64 20.21 -21.23
C MET D 296 -37.89 20.58 -22.02
N TYR D 297 -39.08 20.21 -21.54
CA TYR D 297 -40.30 20.45 -22.28
C TYR D 297 -41.40 21.10 -21.46
N GLY D 298 -41.27 21.15 -20.14
CA GLY D 298 -42.26 21.81 -19.32
C GLY D 298 -43.42 20.88 -19.01
C20 A1EPZ E . 1.34 -36.97 -4.34
C20 A1EPZ E . 1.28 -36.94 -4.31
C21 A1EPZ E . -0.13 -37.10 -3.93
C21 A1EPZ E . -0.20 -37.07 -3.95
O5 A1EPZ E . 1.87 -37.90 -4.91
O5 A1EPZ E . 1.83 -37.88 -4.85
F1 A1EPZ E . -0.87 -36.27 -4.63
F1 A1EPZ E . -0.91 -36.24 -4.67
F2 A1EPZ E . -0.35 -36.79 -2.67
F2 A1EPZ E . -0.46 -36.74 -2.69
F3 A1EPZ E . -0.59 -38.33 -4.14
F3 A1EPZ E . -0.65 -38.29 -4.16
N4 A1EPZ E . 1.89 -35.80 -4.04
N4 A1EPZ E . 1.85 -35.78 -3.99
C15 A1EPZ E . 3.31 -35.59 -4.33
C15 A1EPZ E . 3.25 -35.55 -4.28
C16 A1EPZ E . 3.51 -34.50 -5.42
C16 A1EPZ E . 3.44 -34.46 -5.37
C17 A1EPZ E . 2.97 -35.00 -6.76
C17 A1EPZ E . 2.84 -34.95 -6.68
C18 A1EPZ E . 4.99 -34.14 -5.58
C18 A1EPZ E . 4.92 -34.14 -5.58
C19 A1EPZ E . 2.71 -33.25 -5.00
C19 A1EPZ E . 2.70 -33.19 -4.93
C14 A1EPZ E . 4.01 -35.25 -3.02
C14 A1EPZ E . 3.95 -35.22 -2.97
O4 A1EPZ E . 3.60 -34.30 -2.34
O4 A1EPZ E . 3.55 -34.30 -2.27
N3 A1EPZ E . 5.03 -36.02 -2.66
N3 A1EPZ E . 4.98 -36.01 -2.61
C9 A1EPZ E . 5.86 -35.72 -1.52
C9 A1EPZ E . 5.81 -35.70 -1.46
C8 A1EPZ E . 6.70 -34.47 -1.78
C8 A1EPZ E . 6.66 -34.45 -1.73
O3 A1EPZ E . 7.33 -34.33 -2.84
O3 A1EPZ E . 7.25 -34.31 -2.81
C10 A1EPZ E . 6.77 -36.91 -1.20
C10 A1EPZ E . 6.74 -36.87 -1.12
C11 A1EPZ E . 6.04 -38.15 -0.73
C11 A1EPZ E . 6.02 -38.16 -0.78
C13 A1EPZ E . 6.99 -39.35 -0.66
C13 A1EPZ E . 7.01 -39.29 -0.54
C12 A1EPZ E . 5.39 -37.94 0.63
C12 A1EPZ E . 5.12 -38.01 0.43
O1 A1EPZ E . 3.69 -29.84 -0.66
O1 A1EPZ E . 3.62 -29.84 -0.60
C4 A1EPZ E . 4.29 -30.06 -1.73
C4 A1EPZ E . 4.24 -30.04 -1.66
N1 A1EPZ E . 4.11 -29.41 -2.88
N1 A1EPZ E . 4.05 -29.40 -2.82
C1 A1EPZ E . 4.88 -29.94 -3.99
C1 A1EPZ E . 4.81 -29.95 -3.92
C2 A1EPZ E . 6.00 -30.72 -3.29
C2 A1EPZ E . 5.94 -30.70 -3.22
C3 A1EPZ E . 5.35 -31.13 -1.97
C3 A1EPZ E . 5.33 -31.10 -1.88
C5 A1EPZ E . 6.33 -31.18 -0.79
C5 A1EPZ E . 6.34 -31.15 -0.74
C6 A1EPZ E . 7.40 -32.26 -0.91
C6 A1EPZ E . 7.40 -32.25 -0.88
N2 A1EPZ E . 6.75 -33.55 -0.79
N2 A1EPZ E . 6.73 -33.55 -0.75
C7 A1EPZ E . 8.45 -32.08 0.18
C7 A1EPZ E . 8.48 -32.11 0.19
O2 A1EPZ E . 9.37 -31.06 -0.16
O2 A1EPZ E . 9.55 -33.03 -0.06
C20 A1EPZ F . 25.78 23.67 2.19
C20 A1EPZ F . 25.82 23.75 2.19
C21 A1EPZ F . 25.84 22.21 2.63
C21 A1EPZ F . 25.87 22.28 2.61
O5 A1EPZ F . 25.09 24.44 2.83
O5 A1EPZ F . 25.12 24.50 2.85
F1 A1EPZ F . 25.36 21.43 1.68
F1 A1EPZ F . 25.40 21.53 1.63
F2 A1EPZ F . 27.07 21.81 2.90
F2 A1EPZ F . 27.11 21.88 2.87
F3 A1EPZ F . 25.13 22.02 3.73
F3 A1EPZ F . 25.15 22.07 3.70
N4 A1EPZ F . 26.50 23.96 1.10
N4 A1EPZ F . 26.55 24.08 1.13
C15 A1EPZ F . 26.50 25.31 0.56
C15 A1EPZ F . 26.58 25.43 0.59
C16 A1EPZ F . 27.87 26.02 0.70
C16 A1EPZ F . 27.96 26.11 0.74
C17 A1EPZ F . 28.26 26.08 2.18
C17 A1EPZ F . 28.33 26.21 2.22
C18 A1EPZ F . 28.95 25.22 -0.05
C18 A1EPZ F . 29.01 25.24 0.03
C19 A1EPZ F . 27.85 27.44 0.13
C19 A1EPZ F . 27.98 27.51 0.11
C14 A1EPZ F . 25.98 25.26 -0.88
C14 A1EPZ F . 26.08 25.44 -0.84
O4 A1EPZ F . 26.50 24.51 -1.73
O4 A1EPZ F . 26.59 24.72 -1.72
N3 A1EPZ F . 24.91 26.01 -1.15
N3 A1EPZ F . 25.02 26.22 -1.09
C9 A1EPZ F . 24.45 26.20 -2.51
C9 A1EPZ F . 24.55 26.40 -2.45
C8 A1EPZ F . 25.47 27.03 -3.30
C8 A1EPZ F . 25.55 27.21 -3.28
O3 A1EPZ F . 25.93 28.08 -2.82
O3 A1EPZ F . 25.98 28.31 -2.87
C10 A1EPZ F . 23.10 26.91 -2.52
C10 A1EPZ F . 23.17 27.06 -2.46
C11 A1EPZ F . 21.99 26.08 -1.89
C11 A1EPZ F . 22.08 26.22 -1.82
C13 A1EPZ F . 20.75 26.93 -1.66
C13 A1EPZ F . 20.80 27.04 -1.69
C12 A1EPZ F . 21.65 24.87 -2.74
C12 A1EPZ F . 21.80 24.93 -2.56
O1 A1EPZ F . 29.59 23.75 -5.16
O1 A1EPZ F . 29.79 23.99 -5.17
C4 A1EPZ F . 29.78 24.82 -4.59
C4 A1EPZ F . 29.94 25.03 -4.54
N1 A1EPZ F . 30.90 25.25 -4.03
N1 A1EPZ F . 31.06 25.48 -3.99
C1 A1EPZ F . 30.72 26.45 -3.21
C1 A1EPZ F . 30.85 26.66 -3.16
C2 A1EPZ F . 29.49 27.09 -3.84
C2 A1EPZ F . 29.58 27.26 -3.75
C3 A1EPZ F . 28.70 25.87 -4.34
C3 A1EPZ F . 28.82 26.04 -4.25
C5 A1EPZ F . 27.90 26.15 -5.62
C5 A1EPZ F . 28.03 26.25 -5.54
C6 A1EPZ F . 26.82 27.19 -5.36
C6 A1EPZ F . 26.91 27.27 -5.35
N2 A1EPZ F . 25.79 26.58 -4.51
N2 A1EPZ F . 25.90 26.69 -4.46
C7 A1EPZ F . 26.20 27.66 -6.67
C7 A1EPZ F . 26.29 27.63 -6.69
O2 A1EPZ F . 25.28 28.73 -6.49
O2 A1EPZ F . 27.13 28.50 -7.42
C20 A1EPZ G . -8.39 10.16 11.97
C20 A1EPZ G . -8.42 10.13 12.05
C21 A1EPZ G . -8.51 10.36 10.45
C21 A1EPZ G . -8.48 10.34 10.54
O5 A1EPZ G . -8.63 11.10 12.68
O5 A1EPZ G . -8.70 11.07 12.77
F1 A1EPZ G . -9.53 9.70 9.94
F1 A1EPZ G . -9.52 9.72 10.01
F2 A1EPZ G . -7.45 9.98 9.75
F2 A1EPZ G . -7.43 9.93 9.85
F3 A1EPZ G . -8.70 11.65 10.23
F3 A1EPZ G . -8.61 11.65 10.30
N4 A1EPZ G . -8.10 8.92 12.37
N4 A1EPZ G . -8.11 8.90 12.47
C15 A1EPZ G . -7.98 8.69 13.80
C15 A1EPZ G . -8.01 8.66 13.90
C16 A1EPZ G . -8.97 7.61 14.32
C16 A1EPZ G . -8.99 7.55 14.39
C17 A1EPZ G . -8.85 6.27 13.58
C17 A1EPZ G . -8.88 6.26 13.59
C18 A1EPZ G . -8.72 7.36 15.81
C18 A1EPZ G . -8.69 7.25 15.87
C19 A1EPZ G . -10.40 8.14 14.15
C19 A1EPZ G . -10.43 8.08 14.29
C14 A1EPZ G . -6.53 8.29 14.03
C14 A1EPZ G . -6.56 8.28 14.14
O4 A1EPZ G . -6.03 7.41 13.37
O4 A1EPZ G . -6.06 7.39 13.45
N3 A1EPZ G . -5.84 9.02 14.93
N3 A1EPZ G . -5.87 8.98 15.05
C9 A1EPZ G . -4.47 8.67 15.26
C9 A1EPZ G . -4.49 8.64 15.35
C8 A1EPZ G . -4.49 7.39 16.09
C8 A1EPZ G . -4.47 7.38 16.20
O3 A1EPZ G . -5.25 7.30 17.05
O3 A1EPZ G . -5.18 7.30 17.20
C10 A1EPZ G . -3.86 9.82 16.05
C10 A1EPZ G . -3.85 9.82 16.08
C11 A1EPZ G . -3.75 11.12 15.27
C11 A1EPZ G . -3.71 11.09 15.24
C13 A1EPZ G . -3.25 12.24 16.16
C13 A1EPZ G . -3.27 12.26 16.10
C12 A1EPZ G . -2.79 10.90 14.10
C12 A1EPZ G . -2.71 10.83 14.13
O1 A1EPZ G . -4.73 2.85 12.69
O1 A1EPZ G . -4.76 2.92 12.80
C4 A1EPZ G . -5.52 3.08 13.62
C4 A1EPZ G . -5.55 3.08 13.74
N1 A1EPZ G . -6.73 2.52 13.77
N1 A1EPZ G . -6.74 2.47 13.89
C1 A1EPZ G . -7.49 3.04 14.91
C1 A1EPZ G . -7.50 2.95 15.05
C2 A1EPZ G . -6.40 3.65 15.77
C2 A1EPZ G . -6.43 3.60 15.91
C3 A1EPZ G . -5.32 4.05 14.77
C3 A1EPZ G . -5.37 4.04 14.91
C5 A1EPZ G . -3.92 4.02 15.40
C5 A1EPZ G . -3.95 4.03 15.49
C6 A1EPZ G . -3.64 5.12 16.43
C6 A1EPZ G . -3.61 5.10 16.52
N2 A1EPZ G . -3.65 6.41 15.75
N2 A1EPZ G . -3.62 6.40 15.85
C7 A1EPZ G . -2.27 4.96 17.06
C7 A1EPZ G . -2.22 4.89 17.12
O2 A1EPZ G . -2.05 5.85 18.15
O2 A1EPZ G . -2.16 3.68 17.84
C20 A1EPZ H . -18.03 8.67 10.74
C20 A1EPZ H . -18.09 8.67 10.72
C21 A1EPZ H . -18.42 7.44 9.92
C21 A1EPZ H . -18.55 7.46 9.91
O5 A1EPZ H . -17.47 8.48 11.80
O5 A1EPZ H . -17.53 8.47 11.78
F1 A1EPZ H . -17.92 7.46 8.70
F1 A1EPZ H . -18.02 7.41 8.71
F2 A1EPZ H . -19.72 7.24 9.80
F2 A1EPZ H . -19.84 7.36 9.75
F3 A1EPZ H . -17.97 6.37 10.55
F3 A1EPZ H . -18.21 6.37 10.58
N4 A1EPZ H . -18.28 9.84 10.16
N4 A1EPZ H . -18.30 9.85 10.15
C15 A1EPZ H . -18.13 11.04 10.95
C15 A1EPZ H . -18.12 11.05 10.94
C16 A1EPZ H . -17.05 12.01 10.41
C16 A1EPZ H . -17.04 12.02 10.37
C17 A1EPZ H . -17.01 13.28 11.26
C17 A1EPZ H . -17.01 13.31 11.21
C18 A1EPZ H . -17.26 12.40 8.94
C18 A1EPZ H . -17.27 12.39 8.90
C19 A1EPZ H . -15.72 11.27 10.53
C19 A1EPZ H . -15.70 11.30 10.51
C14 A1EPZ H . -19.51 11.68 11.08
C14 A1EPZ H . -19.48 11.71 11.10
O4 A1EPZ H . -20.16 11.96 10.07
O4 A1EPZ H . -20.15 11.97 10.10
N3 A1EPZ H . -19.96 11.85 12.32
N3 A1EPZ H . -19.90 11.93 12.35
C9 A1EPZ H . -21.24 12.50 12.58
C9 A1EPZ H . -21.17 12.58 12.64
C8 A1EPZ H . -21.08 13.97 12.25
C8 A1EPZ H . -21.05 14.06 12.31
O3 A1EPZ H . -20.14 14.61 12.71
O3 A1EPZ H . -20.11 14.71 12.75
C10 A1EPZ H . -21.66 12.26 14.03
C10 A1EPZ H . -21.55 12.35 14.10
C11 A1EPZ H . -21.81 10.80 14.40
C11 A1EPZ H . -21.71 10.87 14.47
C13 A1EPZ H . -22.80 10.16 13.44
C13 A1EPZ H . -22.64 10.22 13.48
C12 A1EPZ H . -22.23 10.58 15.84
C12 A1EPZ H . -22.21 10.67 15.90
O1 A1EPZ H . -21.71 14.97 6.68
O1 A1EPZ H . -21.63 15.02 6.79
C4 A1EPZ H . -20.75 15.34 7.35
C4 A1EPZ H . -20.66 15.40 7.45
N1 A1EPZ H . -19.55 15.71 6.87
N1 A1EPZ H . -19.49 15.80 6.95
C1 A1EPZ H . -18.56 15.94 7.91
C1 A1EPZ H . -18.48 16.06 7.97
C2 A1EPZ H . -19.42 16.18 9.15
C2 A1EPZ H . -19.31 16.25 9.23
C3 A1EPZ H . -20.70 15.40 8.87
C3 A1EPZ H . -20.59 15.45 8.96
C5 A1EPZ H . -21.97 16.00 9.50
C5 A1EPZ H . -21.88 16.05 9.55
C6 A1EPZ H . -21.96 15.92 11.03
C6 A1EPZ H . -21.95 16.00 11.07
N2 A1EPZ H . -22.02 14.52 11.45
N2 A1EPZ H . -22.01 14.61 11.52
C7 A1EPZ H . -23.14 16.67 11.64
C7 A1EPZ H . -23.17 16.77 11.59
O2 A1EPZ H . -23.00 16.82 13.05
O2 A1EPZ H . -23.01 18.18 11.37
#